data_8U43
#
_entry.id   8U43
#
_cell.length_a   1.00
_cell.length_b   1.00
_cell.length_c   1.00
_cell.angle_alpha   90.00
_cell.angle_beta   90.00
_cell.angle_gamma   90.00
#
_symmetry.space_group_name_H-M   'P 1'
#
loop_
_entity.id
_entity.type
_entity.pdbx_description
1 polymer 'Transient receptor potential cation channel subfamily V member 1'
2 non-polymer '(2S)-2-[(9,10-dibromooctadecanoyl)oxy]-3-{[(S)-hydroxy{[(1R,2R,3S,4R,5R,6S)-2,3,6-trihydroxy-4,5-bis(phosphonooxy)cyclohexyl]oxy}phosphoryl]oxy}propyl (9R,10S)-9,10-dibromooctadecanoate'
3 non-polymer 1,2-DIOLEOYL-SN-GLYCERO-3-PHOSPHOCHOLINE
4 non-polymer 'SODIUM ION'
5 water water
#
_entity_poly.entity_id   1
_entity_poly.type   'polypeptide(L)'
_entity_poly.pdbx_seq_one_letter_code
;MGSRLYDRRSIFDAVAQSNCQELESLLPFLQRSKKRLTDSEFKDPETGKTCLLKAMLNLHNGQNDTIALLLDVARKTDSL
KQFVNASYTDSYYKGQTALHIAIERRNMTLVTLLVENGADVQAAANGDFFKKTKGRPGFYFGELPLSLAACTNQLAIVKF
LLQNSWQPADISARDSVGNTVLHALVEVADNTVDNTKFVTSMYNEILILGAKLHPTLKLEEITNRKGLTPLALAASSGKI
GVLAYILQREIHEPECRHLSRKFTEWAYGPVHSSLYDLSCIDTCEKNSVLEVIAYSSSETPNRHDMLLVEPLNRLLQDKW
DRFVKRIFYFNFFVYCLYMIIFTAAAYYRPVEGLPPYKLKNTVGDYFRVTGEILSVSGGVYFFFRGIQYFLQRRPSLKSL
FVDSYSEILFFVQSLFMLVSVVLYFSQRKEYVASMVFSLAMGWTNMLYYTRGFQQMGIYAVMIEKMILRDLCRFMFVYLV
FLFGFSTAVVTLIEDGKYNSLYSTCLELFKFTIGMGDLEFTENYDFKAVFIILLLAYVILTYILLLNMLIALMGETVNKI
AQESKNIWKLQRAITILDTEKSFLKCMRKAFRSGKLLQVGFTPDGKDDYRWCFRVDEVNWTTWNTNVGIINEDPG
;
_entity_poly.pdbx_strand_id   A,B,C,D
#
loop_
_chem_comp.id
_chem_comp.type
_chem_comp.name
_chem_comp.formula
NA non-polymer 'SODIUM ION' 'Na 1'
PCW non-polymer 1,2-DIOLEOYL-SN-GLYCERO-3-PHOSPHOCHOLINE 'C44 H85 N O8 P 1'
V5H non-polymer '(2S)-2-[(9,10-dibromooctadecanoyl)oxy]-3-{[(S)-hydroxy{[(1R,2R,3S,4R,5R,6S)-2,3,6-trihydroxy-4,5-bis(phosphonooxy)cyclohexyl]oxy}phosphoryl]oxy}propyl (9R,10S)-9,10-dibromooctadecanoate' 'C45 H85 Br4 O19 P3'
#
# COMPACT_ATOMS: atom_id res chain seq x y z
N LEU A 80 -64.45 30.05 12.84
CA LEU A 80 -63.05 29.57 12.93
C LEU A 80 -62.98 28.10 12.52
N LYS A 81 -63.70 27.25 13.26
CA LYS A 81 -63.73 25.83 12.94
C LYS A 81 -64.33 25.60 11.57
N GLN A 82 -63.82 24.60 10.87
CA GLN A 82 -64.15 24.24 9.50
C GLN A 82 -63.50 25.18 8.50
N PHE A 83 -62.83 26.24 8.95
CA PHE A 83 -62.05 27.13 8.10
C PHE A 83 -60.57 27.08 8.40
N VAL A 84 -60.17 27.11 9.68
CA VAL A 84 -58.79 26.88 10.07
C VAL A 84 -58.46 25.41 10.15
N ASN A 85 -59.45 24.53 10.03
CA ASN A 85 -59.24 23.09 10.05
C ASN A 85 -59.44 22.44 8.69
N ALA A 86 -59.65 23.24 7.64
CA ALA A 86 -59.84 22.67 6.31
C ALA A 86 -58.58 21.91 5.88
N SER A 87 -58.80 20.78 5.22
CA SER A 87 -57.70 19.90 4.82
C SER A 87 -57.90 19.45 3.38
N TYR A 88 -56.78 19.12 2.74
CA TYR A 88 -56.82 18.64 1.36
C TYR A 88 -57.62 17.35 1.28
N THR A 89 -58.35 17.19 0.17
CA THR A 89 -59.14 15.99 -0.07
C THR A 89 -58.53 15.05 -1.09
N ASP A 90 -57.51 15.49 -1.84
CA ASP A 90 -56.86 14.63 -2.81
C ASP A 90 -56.12 13.49 -2.10
N SER A 91 -56.16 12.31 -2.69
CA SER A 91 -55.50 11.16 -2.09
C SER A 91 -54.00 11.38 -1.97
N TYR A 92 -53.43 12.26 -2.80
CA TYR A 92 -52.01 12.54 -2.72
C TYR A 92 -51.68 13.37 -1.48
N TYR A 93 -52.47 14.42 -1.22
CA TYR A 93 -52.25 15.30 -0.08
C TYR A 93 -53.33 15.15 0.99
N LYS A 94 -54.03 14.03 1.01
CA LYS A 94 -55.14 13.86 1.95
C LYS A 94 -54.65 14.06 3.38
N GLY A 95 -55.40 14.86 4.14
CA GLY A 95 -55.12 15.07 5.54
C GLY A 95 -54.27 16.29 5.86
N GLN A 96 -53.62 16.90 4.87
CA GLN A 96 -52.79 18.06 5.14
C GLN A 96 -53.65 19.21 5.66
N THR A 97 -53.09 19.97 6.60
CA THR A 97 -53.80 21.06 7.24
C THR A 97 -52.87 22.28 7.31
N ALA A 98 -53.49 23.46 7.46
CA ALA A 98 -52.71 24.69 7.53
C ALA A 98 -51.67 24.64 8.64
N LEU A 99 -51.95 23.90 9.71
CA LEU A 99 -50.97 23.75 10.78
C LEU A 99 -49.71 23.05 10.27
N HIS A 100 -49.87 22.02 9.45
CA HIS A 100 -48.72 21.35 8.87
C HIS A 100 -47.89 22.31 8.02
N ILE A 101 -48.55 23.12 7.20
CA ILE A 101 -47.84 24.08 6.36
C ILE A 101 -47.10 25.09 7.22
N ALA A 102 -47.75 25.58 8.28
CA ALA A 102 -47.09 26.55 9.15
C ALA A 102 -45.87 25.94 9.83
N ILE A 103 -45.99 24.69 10.28
CA ILE A 103 -44.85 24.03 10.92
C ILE A 103 -43.71 23.85 9.93
N GLU A 104 -44.03 23.43 8.70
CA GLU A 104 -42.98 23.17 7.72
C GLU A 104 -42.17 24.42 7.41
N ARG A 105 -42.82 25.56 7.26
CA ARG A 105 -42.15 26.80 6.89
C ARG A 105 -41.30 27.36 8.01
N ARG A 106 -41.33 26.76 9.20
CA ARG A 106 -40.51 27.20 10.34
C ARG A 106 -40.94 28.59 10.82
N ASN A 107 -42.24 28.77 10.97
CA ASN A 107 -42.84 30.03 11.41
C ASN A 107 -43.48 29.80 12.78
N MET A 108 -42.84 30.30 13.83
CA MET A 108 -43.38 30.13 15.18
C MET A 108 -44.62 30.97 15.39
N THR A 109 -44.59 32.23 14.94
CA THR A 109 -45.72 33.13 15.17
C THR A 109 -46.97 32.62 14.48
N LEU A 110 -46.84 32.15 13.24
CA LEU A 110 -48.01 31.61 12.53
C LEU A 110 -48.56 30.38 13.25
N VAL A 111 -47.67 29.52 13.74
CA VAL A 111 -48.12 28.32 14.44
C VAL A 111 -48.89 28.69 15.70
N THR A 112 -48.35 29.64 16.47
CA THR A 112 -49.05 30.08 17.68
C THR A 112 -50.40 30.69 17.33
N LEU A 113 -50.46 31.52 16.29
CA LEU A 113 -51.73 32.13 15.90
C LEU A 113 -52.74 31.08 15.51
N LEU A 114 -52.32 30.09 14.72
CA LEU A 114 -53.24 29.03 14.30
C LEU A 114 -53.72 28.21 15.48
N VAL A 115 -52.82 27.90 16.42
CA VAL A 115 -53.21 27.11 17.59
C VAL A 115 -54.18 27.90 18.45
N GLU A 116 -54.01 29.22 18.53
CA GLU A 116 -54.91 30.03 19.34
C GLU A 116 -56.34 29.94 18.85
N ASN A 117 -56.54 29.93 17.53
CA ASN A 117 -57.87 29.91 16.94
C ASN A 117 -58.50 28.52 16.89
N GLY A 118 -57.98 27.57 17.67
CA GLY A 118 -58.58 26.25 17.75
C GLY A 118 -58.06 25.23 16.76
N ALA A 119 -56.90 25.47 16.15
CA ALA A 119 -56.34 24.50 15.22
C ALA A 119 -56.12 23.17 15.93
N ASP A 120 -56.54 22.08 15.30
CA ASP A 120 -56.43 20.76 15.88
C ASP A 120 -54.99 20.25 15.74
N VAL A 121 -54.41 19.79 16.85
CA VAL A 121 -53.03 19.31 16.84
C VAL A 121 -52.93 17.81 16.62
N GLN A 122 -54.05 17.10 16.51
CA GLN A 122 -54.05 15.67 16.25
C GLN A 122 -54.41 15.35 14.80
N ALA A 123 -54.39 16.34 13.91
CA ALA A 123 -54.68 16.09 12.52
C ALA A 123 -53.61 15.18 11.91
N ALA A 124 -54.05 14.20 11.12
CA ALA A 124 -53.17 13.22 10.50
C ALA A 124 -53.12 13.46 9.00
N ALA A 125 -51.91 13.56 8.47
CA ALA A 125 -51.69 13.73 7.03
C ALA A 125 -51.49 12.34 6.43
N ASN A 126 -52.55 11.80 5.84
CA ASN A 126 -52.56 10.44 5.31
C ASN A 126 -52.32 10.39 3.81
N GLY A 127 -51.94 11.52 3.20
CA GLY A 127 -51.77 11.54 1.76
C GLY A 127 -50.64 10.64 1.30
N ASP A 128 -50.74 10.20 0.05
CA ASP A 128 -49.73 9.31 -0.52
C ASP A 128 -48.37 9.99 -0.57
N PHE A 129 -48.34 11.32 -0.72
CA PHE A 129 -47.07 12.03 -0.72
C PHE A 129 -46.35 11.90 0.60
N PHE A 130 -47.06 11.55 1.67
CA PHE A 130 -46.50 11.43 3.01
C PHE A 130 -46.18 9.99 3.38
N LYS A 131 -46.21 9.07 2.41
CA LYS A 131 -45.85 7.69 2.67
C LYS A 131 -44.34 7.52 2.64
N LYS A 132 -43.88 6.40 3.20
CA LYS A 132 -42.43 6.17 3.34
C LYS A 132 -41.74 6.15 1.99
N THR A 133 -42.10 5.21 1.12
CA THR A 133 -41.40 5.03 -0.15
C THR A 133 -42.33 4.83 -1.35
N LYS A 134 -43.57 4.39 -1.16
CA LYS A 134 -44.45 4.11 -2.28
C LYS A 134 -44.57 5.35 -3.16
N GLY A 135 -44.06 5.28 -4.38
CA GLY A 135 -43.90 6.46 -5.20
C GLY A 135 -42.56 7.12 -4.92
N ARG A 136 -41.77 7.38 -5.97
CA ARG A 136 -40.43 7.91 -5.77
C ARG A 136 -40.40 9.18 -4.94
N PRO A 137 -41.21 10.19 -5.21
CA PRO A 137 -41.21 11.39 -4.37
C PRO A 137 -42.03 11.18 -3.10
N GLY A 138 -41.69 11.97 -2.09
CA GLY A 138 -42.39 11.96 -0.82
C GLY A 138 -41.43 12.11 0.34
N PHE A 139 -41.98 12.51 1.49
CA PHE A 139 -41.22 12.66 2.73
C PHE A 139 -42.10 12.20 3.88
N TYR A 140 -41.70 11.10 4.52
CA TYR A 140 -42.46 10.55 5.64
C TYR A 140 -41.93 11.13 6.94
N PHE A 141 -42.84 11.57 7.80
CA PHE A 141 -42.44 12.17 9.07
C PHE A 141 -43.33 11.75 10.24
N GLY A 142 -44.22 10.77 10.05
CA GLY A 142 -45.09 10.31 11.11
C GLY A 142 -46.53 10.75 11.00
N GLU A 143 -46.82 11.70 10.11
CA GLU A 143 -48.17 12.17 9.77
C GLU A 143 -48.76 13.12 10.82
N LEU A 144 -48.10 13.36 11.94
CA LEU A 144 -48.65 14.23 12.96
C LEU A 144 -47.83 15.51 13.08
N PRO A 145 -48.46 16.64 13.46
CA PRO A 145 -47.69 17.89 13.58
C PRO A 145 -46.54 17.79 14.57
N LEU A 146 -46.73 17.09 15.69
CA LEU A 146 -45.63 16.92 16.63
C LEU A 146 -44.49 16.11 16.00
N SER A 147 -44.84 15.01 15.32
CA SER A 147 -43.81 14.24 14.63
C SER A 147 -43.15 15.06 13.52
N LEU A 148 -43.95 15.86 12.80
CA LEU A 148 -43.39 16.71 11.76
C LEU A 148 -42.38 17.69 12.33
N ALA A 149 -42.73 18.33 13.45
CA ALA A 149 -41.82 19.29 14.06
C ALA A 149 -40.57 18.61 14.60
N ALA A 150 -40.73 17.42 15.19
CA ALA A 150 -39.57 16.70 15.73
C ALA A 150 -38.63 16.28 14.61
N CYS A 151 -39.16 15.74 13.52
CA CYS A 151 -38.35 15.26 12.41
C CYS A 151 -37.73 16.38 11.59
N THR A 152 -38.14 17.63 11.81
CA THR A 152 -37.60 18.76 11.09
C THR A 152 -36.67 19.62 11.95
N ASN A 153 -36.33 19.17 13.15
CA ASN A 153 -35.36 19.86 14.01
C ASN A 153 -35.87 21.23 14.43
N GLN A 154 -37.08 21.26 14.99
CA GLN A 154 -37.69 22.47 15.53
C GLN A 154 -38.03 22.20 16.99
N LEU A 155 -37.06 22.43 17.87
CA LEU A 155 -37.26 22.15 19.29
C LEU A 155 -38.29 23.08 19.91
N ALA A 156 -38.23 24.37 19.56
CA ALA A 156 -39.15 25.34 20.17
C ALA A 156 -40.60 25.03 19.82
N ILE A 157 -40.86 24.68 18.56
CA ILE A 157 -42.23 24.37 18.16
C ILE A 157 -42.70 23.10 18.86
N VAL A 158 -41.81 22.12 19.01
CA VAL A 158 -42.17 20.88 19.70
C VAL A 158 -42.56 21.18 21.14
N LYS A 159 -41.73 21.98 21.83
CA LYS A 159 -42.03 22.33 23.21
C LYS A 159 -43.35 23.09 23.31
N PHE A 160 -43.58 24.04 22.40
CA PHE A 160 -44.83 24.80 22.43
C PHE A 160 -46.03 23.89 22.25
N LEU A 161 -45.97 22.99 21.27
CA LEU A 161 -47.06 22.06 21.06
C LEU A 161 -47.27 21.16 22.28
N LEU A 162 -46.18 20.82 22.97
CA LEU A 162 -46.32 19.91 24.12
C LEU A 162 -46.92 20.60 25.32
N GLN A 163 -46.58 21.87 25.55
CA GLN A 163 -46.99 22.57 26.77
C GLN A 163 -47.66 23.90 26.42
N ASN A 164 -48.66 23.84 25.53
CA ASN A 164 -49.48 25.01 25.17
C ASN A 164 -50.66 24.99 26.11
N SER A 165 -51.26 26.16 26.36
CA SER A 165 -52.41 26.29 27.24
C SER A 165 -53.74 26.07 26.53
N TRP A 166 -53.73 25.95 25.20
CA TRP A 166 -54.97 25.81 24.43
C TRP A 166 -55.30 24.35 24.16
N GLN A 167 -54.37 23.61 23.55
CA GLN A 167 -54.59 22.19 23.25
C GLN A 167 -53.25 21.49 23.27
N PRO A 168 -52.81 21.00 24.43
CA PRO A 168 -51.53 20.28 24.49
C PRO A 168 -51.54 19.04 23.61
N ALA A 169 -50.39 18.78 23.00
CA ALA A 169 -50.25 17.63 22.11
C ALA A 169 -50.09 16.34 22.91
N ASP A 170 -50.56 15.24 22.32
CA ASP A 170 -50.46 13.93 22.93
C ASP A 170 -49.11 13.33 22.58
N ILE A 171 -48.28 13.07 23.61
CA ILE A 171 -46.93 12.58 23.37
C ILE A 171 -46.93 11.09 23.03
N SER A 172 -47.98 10.36 23.40
CA SER A 172 -48.04 8.93 23.15
C SER A 172 -48.89 8.57 21.93
N ALA A 173 -49.26 9.56 21.12
CA ALA A 173 -50.09 9.30 19.95
C ALA A 173 -49.33 8.46 18.93
N ARG A 174 -50.07 7.61 18.22
CA ARG A 174 -49.53 6.76 17.19
C ARG A 174 -50.19 7.09 15.85
N ASP A 175 -49.43 6.92 14.78
CA ASP A 175 -49.92 7.18 13.43
C ASP A 175 -50.65 5.95 12.91
N SER A 176 -50.93 5.93 11.60
CA SER A 176 -51.66 4.81 11.02
C SER A 176 -50.89 3.51 11.19
N VAL A 177 -49.57 3.53 10.98
CA VAL A 177 -48.75 2.33 11.08
C VAL A 177 -48.32 2.11 12.52
N GLY A 178 -48.84 2.91 13.45
CA GLY A 178 -48.56 2.74 14.85
C GLY A 178 -47.29 3.38 15.34
N ASN A 179 -46.61 4.17 14.51
CA ASN A 179 -45.36 4.79 14.90
C ASN A 179 -45.60 6.06 15.68
N THR A 180 -44.96 6.18 16.84
CA THR A 180 -45.02 7.38 17.65
C THR A 180 -43.94 8.36 17.18
N VAL A 181 -43.72 9.42 17.96
CA VAL A 181 -42.72 10.41 17.57
C VAL A 181 -41.32 9.80 17.59
N LEU A 182 -41.05 8.92 18.56
CA LEU A 182 -39.74 8.27 18.61
C LEU A 182 -39.55 7.30 17.45
N HIS A 183 -40.61 6.57 17.08
CA HIS A 183 -40.54 5.71 15.92
C HIS A 183 -40.22 6.51 14.66
N ALA A 184 -40.87 7.65 14.48
CA ALA A 184 -40.59 8.50 13.32
C ALA A 184 -39.16 9.03 13.36
N LEU A 185 -38.69 9.41 14.55
CA LEU A 185 -37.32 9.90 14.67
C LEU A 185 -36.32 8.81 14.27
N VAL A 186 -36.60 7.57 14.65
CA VAL A 186 -35.74 6.46 14.22
C VAL A 186 -35.86 6.26 12.72
N GLU A 187 -37.06 6.43 12.17
CA GLU A 187 -37.27 6.20 10.74
C GLU A 187 -36.52 7.21 9.89
N VAL A 188 -36.44 8.46 10.35
CA VAL A 188 -35.76 9.50 9.55
C VAL A 188 -34.25 9.46 9.70
N ALA A 189 -33.72 8.64 10.60
CA ALA A 189 -32.27 8.53 10.75
C ALA A 189 -31.67 7.86 9.52
N ASP A 190 -30.49 8.33 9.10
CA ASP A 190 -29.85 7.81 7.90
C ASP A 190 -28.35 7.60 8.07
N ASN A 191 -27.83 7.64 9.29
CA ASN A 191 -26.44 7.26 9.58
C ASN A 191 -25.43 8.28 9.04
N THR A 192 -25.74 9.56 9.12
CA THR A 192 -24.79 10.62 8.82
C THR A 192 -24.59 11.48 10.06
N VAL A 193 -23.46 12.17 10.11
CA VAL A 193 -23.03 12.83 11.34
C VAL A 193 -24.06 13.88 11.77
N ASP A 194 -24.42 14.78 10.85
CA ASP A 194 -25.35 15.85 11.20
C ASP A 194 -26.73 15.29 11.51
N ASN A 195 -27.22 14.37 10.67
CA ASN A 195 -28.52 13.76 10.92
C ASN A 195 -28.50 12.97 12.22
N THR A 196 -27.42 12.25 12.50
CA THR A 196 -27.33 11.49 13.74
C THR A 196 -27.39 12.41 14.95
N LYS A 197 -26.62 13.51 14.91
CA LYS A 197 -26.63 14.45 16.03
C LYS A 197 -28.02 15.03 16.23
N PHE A 198 -28.66 15.55 15.19
CA PHE A 198 -30.04 16.07 15.26
C PHE A 198 -30.89 14.97 15.88
N VAL A 199 -31.01 13.78 15.28
CA VAL A 199 -31.95 12.78 15.79
C VAL A 199 -31.71 12.40 17.24
N THR A 200 -30.46 12.19 17.64
CA THR A 200 -30.18 11.82 19.03
C THR A 200 -30.57 12.96 19.98
N SER A 201 -30.24 14.20 19.63
CA SER A 201 -30.59 15.33 20.49
C SER A 201 -32.09 15.44 20.63
N MET A 202 -32.84 15.33 19.53
CA MET A 202 -34.28 15.44 19.60
C MET A 202 -34.88 14.29 20.39
N TYR A 203 -34.35 13.08 20.22
CA TYR A 203 -34.80 11.93 20.99
C TYR A 203 -34.64 12.20 22.49
N ASN A 204 -33.47 12.70 22.88
CA ASN A 204 -33.22 12.97 24.29
C ASN A 204 -34.18 14.03 24.82
N GLU A 205 -34.38 15.12 24.06
CA GLU A 205 -35.26 16.18 24.52
C GLU A 205 -36.69 15.69 24.67
N ILE A 206 -37.18 14.91 23.71
CA ILE A 206 -38.54 14.38 23.80
C ILE A 206 -38.67 13.46 25.00
N LEU A 207 -37.66 12.61 25.24
CA LEU A 207 -37.73 11.70 26.38
C LEU A 207 -37.80 12.48 27.69
N ILE A 208 -36.96 13.51 27.83
CA ILE A 208 -36.93 14.28 29.06
C ILE A 208 -38.27 15.02 29.26
N LEU A 209 -38.79 15.62 28.19
CA LEU A 209 -40.06 16.34 28.31
C LEU A 209 -41.19 15.40 28.68
N GLY A 210 -41.24 14.22 28.06
CA GLY A 210 -42.26 13.26 28.40
C GLY A 210 -42.17 12.79 29.85
N ALA A 211 -40.94 12.56 30.33
CA ALA A 211 -40.77 12.19 31.73
C ALA A 211 -41.24 13.29 32.66
N LYS A 212 -40.92 14.55 32.32
CA LYS A 212 -41.35 15.67 33.16
C LYS A 212 -42.86 15.79 33.20
N LEU A 213 -43.51 15.71 32.03
CA LEU A 213 -44.95 15.92 31.97
C LEU A 213 -45.71 14.73 32.53
N HIS A 214 -45.32 13.51 32.15
CA HIS A 214 -45.99 12.29 32.56
C HIS A 214 -44.96 11.32 33.12
N PRO A 215 -44.59 11.46 34.40
CA PRO A 215 -43.56 10.57 34.95
C PRO A 215 -43.96 9.10 34.97
N THR A 216 -45.24 8.79 34.85
CA THR A 216 -45.71 7.42 34.91
C THR A 216 -45.80 6.74 33.55
N LEU A 217 -45.42 7.42 32.48
CA LEU A 217 -45.56 6.88 31.13
C LEU A 217 -44.24 6.28 30.65
N LYS A 218 -44.34 5.12 30.00
CA LYS A 218 -43.18 4.42 29.45
C LYS A 218 -43.20 4.62 27.94
N LEU A 219 -42.54 5.70 27.48
CA LEU A 219 -42.56 6.03 26.07
C LEU A 219 -41.86 4.97 25.23
N GLU A 220 -40.74 4.44 25.72
CA GLU A 220 -39.92 3.54 24.93
C GLU A 220 -40.46 2.12 24.87
N GLU A 221 -41.53 1.82 25.60
CA GLU A 221 -42.13 0.49 25.58
C GLU A 221 -43.32 0.37 24.64
N ILE A 222 -43.66 1.43 23.92
CA ILE A 222 -44.79 1.40 23.00
C ILE A 222 -44.35 0.79 21.67
N THR A 223 -45.10 -0.19 21.20
CA THR A 223 -44.79 -0.90 19.97
C THR A 223 -45.71 -0.44 18.85
N ASN A 224 -45.23 -0.57 17.61
CA ASN A 224 -45.99 -0.18 16.44
C ASN A 224 -46.79 -1.36 15.92
N ARG A 225 -47.36 -1.24 14.71
CA ARG A 225 -48.16 -2.31 14.15
C ARG A 225 -47.33 -3.58 13.96
N LYS A 226 -46.08 -3.44 13.53
CA LYS A 226 -45.21 -4.60 13.37
C LYS A 226 -44.81 -5.21 14.71
N GLY A 227 -45.11 -4.56 15.82
CA GLY A 227 -44.72 -5.09 17.11
C GLY A 227 -43.30 -4.79 17.52
N LEU A 228 -42.77 -3.64 17.12
CA LEU A 228 -41.40 -3.25 17.42
C LEU A 228 -41.38 -1.97 18.23
N THR A 229 -40.53 -1.95 19.25
CA THR A 229 -40.24 -0.73 19.99
C THR A 229 -39.21 0.09 19.21
N PRO A 230 -39.02 1.35 19.58
CA PRO A 230 -38.00 2.15 18.86
C PRO A 230 -36.63 1.51 18.87
N LEU A 231 -36.22 0.88 19.97
CA LEU A 231 -34.93 0.21 20.01
C LEU A 231 -34.89 -0.98 19.05
N ALA A 232 -35.94 -1.79 19.03
CA ALA A 232 -36.01 -2.91 18.11
C ALA A 232 -36.03 -2.42 16.67
N LEU A 233 -36.77 -1.34 16.40
CA LEU A 233 -36.80 -0.78 15.05
C LEU A 233 -35.42 -0.31 14.62
N ALA A 234 -34.69 0.36 15.52
CA ALA A 234 -33.35 0.80 15.20
C ALA A 234 -32.42 -0.38 14.93
N ALA A 235 -32.53 -1.43 15.75
CA ALA A 235 -31.66 -2.59 15.57
C ALA A 235 -31.95 -3.32 14.27
N SER A 236 -33.23 -3.46 13.92
CA SER A 236 -33.62 -4.23 12.74
C SER A 236 -33.48 -3.44 11.44
N SER A 237 -33.30 -2.13 11.51
CA SER A 237 -33.20 -1.28 10.32
C SER A 237 -31.78 -0.83 10.03
N GLY A 238 -30.82 -1.15 10.90
CA GLY A 238 -29.45 -0.76 10.67
C GLY A 238 -29.10 0.65 11.07
N LYS A 239 -29.92 1.28 11.91
CA LYS A 239 -29.65 2.64 12.38
C LYS A 239 -28.63 2.56 13.51
N ILE A 240 -27.35 2.52 13.12
CA ILE A 240 -26.29 2.25 14.07
C ILE A 240 -26.11 3.42 15.04
N GLY A 241 -26.25 4.65 14.55
CA GLY A 241 -26.05 5.80 15.42
C GLY A 241 -27.09 5.87 16.53
N VAL A 242 -28.36 5.68 16.17
CA VAL A 242 -29.43 5.71 17.17
C VAL A 242 -29.25 4.58 18.17
N LEU A 243 -28.87 3.39 17.69
CA LEU A 243 -28.66 2.27 18.59
C LEU A 243 -27.52 2.55 19.57
N ALA A 244 -26.42 3.10 19.07
CA ALA A 244 -25.31 3.45 19.93
C ALA A 244 -25.71 4.48 20.97
N TYR A 245 -26.48 5.48 20.56
CA TYR A 245 -26.94 6.49 21.51
C TYR A 245 -27.82 5.87 22.59
N ILE A 246 -28.75 5.01 22.19
CA ILE A 246 -29.71 4.45 23.15
C ILE A 246 -29.01 3.54 24.13
N LEU A 247 -28.14 2.66 23.65
CA LEU A 247 -27.56 1.64 24.52
C LEU A 247 -26.65 2.23 25.58
N GLN A 248 -26.06 3.39 25.31
CA GLN A 248 -25.13 4.04 26.23
C GLN A 248 -25.72 5.33 26.82
N ARG A 249 -27.03 5.43 26.86
CA ARG A 249 -27.68 6.66 27.29
C ARG A 249 -27.38 6.95 28.75
N GLU A 250 -26.97 8.18 29.04
CA GLU A 250 -26.65 8.61 30.40
C GLU A 250 -27.26 9.99 30.63
N ILE A 251 -28.16 10.08 31.60
CA ILE A 251 -28.83 11.33 31.95
C ILE A 251 -28.49 11.66 33.39
N HIS A 252 -27.80 12.78 33.60
CA HIS A 252 -27.30 13.17 34.91
C HIS A 252 -28.23 14.13 35.63
N GLU A 253 -29.38 14.45 35.06
CA GLU A 253 -30.29 15.41 35.66
C GLU A 253 -31.15 14.71 36.71
N PRO A 254 -31.12 15.12 37.97
CA PRO A 254 -31.97 14.46 38.97
C PRO A 254 -33.44 14.60 38.60
N GLU A 255 -34.23 13.61 39.03
CA GLU A 255 -35.66 13.44 38.78
C GLU A 255 -35.92 12.91 37.37
N CYS A 256 -34.89 12.75 36.53
CA CYS A 256 -35.07 12.18 35.20
C CYS A 256 -33.96 11.20 34.84
N ARG A 257 -33.11 10.80 35.78
CA ARG A 257 -32.01 9.90 35.48
C ARG A 257 -32.44 8.44 35.45
N HIS A 258 -33.68 8.13 35.84
CA HIS A 258 -34.18 6.77 35.69
C HIS A 258 -34.35 6.37 34.23
N LEU A 259 -34.30 7.33 33.31
CA LEU A 259 -34.39 7.03 31.88
C LEU A 259 -33.08 6.51 31.31
N SER A 260 -31.97 6.67 32.02
CA SER A 260 -30.68 6.27 31.48
C SER A 260 -30.54 4.76 31.46
N ARG A 261 -29.65 4.28 30.58
CA ARG A 261 -29.34 2.86 30.47
C ARG A 261 -27.93 2.52 30.90
N LYS A 262 -27.09 3.52 31.16
CA LYS A 262 -25.72 3.32 31.63
C LYS A 262 -25.54 4.07 32.94
N PHE A 263 -24.97 3.39 33.93
CA PHE A 263 -24.82 3.94 35.27
C PHE A 263 -23.38 3.77 35.74
N THR A 264 -23.02 4.51 36.79
CA THR A 264 -21.71 4.44 37.42
C THR A 264 -21.89 3.90 38.82
N GLU A 265 -21.44 2.66 39.06
CA GLU A 265 -21.66 2.02 40.35
C GLU A 265 -20.76 2.61 41.43
N TRP A 266 -19.49 2.85 41.11
CA TRP A 266 -18.57 3.43 42.08
C TRP A 266 -17.34 3.92 41.34
N ALA A 267 -16.55 4.75 42.04
CA ALA A 267 -15.34 5.33 41.47
C ALA A 267 -14.32 5.54 42.58
N TYR A 268 -13.14 4.95 42.42
CA TYR A 268 -12.03 5.11 43.35
C TYR A 268 -10.83 5.64 42.58
N GLY A 269 -10.51 6.91 42.76
CA GLY A 269 -9.42 7.52 42.05
C GLY A 269 -9.65 7.55 40.55
N PRO A 270 -8.75 6.92 39.78
CA PRO A 270 -8.90 6.93 38.32
C PRO A 270 -9.74 5.80 37.74
N VAL A 271 -10.22 4.87 38.55
CA VAL A 271 -10.92 3.69 38.08
C VAL A 271 -12.36 3.74 38.58
N HIS A 272 -13.31 3.55 37.68
CA HIS A 272 -14.73 3.52 38.01
C HIS A 272 -15.38 2.33 37.34
N SER A 273 -16.43 1.82 37.97
CA SER A 273 -17.17 0.66 37.48
C SER A 273 -18.51 1.13 36.93
N SER A 274 -18.80 0.79 35.68
CA SER A 274 -20.01 1.19 35.00
C SER A 274 -20.97 0.01 34.87
N LEU A 275 -22.26 0.31 34.93
CA LEU A 275 -23.32 -0.69 34.79
C LEU A 275 -24.11 -0.39 33.53
N TYR A 276 -24.27 -1.40 32.67
CA TYR A 276 -25.03 -1.28 31.44
C TYR A 276 -26.34 -2.03 31.61
N ASP A 277 -27.45 -1.34 31.39
CA ASP A 277 -28.75 -1.99 31.42
C ASP A 277 -28.87 -2.96 30.25
N LEU A 278 -29.26 -4.19 30.54
CA LEU A 278 -29.38 -5.23 29.52
C LEU A 278 -30.83 -5.59 29.22
N SER A 279 -31.79 -4.77 29.66
CA SER A 279 -33.19 -5.05 29.36
C SER A 279 -33.41 -5.06 27.86
N CYS A 280 -34.08 -6.09 27.37
CA CYS A 280 -34.41 -6.24 25.95
C CYS A 280 -33.17 -6.34 25.07
N ILE A 281 -32.06 -6.84 25.60
CA ILE A 281 -30.82 -6.97 24.85
C ILE A 281 -30.55 -8.42 24.46
N ASP A 282 -30.56 -9.33 25.44
CA ASP A 282 -30.28 -10.73 25.17
C ASP A 282 -31.47 -11.65 25.38
N THR A 283 -32.56 -11.17 25.98
CA THR A 283 -33.77 -11.98 26.13
C THR A 283 -34.94 -11.06 26.37
N CYS A 284 -35.90 -11.07 25.42
CA CYS A 284 -37.14 -10.30 25.55
C CYS A 284 -38.37 -11.11 25.21
N GLU A 285 -38.21 -12.32 24.66
CA GLU A 285 -39.30 -13.24 24.35
C GLU A 285 -40.12 -12.77 23.15
N LYS A 286 -39.86 -11.56 22.65
CA LYS A 286 -40.44 -11.10 21.40
C LYS A 286 -39.39 -10.87 20.33
N ASN A 287 -38.45 -9.95 20.57
CA ASN A 287 -37.31 -9.77 19.68
C ASN A 287 -36.25 -9.00 20.45
N SER A 288 -35.18 -9.68 20.84
CA SER A 288 -34.07 -9.01 21.50
C SER A 288 -33.14 -8.40 20.46
N VAL A 289 -32.31 -7.45 20.92
CA VAL A 289 -31.39 -6.79 20.01
C VAL A 289 -30.42 -7.79 19.41
N LEU A 290 -29.88 -8.69 20.24
CA LEU A 290 -28.94 -9.69 19.74
C LEU A 290 -29.60 -10.59 18.71
N GLU A 291 -30.80 -11.08 19.00
CA GLU A 291 -31.50 -11.93 18.04
C GLU A 291 -31.84 -11.18 16.77
N VAL A 292 -32.29 -9.93 16.90
CA VAL A 292 -32.67 -9.15 15.72
C VAL A 292 -31.46 -8.92 14.82
N ILE A 293 -30.31 -8.58 15.40
CA ILE A 293 -29.12 -8.32 14.59
C ILE A 293 -28.59 -9.61 13.98
N ALA A 294 -28.51 -10.68 14.79
CA ALA A 294 -27.90 -11.92 14.29
C ALA A 294 -28.70 -12.51 13.14
N TYR A 295 -30.03 -12.53 13.26
CA TYR A 295 -30.89 -13.15 12.27
C TYR A 295 -31.45 -12.15 11.27
N SER A 296 -30.81 -11.00 11.11
CA SER A 296 -31.28 -10.01 10.16
C SER A 296 -31.02 -10.47 8.73
N SER A 297 -31.79 -9.92 7.80
CA SER A 297 -31.63 -10.27 6.40
C SER A 297 -30.32 -9.71 5.86
N SER A 298 -29.92 -10.21 4.69
CA SER A 298 -28.68 -9.78 4.08
C SER A 298 -28.73 -8.34 3.55
N GLU A 299 -29.91 -7.75 3.49
CA GLU A 299 -30.07 -6.40 2.97
C GLU A 299 -29.97 -5.32 4.05
N THR A 300 -29.82 -5.70 5.31
CA THR A 300 -29.73 -4.71 6.37
C THR A 300 -28.45 -3.88 6.20
N PRO A 301 -28.53 -2.55 6.26
CA PRO A 301 -27.36 -1.74 5.89
C PRO A 301 -26.09 -2.03 6.69
N ASN A 302 -26.19 -2.25 7.99
CA ASN A 302 -25.01 -2.30 8.85
C ASN A 302 -25.03 -3.54 9.74
N ARG A 303 -25.43 -4.68 9.18
CA ARG A 303 -25.59 -5.87 10.01
C ARG A 303 -24.26 -6.32 10.61
N HIS A 304 -23.15 -6.22 9.88
CA HIS A 304 -21.81 -6.66 10.34
C HIS A 304 -21.21 -5.65 11.30
N ASP A 305 -21.67 -4.41 11.31
CA ASP A 305 -21.05 -3.38 12.13
C ASP A 305 -21.81 -3.10 13.42
N MET A 306 -23.07 -3.52 13.53
CA MET A 306 -23.87 -3.17 14.69
C MET A 306 -23.43 -3.91 15.94
N LEU A 307 -22.71 -5.02 15.81
CA LEU A 307 -22.25 -5.76 16.98
C LEU A 307 -21.05 -5.10 17.65
N LEU A 308 -20.47 -4.06 17.04
CA LEU A 308 -19.36 -3.35 17.64
C LEU A 308 -19.79 -2.33 18.68
N VAL A 309 -21.08 -2.04 18.79
CA VAL A 309 -21.56 -1.13 19.82
C VAL A 309 -21.19 -1.69 21.18
N GLU A 310 -20.82 -0.80 22.10
CA GLU A 310 -20.01 -1.14 23.27
C GLU A 310 -20.46 -2.39 24.02
N PRO A 311 -21.65 -2.41 24.63
CA PRO A 311 -21.98 -3.55 25.51
C PRO A 311 -22.05 -4.88 24.79
N LEU A 312 -22.45 -4.91 23.52
CA LEU A 312 -22.77 -6.16 22.85
C LEU A 312 -21.55 -7.06 22.69
N ASN A 313 -20.41 -6.48 22.31
CA ASN A 313 -19.20 -7.28 22.11
C ASN A 313 -18.80 -7.98 23.41
N ARG A 314 -18.76 -7.23 24.51
CA ARG A 314 -18.38 -7.79 25.79
C ARG A 314 -19.38 -8.84 26.25
N LEU A 315 -20.68 -8.59 26.01
CA LEU A 315 -21.69 -9.57 26.40
C LEU A 315 -21.51 -10.88 25.65
N LEU A 316 -21.27 -10.80 24.34
CA LEU A 316 -21.07 -12.01 23.55
C LEU A 316 -19.82 -12.75 23.98
N GLN A 317 -18.73 -12.01 24.26
CA GLN A 317 -17.52 -12.65 24.74
C GLN A 317 -17.74 -13.34 26.07
N ASP A 318 -18.52 -12.72 26.96
CA ASP A 318 -18.82 -13.33 28.25
C ASP A 318 -19.60 -14.62 28.08
N LYS A 319 -20.63 -14.61 27.24
CA LYS A 319 -21.39 -15.84 26.98
C LYS A 319 -20.48 -16.93 26.44
N TRP A 320 -19.65 -16.57 25.45
CA TRP A 320 -18.69 -17.50 24.90
C TRP A 320 -17.87 -18.16 26.00
N ASP A 321 -17.10 -17.34 26.72
CA ASP A 321 -16.19 -17.84 27.74
C ASP A 321 -16.90 -18.57 28.87
N ARG A 322 -18.19 -18.33 29.06
CA ARG A 322 -18.88 -19.00 30.16
C ARG A 322 -19.36 -20.40 29.79
N PHE A 323 -20.01 -20.58 28.63
CA PHE A 323 -20.40 -21.96 28.27
C PHE A 323 -20.21 -22.33 26.80
N VAL A 324 -20.17 -21.37 25.88
CA VAL A 324 -20.33 -21.74 24.48
C VAL A 324 -19.03 -22.31 23.94
N LYS A 325 -17.88 -21.87 24.46
CA LYS A 325 -16.61 -22.43 24.01
C LYS A 325 -16.57 -23.94 24.25
N ARG A 326 -16.97 -24.37 25.44
CA ARG A 326 -16.92 -25.79 25.76
C ARG A 326 -17.94 -26.58 24.95
N ILE A 327 -19.16 -26.05 24.81
CA ILE A 327 -20.14 -26.78 24.00
C ILE A 327 -19.65 -26.90 22.55
N PHE A 328 -19.03 -25.84 22.03
CA PHE A 328 -18.53 -25.85 20.66
C PHE A 328 -17.40 -26.87 20.50
N TYR A 329 -16.50 -26.93 21.47
CA TYR A 329 -15.41 -27.91 21.40
C TYR A 329 -15.96 -29.33 21.41
N PHE A 330 -16.97 -29.60 22.23
CA PHE A 330 -17.58 -30.93 22.23
C PHE A 330 -18.19 -31.25 20.88
N ASN A 331 -18.90 -30.29 20.28
CA ASN A 331 -19.48 -30.51 18.96
C ASN A 331 -18.41 -30.82 17.92
N PHE A 332 -17.30 -30.07 17.95
CA PHE A 332 -16.22 -30.31 17.01
C PHE A 332 -15.64 -31.71 17.18
N PHE A 333 -15.44 -32.14 18.43
CA PHE A 333 -14.92 -33.47 18.68
C PHE A 333 -15.86 -34.55 18.14
N VAL A 334 -17.16 -34.38 18.36
CA VAL A 334 -18.12 -35.36 17.88
C VAL A 334 -18.09 -35.44 16.36
N TYR A 335 -18.02 -34.28 15.68
CA TYR A 335 -17.95 -34.29 14.22
C TYR A 335 -16.69 -34.96 13.72
N CYS A 336 -15.56 -34.72 14.38
CA CYS A 336 -14.32 -35.37 13.98
C CYS A 336 -14.43 -36.89 14.11
N LEU A 337 -15.01 -37.37 15.22
CA LEU A 337 -15.21 -38.81 15.38
C LEU A 337 -16.11 -39.37 14.28
N TYR A 338 -17.20 -38.66 13.97
CA TYR A 338 -18.10 -39.11 12.92
C TYR A 338 -17.39 -39.23 11.59
N MET A 339 -16.57 -38.22 11.24
CA MET A 339 -15.88 -38.26 9.95
C MET A 339 -14.85 -39.38 9.91
N ILE A 340 -14.15 -39.61 11.03
CA ILE A 340 -13.17 -40.69 11.06
C ILE A 340 -13.86 -42.04 10.85
N ILE A 341 -14.99 -42.26 11.53
CA ILE A 341 -15.69 -43.53 11.39
C ILE A 341 -16.21 -43.69 9.98
N PHE A 342 -16.74 -42.62 9.39
CA PHE A 342 -17.23 -42.69 8.01
C PHE A 342 -16.10 -43.03 7.05
N THR A 343 -14.94 -42.40 7.21
CA THR A 343 -13.80 -42.70 6.35
C THR A 343 -13.38 -44.15 6.49
N ALA A 344 -13.29 -44.64 7.72
CA ALA A 344 -12.88 -46.04 7.92
C ALA A 344 -13.89 -47.00 7.30
N ALA A 345 -15.18 -46.74 7.46
CA ALA A 345 -16.19 -47.63 6.91
C ALA A 345 -16.16 -47.63 5.39
N ALA A 346 -16.00 -46.45 4.78
CA ALA A 346 -15.96 -46.38 3.31
C ALA A 346 -14.69 -46.99 2.74
N TYR A 347 -13.58 -46.90 3.48
CA TYR A 347 -12.32 -47.45 2.99
C TYR A 347 -12.38 -48.95 2.79
N TYR A 348 -13.12 -49.65 3.65
CA TYR A 348 -13.16 -51.11 3.64
C TYR A 348 -14.43 -51.66 2.99
N ARG A 349 -15.02 -50.92 2.07
CA ARG A 349 -16.20 -51.41 1.38
C ARG A 349 -15.86 -52.69 0.62
N PRO A 350 -16.72 -53.71 0.65
CA PRO A 350 -16.42 -54.93 -0.09
C PRO A 350 -16.54 -54.73 -1.59
N VAL A 351 -15.71 -55.46 -2.33
CA VAL A 351 -15.79 -55.43 -3.79
C VAL A 351 -16.17 -56.82 -4.28
N GLU A 352 -17.48 -57.07 -4.39
CA GLU A 352 -18.00 -58.31 -4.93
C GLU A 352 -18.95 -58.08 -6.10
N GLY A 353 -19.91 -57.17 -5.96
CA GLY A 353 -20.81 -56.83 -7.02
C GLY A 353 -22.27 -56.81 -6.61
N LEU A 354 -23.03 -55.84 -7.11
CA LEU A 354 -24.47 -55.80 -6.95
C LEU A 354 -24.88 -55.91 -5.48
N PRO A 355 -24.72 -54.85 -4.69
CA PRO A 355 -25.17 -54.88 -3.30
C PRO A 355 -26.64 -55.22 -3.20
N PRO A 356 -27.17 -55.46 -1.99
CA PRO A 356 -26.48 -55.46 -0.70
C PRO A 356 -25.54 -56.64 -0.51
N TYR A 357 -24.59 -56.51 0.41
CA TYR A 357 -23.55 -57.51 0.62
C TYR A 357 -23.87 -58.31 1.87
N LYS A 358 -23.73 -59.63 1.79
CA LYS A 358 -24.05 -60.50 2.91
C LYS A 358 -23.05 -60.29 4.05
N LEU A 359 -23.53 -60.50 5.27
CA LEU A 359 -22.74 -60.27 6.47
C LEU A 359 -21.99 -61.55 6.83
N LYS A 360 -20.67 -61.52 6.70
CA LYS A 360 -19.84 -62.65 7.11
C LYS A 360 -19.66 -62.66 8.62
N ASN A 361 -19.30 -63.82 9.16
CA ASN A 361 -19.12 -63.99 10.59
C ASN A 361 -17.67 -63.71 10.94
N THR A 362 -17.36 -62.44 11.18
CA THR A 362 -16.03 -62.03 11.57
C THR A 362 -16.13 -60.71 12.32
N VAL A 363 -15.08 -60.40 13.10
CA VAL A 363 -15.06 -59.15 13.85
C VAL A 363 -15.00 -57.96 12.89
N GLY A 364 -14.19 -58.06 11.84
CA GLY A 364 -14.05 -56.94 10.92
C GLY A 364 -15.35 -56.61 10.22
N ASP A 365 -16.11 -57.63 9.83
CA ASP A 365 -17.39 -57.39 9.18
C ASP A 365 -18.36 -56.69 10.13
N TYR A 366 -18.38 -57.10 11.40
CA TYR A 366 -19.24 -56.44 12.37
C TYR A 366 -18.83 -54.98 12.56
N PHE A 367 -17.53 -54.71 12.66
CA PHE A 367 -17.07 -53.33 12.80
C PHE A 367 -17.47 -52.51 11.58
N ARG A 368 -17.41 -53.08 10.40
CA ARG A 368 -17.70 -52.37 9.16
C ARG A 368 -19.19 -52.13 9.07
N VAL A 369 -20.03 -53.01 9.55
CA VAL A 369 -21.48 -52.79 9.56
C VAL A 369 -21.84 -51.71 10.58
N THR A 370 -21.19 -51.74 11.75
CA THR A 370 -21.43 -50.70 12.74
C THR A 370 -21.05 -49.33 12.21
N GLY A 371 -19.91 -49.24 11.52
CA GLY A 371 -19.50 -47.97 10.95
C GLY A 371 -20.49 -47.44 9.93
N GLU A 372 -21.02 -48.32 9.12
CA GLU A 372 -21.97 -47.96 8.06
C GLU A 372 -23.28 -47.54 8.69
N ILE A 373 -23.69 -48.13 9.81
CA ILE A 373 -24.89 -47.73 10.53
C ILE A 373 -24.70 -46.34 11.13
N LEU A 374 -23.53 -46.10 11.73
CA LEU A 374 -23.27 -44.79 12.34
C LEU A 374 -23.24 -43.69 11.27
N SER A 375 -22.64 -43.98 10.11
CA SER A 375 -22.61 -42.99 9.04
C SER A 375 -24.01 -42.63 8.57
N VAL A 376 -24.87 -43.65 8.39
CA VAL A 376 -26.24 -43.38 7.97
C VAL A 376 -26.98 -42.58 9.04
N SER A 377 -26.74 -42.90 10.31
CA SER A 377 -27.38 -42.14 11.39
C SER A 377 -26.97 -40.68 11.34
N GLY A 378 -25.68 -40.41 11.13
CA GLY A 378 -25.23 -39.03 11.04
C GLY A 378 -25.84 -38.30 9.85
N GLY A 379 -25.93 -38.98 8.71
CA GLY A 379 -26.57 -38.38 7.56
C GLY A 379 -28.02 -38.02 7.83
N VAL A 380 -28.76 -38.92 8.48
CA VAL A 380 -30.15 -38.64 8.81
C VAL A 380 -30.24 -37.44 9.76
N TYR A 381 -29.36 -37.40 10.76
CA TYR A 381 -29.37 -36.31 11.72
C TYR A 381 -29.16 -34.97 11.02
N PHE A 382 -28.18 -34.91 10.11
CA PHE A 382 -27.92 -33.65 9.42
C PHE A 382 -29.05 -33.29 8.46
N PHE A 383 -29.67 -34.28 7.82
CA PHE A 383 -30.82 -33.99 6.97
C PHE A 383 -31.95 -33.35 7.77
N PHE A 384 -32.24 -33.91 8.94
CA PHE A 384 -33.33 -33.38 9.75
C PHE A 384 -32.97 -32.02 10.33
N ARG A 385 -31.75 -31.74 10.71
CA ARG A 385 -31.30 -30.41 11.18
C ARG A 385 -31.36 -29.42 10.03
N GLY A 386 -31.12 -29.80 8.78
CA GLY A 386 -31.33 -28.88 7.68
C GLY A 386 -32.79 -28.55 7.46
N ILE A 387 -33.66 -29.57 7.54
CA ILE A 387 -35.10 -29.31 7.42
C ILE A 387 -35.56 -28.38 8.53
N GLN A 388 -35.11 -28.64 9.76
CA GLN A 388 -35.51 -27.81 10.90
C GLN A 388 -35.07 -26.37 10.70
N TYR A 389 -33.85 -26.16 10.19
CA TYR A 389 -33.38 -24.81 9.93
C TYR A 389 -34.25 -24.12 8.87
N PHE A 390 -34.50 -24.82 7.76
CA PHE A 390 -35.31 -24.21 6.69
C PHE A 390 -36.71 -23.87 7.17
N LEU A 391 -37.24 -24.63 8.13
CA LEU A 391 -38.56 -24.30 8.67
C LEU A 391 -38.49 -23.14 9.66
N GLN A 392 -37.56 -23.19 10.61
CA GLN A 392 -37.54 -22.20 11.68
C GLN A 392 -37.15 -20.82 11.16
N ARG A 393 -36.07 -20.74 10.38
CA ARG A 393 -35.61 -19.44 9.92
C ARG A 393 -36.42 -18.93 8.73
N ARG A 394 -36.94 -19.82 7.89
CA ARG A 394 -37.69 -19.44 6.71
C ARG A 394 -36.90 -18.46 5.84
N PRO A 395 -35.82 -18.90 5.20
CA PRO A 395 -35.13 -18.02 4.26
C PRO A 395 -36.05 -17.59 3.13
N SER A 396 -35.83 -16.37 2.65
CA SER A 396 -36.70 -15.74 1.67
C SER A 396 -36.30 -16.05 0.23
N LEU A 397 -35.57 -17.15 0.01
CA LEU A 397 -35.18 -17.60 -1.32
C LEU A 397 -34.12 -16.70 -1.94
N LYS A 398 -33.79 -15.60 -1.26
CA LYS A 398 -32.64 -14.76 -1.61
C LYS A 398 -31.54 -14.83 -0.58
N SER A 399 -31.90 -14.81 0.70
CA SER A 399 -30.94 -15.17 1.74
C SER A 399 -30.60 -16.65 1.69
N LEU A 400 -31.39 -17.44 0.97
CA LEU A 400 -31.11 -18.87 0.85
C LEU A 400 -29.80 -19.13 0.12
N PHE A 401 -29.56 -18.40 -0.98
CA PHE A 401 -28.38 -18.61 -1.80
C PHE A 401 -27.43 -17.43 -1.79
N VAL A 402 -27.64 -16.47 -0.91
CA VAL A 402 -26.64 -15.44 -0.64
C VAL A 402 -26.21 -15.39 0.82
N ASP A 403 -26.92 -16.09 1.71
CA ASP A 403 -26.54 -16.23 3.11
C ASP A 403 -26.61 -17.70 3.48
N SER A 404 -26.38 -18.08 4.68
CA SER A 404 -26.43 -19.53 4.94
C SER A 404 -25.73 -20.44 3.95
N TYR A 405 -24.43 -20.34 3.76
CA TYR A 405 -23.67 -21.28 2.93
C TYR A 405 -23.44 -22.56 3.71
N SER A 406 -23.14 -22.57 4.99
CA SER A 406 -22.82 -23.78 5.73
C SER A 406 -24.04 -24.68 5.89
N GLU A 407 -25.21 -24.09 6.13
CA GLU A 407 -26.43 -24.88 6.23
C GLU A 407 -26.66 -25.67 4.95
N ILE A 408 -26.53 -24.99 3.80
CA ILE A 408 -26.76 -25.65 2.52
C ILE A 408 -25.72 -26.73 2.29
N LEU A 409 -24.46 -26.47 2.64
CA LEU A 409 -23.40 -27.45 2.40
C LEU A 409 -23.64 -28.72 3.22
N PHE A 410 -23.97 -28.56 4.50
CA PHE A 410 -24.25 -29.73 5.32
C PHE A 410 -25.48 -30.47 4.84
N PHE A 411 -26.51 -29.74 4.41
CA PHE A 411 -27.71 -30.38 3.89
C PHE A 411 -27.42 -31.18 2.63
N VAL A 412 -26.59 -30.62 1.74
CA VAL A 412 -26.26 -31.31 0.50
C VAL A 412 -25.44 -32.56 0.78
N GLN A 413 -24.52 -32.50 1.75
CA GLN A 413 -23.78 -33.69 2.14
C GLN A 413 -24.73 -34.78 2.64
N SER A 414 -25.69 -34.40 3.49
CA SER A 414 -26.66 -35.37 3.97
C SER A 414 -27.49 -35.95 2.82
N LEU A 415 -27.85 -35.11 1.85
CA LEU A 415 -28.61 -35.58 0.70
C LEU A 415 -27.82 -36.62 -0.09
N PHE A 416 -26.52 -36.37 -0.28
CA PHE A 416 -25.68 -37.36 -0.98
C PHE A 416 -25.66 -38.67 -0.20
N MET A 417 -25.54 -38.60 1.12
CA MET A 417 -25.52 -39.83 1.92
C MET A 417 -26.82 -40.61 1.75
N LEU A 418 -27.97 -39.92 1.82
CA LEU A 418 -29.24 -40.62 1.73
C LEU A 418 -29.46 -41.19 0.34
N VAL A 419 -29.09 -40.45 -0.71
CA VAL A 419 -29.20 -40.99 -2.07
C VAL A 419 -28.31 -42.21 -2.21
N SER A 420 -27.13 -42.19 -1.58
CA SER A 420 -26.25 -43.35 -1.62
C SER A 420 -26.92 -44.55 -0.98
N VAL A 421 -27.60 -44.36 0.16
CA VAL A 421 -28.28 -45.48 0.80
C VAL A 421 -29.37 -46.03 -0.11
N VAL A 422 -30.16 -45.14 -0.71
CA VAL A 422 -31.25 -45.57 -1.58
C VAL A 422 -30.71 -46.38 -2.75
N LEU A 423 -29.64 -45.89 -3.38
CA LEU A 423 -29.03 -46.62 -4.49
C LEU A 423 -28.49 -47.97 -4.01
N TYR A 424 -27.92 -48.00 -2.80
CA TYR A 424 -27.36 -49.24 -2.28
C TYR A 424 -28.42 -50.32 -2.15
N PHE A 425 -29.60 -49.95 -1.65
CA PHE A 425 -30.64 -50.96 -1.48
C PHE A 425 -31.42 -51.24 -2.76
N SER A 426 -31.12 -50.57 -3.86
CA SER A 426 -31.69 -50.88 -5.16
C SER A 426 -30.76 -51.72 -6.03
N GLN A 427 -29.64 -52.21 -5.46
CA GLN A 427 -28.70 -53.07 -6.18
C GLN A 427 -27.98 -52.31 -7.30
N ARG A 428 -27.56 -51.08 -7.01
CA ARG A 428 -26.84 -50.26 -7.96
C ARG A 428 -25.44 -49.95 -7.42
N LYS A 429 -24.48 -49.85 -8.34
CA LYS A 429 -23.10 -49.55 -7.98
C LYS A 429 -22.82 -48.05 -7.87
N GLU A 430 -23.77 -47.26 -8.28
CA GLU A 430 -23.61 -45.83 -8.28
C GLU A 430 -23.68 -45.33 -6.85
N TYR A 431 -24.04 -46.11 -5.84
CA TYR A 431 -23.96 -45.76 -4.44
C TYR A 431 -22.54 -45.39 -4.05
N VAL A 432 -21.54 -46.00 -4.71
CA VAL A 432 -20.15 -45.65 -4.44
C VAL A 432 -19.87 -44.22 -4.86
N ALA A 433 -20.36 -43.80 -6.03
CA ALA A 433 -20.14 -42.44 -6.49
C ALA A 433 -20.78 -41.44 -5.53
N SER A 434 -22.03 -41.68 -5.15
CA SER A 434 -22.69 -40.77 -4.22
C SER A 434 -21.97 -40.75 -2.88
N MET A 435 -21.47 -41.90 -2.42
CA MET A 435 -20.77 -41.99 -1.15
C MET A 435 -19.46 -41.20 -1.18
N VAL A 436 -18.71 -41.28 -2.28
CA VAL A 436 -17.45 -40.55 -2.34
C VAL A 436 -17.70 -39.05 -2.41
N PHE A 437 -18.75 -38.63 -3.13
CA PHE A 437 -19.09 -37.20 -3.09
C PHE A 437 -19.42 -36.76 -1.67
N SER A 438 -20.20 -37.57 -0.95
CA SER A 438 -20.53 -37.25 0.43
C SER A 438 -19.27 -37.16 1.29
N LEU A 439 -18.34 -38.10 1.10
CA LEU A 439 -17.12 -38.11 1.90
C LEU A 439 -16.27 -36.86 1.65
N ALA A 440 -16.11 -36.48 0.38
CA ALA A 440 -15.33 -35.27 0.09
C ALA A 440 -15.99 -34.03 0.67
N MET A 441 -17.31 -33.91 0.53
CA MET A 441 -18.00 -32.76 1.11
C MET A 441 -17.85 -32.74 2.62
N GLY A 442 -17.96 -33.91 3.26
CA GLY A 442 -17.84 -33.97 4.71
C GLY A 442 -16.47 -33.55 5.19
N TRP A 443 -15.42 -33.96 4.48
CA TRP A 443 -14.08 -33.56 4.89
C TRP A 443 -13.84 -32.08 4.66
N THR A 444 -14.37 -31.52 3.56
CA THR A 444 -14.21 -30.08 3.36
C THR A 444 -15.06 -29.26 4.33
N ASN A 445 -16.13 -29.84 4.88
CA ASN A 445 -16.98 -29.12 5.81
C ASN A 445 -16.33 -28.90 7.17
N MET A 446 -15.18 -29.51 7.44
CA MET A 446 -14.47 -29.24 8.69
C MET A 446 -14.08 -27.78 8.83
N LEU A 447 -13.99 -27.05 7.72
CA LEU A 447 -13.63 -25.63 7.78
C LEU A 447 -14.65 -24.80 8.53
N TYR A 448 -15.84 -25.32 8.76
CA TYR A 448 -16.84 -24.60 9.53
C TYR A 448 -16.37 -24.34 10.96
N TYR A 449 -15.65 -25.29 11.55
CA TYR A 449 -15.25 -25.19 12.94
C TYR A 449 -14.03 -24.30 13.14
N THR A 450 -13.47 -23.72 12.08
CA THR A 450 -12.44 -22.70 12.26
C THR A 450 -12.98 -21.51 13.02
N ARG A 451 -14.24 -21.15 12.80
CA ARG A 451 -14.90 -20.22 13.71
C ARG A 451 -14.91 -20.83 15.10
N GLY A 452 -14.60 -20.02 16.10
CA GLY A 452 -14.23 -20.50 17.41
C GLY A 452 -12.76 -20.26 17.71
N PHE A 453 -11.97 -19.96 16.71
CA PHE A 453 -10.60 -19.48 16.86
C PHE A 453 -10.44 -18.28 15.94
N GLN A 454 -9.91 -17.18 16.48
CA GLN A 454 -9.97 -15.90 15.78
C GLN A 454 -9.19 -15.94 14.47
N GLN A 455 -7.93 -16.36 14.52
CA GLN A 455 -7.08 -16.29 13.34
C GLN A 455 -7.57 -17.23 12.25
N MET A 456 -7.88 -18.47 12.60
CA MET A 456 -8.39 -19.42 11.63
C MET A 456 -9.75 -18.99 11.08
N GLY A 457 -10.59 -18.42 11.93
CA GLY A 457 -11.89 -17.94 11.47
C GLY A 457 -11.78 -16.82 10.46
N ILE A 458 -10.90 -15.85 10.73
CA ILE A 458 -10.70 -14.76 9.77
C ILE A 458 -10.07 -15.29 8.48
N TYR A 459 -9.18 -16.27 8.60
CA TYR A 459 -8.60 -16.91 7.41
C TYR A 459 -9.69 -17.55 6.56
N ALA A 460 -10.63 -18.26 7.20
CA ALA A 460 -11.73 -18.89 6.46
C ALA A 460 -12.63 -17.84 5.81
N VAL A 461 -12.91 -16.74 6.49
CA VAL A 461 -13.71 -15.68 5.88
C VAL A 461 -13.01 -15.11 4.66
N MET A 462 -11.70 -14.92 4.75
CA MET A 462 -10.94 -14.42 3.59
C MET A 462 -10.98 -15.42 2.44
N ILE A 463 -10.90 -16.72 2.74
CA ILE A 463 -11.02 -17.74 1.70
C ILE A 463 -12.36 -17.62 1.00
N GLU A 464 -13.43 -17.46 1.78
CA GLU A 464 -14.76 -17.31 1.20
C GLU A 464 -14.83 -16.10 0.27
N LYS A 465 -14.28 -14.98 0.71
CA LYS A 465 -14.32 -13.78 -0.12
C LYS A 465 -13.53 -13.98 -1.42
N MET A 466 -12.35 -14.59 -1.33
CA MET A 466 -11.58 -14.89 -2.53
C MET A 466 -12.40 -15.71 -3.51
N ILE A 467 -12.98 -16.82 -3.03
CA ILE A 467 -13.79 -17.67 -3.89
C ILE A 467 -14.90 -16.86 -4.53
N LEU A 468 -15.57 -16.03 -3.75
CA LEU A 468 -16.78 -15.38 -4.25
C LEU A 468 -16.47 -14.34 -5.33
N ARG A 469 -15.35 -13.62 -5.20
CA ARG A 469 -15.05 -12.58 -6.17
C ARG A 469 -14.01 -12.98 -7.21
N ASP A 470 -12.77 -13.25 -6.75
CA ASP A 470 -11.65 -13.32 -7.68
C ASP A 470 -11.71 -14.62 -8.48
N LEU A 471 -12.00 -15.72 -7.85
CA LEU A 471 -12.01 -17.01 -8.53
C LEU A 471 -13.17 -17.05 -9.47
N CYS A 472 -14.26 -16.40 -9.18
CA CYS A 472 -15.46 -16.42 -10.02
C CYS A 472 -15.22 -15.60 -11.29
N ARG A 473 -14.60 -14.43 -11.22
CA ARG A 473 -14.28 -13.66 -12.43
C ARG A 473 -13.23 -14.38 -13.27
N PHE A 474 -12.16 -14.84 -12.62
CA PHE A 474 -11.09 -15.52 -13.33
C PHE A 474 -11.62 -16.75 -14.04
N MET A 475 -12.46 -17.53 -13.37
CA MET A 475 -12.94 -18.78 -13.95
C MET A 475 -13.81 -18.52 -15.17
N PHE A 476 -14.66 -17.49 -15.11
CA PHE A 476 -15.45 -17.16 -16.28
C PHE A 476 -14.56 -16.88 -17.48
N VAL A 477 -13.61 -15.94 -17.32
CA VAL A 477 -12.79 -15.56 -18.48
C VAL A 477 -11.94 -16.74 -18.95
N TYR A 478 -11.36 -17.47 -18.00
CA TYR A 478 -10.48 -18.59 -18.35
C TYR A 478 -11.23 -19.68 -19.08
N LEU A 479 -12.45 -20.00 -18.65
CA LEU A 479 -13.21 -21.04 -19.32
C LEU A 479 -13.57 -20.62 -20.74
N VAL A 480 -13.92 -19.35 -20.94
CA VAL A 480 -14.19 -18.89 -22.29
C VAL A 480 -12.97 -19.10 -23.18
N PHE A 481 -11.80 -18.65 -22.71
CA PHE A 481 -10.59 -18.77 -23.51
C PHE A 481 -10.22 -20.23 -23.78
N LEU A 482 -10.30 -21.07 -22.74
CA LEU A 482 -9.96 -22.48 -22.90
C LEU A 482 -10.86 -23.15 -23.93
N PHE A 483 -12.17 -22.92 -23.84
CA PHE A 483 -13.07 -23.54 -24.79
C PHE A 483 -12.79 -23.07 -26.21
N GLY A 484 -12.57 -21.76 -26.40
CA GLY A 484 -12.33 -21.26 -27.74
C GLY A 484 -11.09 -21.87 -28.36
N PHE A 485 -9.98 -21.87 -27.63
CA PHE A 485 -8.74 -22.39 -28.19
C PHE A 485 -8.79 -23.90 -28.36
N SER A 486 -9.51 -24.60 -27.49
CA SER A 486 -9.62 -26.05 -27.65
C SER A 486 -10.46 -26.41 -28.86
N THR A 487 -11.54 -25.68 -29.11
CA THR A 487 -12.30 -25.93 -30.33
C THR A 487 -11.47 -25.66 -31.57
N ALA A 488 -10.69 -24.58 -31.56
CA ALA A 488 -9.83 -24.31 -32.71
C ALA A 488 -8.83 -25.45 -32.93
N VAL A 489 -8.17 -25.89 -31.86
CA VAL A 489 -7.16 -26.94 -32.00
C VAL A 489 -7.79 -28.25 -32.47
N VAL A 490 -8.93 -28.63 -31.90
CA VAL A 490 -9.55 -29.88 -32.29
C VAL A 490 -10.04 -29.81 -33.74
N THR A 491 -10.50 -28.63 -34.18
CA THR A 491 -10.86 -28.49 -35.59
C THR A 491 -9.66 -28.68 -36.49
N LEU A 492 -8.50 -28.15 -36.08
CA LEU A 492 -7.30 -28.33 -36.91
C LEU A 492 -6.90 -29.80 -37.00
N ILE A 493 -7.01 -30.55 -35.90
CA ILE A 493 -6.57 -31.94 -35.90
C ILE A 493 -7.40 -32.76 -36.88
N GLU A 494 -6.75 -33.72 -37.53
CA GLU A 494 -7.36 -34.50 -38.59
C GLU A 494 -8.01 -35.79 -38.08
N ASP A 495 -7.25 -36.64 -37.43
CA ASP A 495 -7.75 -37.91 -36.87
C ASP A 495 -6.89 -38.32 -35.71
N GLY A 496 -7.19 -39.43 -35.06
CA GLY A 496 -6.39 -40.02 -34.02
C GLY A 496 -7.05 -39.95 -32.65
N LYS A 497 -6.21 -40.07 -31.62
CA LYS A 497 -6.70 -40.11 -30.25
C LYS A 497 -7.25 -38.76 -29.81
N TYR A 498 -6.72 -37.66 -30.33
CA TYR A 498 -7.05 -36.33 -29.86
C TYR A 498 -8.06 -35.62 -30.75
N ASN A 499 -8.81 -36.36 -31.55
CA ASN A 499 -9.86 -35.80 -32.40
C ASN A 499 -11.18 -35.68 -31.67
N SER A 500 -11.16 -35.60 -30.35
CA SER A 500 -12.34 -35.42 -29.52
C SER A 500 -12.21 -34.14 -28.72
N LEU A 501 -13.33 -33.47 -28.48
CA LEU A 501 -13.32 -32.22 -27.73
C LEU A 501 -12.82 -32.43 -26.31
N TYR A 502 -13.26 -33.52 -25.66
CA TYR A 502 -12.85 -33.78 -24.29
C TYR A 502 -11.34 -33.96 -24.17
N SER A 503 -10.75 -34.73 -25.10
CA SER A 503 -9.32 -35.01 -25.02
C SER A 503 -8.50 -33.74 -25.20
N THR A 504 -8.86 -32.91 -26.19
CA THR A 504 -8.12 -31.68 -26.43
C THR A 504 -8.34 -30.68 -25.29
N CYS A 505 -9.54 -30.65 -24.72
CA CYS A 505 -9.77 -29.78 -23.56
C CYS A 505 -8.88 -30.18 -22.40
N LEU A 506 -8.77 -31.48 -22.14
CA LEU A 506 -7.89 -31.95 -21.06
C LEU A 506 -6.43 -31.63 -21.35
N GLU A 507 -6.00 -31.84 -22.60
CA GLU A 507 -4.62 -31.53 -22.97
C GLU A 507 -4.31 -30.06 -22.76
N LEU A 508 -5.24 -29.17 -23.12
CA LEU A 508 -4.99 -27.74 -22.96
C LEU A 508 -5.08 -27.32 -21.50
N PHE A 509 -5.94 -27.96 -20.72
CA PHE A 509 -6.00 -27.66 -19.29
C PHE A 509 -4.74 -28.09 -18.57
N LYS A 510 -4.06 -29.13 -19.07
CA LYS A 510 -2.81 -29.55 -18.44
C LYS A 510 -1.79 -28.41 -18.39
N PHE A 511 -1.84 -27.49 -19.35
CA PHE A 511 -0.92 -26.35 -19.34
C PHE A 511 -1.10 -25.49 -18.09
N THR A 512 -2.32 -25.41 -17.56
CA THR A 512 -2.58 -24.57 -16.40
C THR A 512 -1.85 -25.07 -15.16
N ILE A 513 -1.67 -26.38 -15.03
CA ILE A 513 -1.11 -26.97 -13.82
C ILE A 513 0.38 -27.32 -14.00
N GLY A 514 1.03 -26.76 -15.01
CA GLY A 514 2.45 -26.97 -15.20
C GLY A 514 2.83 -28.27 -15.86
N MET A 515 1.95 -28.86 -16.66
CA MET A 515 2.19 -30.16 -17.28
C MET A 515 1.90 -30.17 -18.77
N GLY A 516 1.93 -29.01 -19.43
CA GLY A 516 1.59 -28.96 -20.84
C GLY A 516 2.68 -29.53 -21.72
N ASP A 517 2.27 -30.22 -22.79
CA ASP A 517 3.19 -30.97 -23.62
C ASP A 517 3.80 -30.12 -24.74
N LEU A 518 2.99 -29.40 -25.49
CA LEU A 518 3.33 -28.61 -26.68
C LEU A 518 3.59 -29.49 -27.89
N GLU A 519 3.63 -30.82 -27.75
CA GLU A 519 3.84 -31.72 -28.88
C GLU A 519 2.99 -32.97 -28.72
N PHE A 520 1.82 -32.85 -28.11
CA PHE A 520 1.04 -34.03 -27.75
C PHE A 520 0.45 -34.75 -28.95
N THR A 521 0.46 -34.14 -30.13
CA THR A 521 -0.07 -34.78 -31.32
C THR A 521 0.67 -34.28 -32.54
N GLU A 522 0.58 -35.06 -33.63
CA GLU A 522 1.13 -34.68 -34.92
C GLU A 522 0.13 -34.88 -36.05
N ASN A 523 -1.11 -35.26 -35.74
CA ASN A 523 -2.11 -35.58 -36.75
C ASN A 523 -2.74 -34.29 -37.25
N TYR A 524 -2.03 -33.60 -38.13
CA TYR A 524 -2.52 -32.38 -38.72
C TYR A 524 -1.62 -32.02 -39.90
N ASP A 525 -2.11 -31.10 -40.72
CA ASP A 525 -1.26 -30.31 -41.60
C ASP A 525 -1.05 -28.94 -40.97
N PHE A 526 -0.11 -28.18 -41.53
CA PHE A 526 0.15 -26.82 -41.05
C PHE A 526 0.57 -26.83 -39.58
N LYS A 527 1.74 -27.42 -39.34
CA LYS A 527 2.31 -27.42 -37.99
C LYS A 527 2.45 -26.00 -37.45
N ALA A 528 2.70 -25.03 -38.33
CA ALA A 528 2.83 -23.64 -37.88
C ALA A 528 1.53 -23.16 -37.24
N VAL A 529 0.39 -23.53 -37.80
CA VAL A 529 -0.89 -23.13 -37.22
C VAL A 529 -1.05 -23.74 -35.83
N PHE A 530 -0.69 -25.01 -35.69
CA PHE A 530 -0.79 -25.68 -34.40
C PHE A 530 0.06 -24.98 -33.35
N ILE A 531 1.32 -24.70 -33.68
CA ILE A 531 2.22 -24.09 -32.70
C ILE A 531 1.80 -22.67 -32.40
N ILE A 532 1.32 -21.93 -33.40
CA ILE A 532 0.87 -20.55 -33.16
C ILE A 532 -0.33 -20.57 -32.21
N LEU A 533 -1.29 -21.46 -32.44
CA LEU A 533 -2.44 -21.55 -31.55
C LEU A 533 -2.00 -21.88 -30.13
N LEU A 534 -1.12 -22.86 -29.97
CA LEU A 534 -0.68 -23.25 -28.64
C LEU A 534 0.05 -22.11 -27.94
N LEU A 535 0.95 -21.43 -28.65
CA LEU A 535 1.69 -20.33 -28.04
C LEU A 535 0.77 -19.18 -27.65
N ALA A 536 -0.20 -18.85 -28.51
CA ALA A 536 -1.14 -17.79 -28.17
C ALA A 536 -1.95 -18.13 -26.93
N TYR A 537 -2.44 -19.37 -26.86
CA TYR A 537 -3.19 -19.79 -25.67
C TYR A 537 -2.31 -19.73 -24.42
N VAL A 538 -1.07 -20.20 -24.53
CA VAL A 538 -0.18 -20.19 -23.37
C VAL A 538 0.07 -18.77 -22.89
N ILE A 539 0.38 -17.87 -23.82
CA ILE A 539 0.65 -16.48 -23.43
C ILE A 539 -0.58 -15.86 -22.80
N LEU A 540 -1.75 -16.09 -23.39
CA LEU A 540 -2.96 -15.44 -22.88
C LEU A 540 -3.36 -15.96 -21.51
N THR A 541 -3.23 -17.27 -21.27
CA THR A 541 -3.69 -17.82 -19.99
C THR A 541 -2.55 -17.91 -18.98
N TYR A 542 -1.54 -18.73 -19.26
CA TYR A 542 -0.54 -19.07 -18.25
C TYR A 542 0.25 -17.84 -17.80
N ILE A 543 0.69 -17.02 -18.74
CA ILE A 543 1.59 -15.92 -18.41
C ILE A 543 0.84 -14.67 -17.96
N LEU A 544 -0.40 -14.48 -18.42
CA LEU A 544 -1.16 -13.28 -18.11
C LEU A 544 -2.20 -13.50 -17.02
N LEU A 545 -3.12 -14.45 -17.22
CA LEU A 545 -4.32 -14.49 -16.38
C LEU A 545 -4.01 -14.99 -14.98
N LEU A 546 -3.15 -15.99 -14.84
CA LEU A 546 -2.85 -16.53 -13.52
C LEU A 546 -2.09 -15.51 -12.67
N ASN A 547 -1.10 -14.85 -13.26
CA ASN A 547 -0.36 -13.83 -12.52
C ASN A 547 -1.26 -12.64 -12.18
N MET A 548 -2.15 -12.27 -13.09
CA MET A 548 -3.12 -11.22 -12.79
C MET A 548 -4.05 -11.64 -11.66
N LEU A 549 -4.39 -12.94 -11.60
CA LEU A 549 -5.20 -13.43 -10.49
C LEU A 549 -4.46 -13.28 -9.17
N ILE A 550 -3.16 -13.58 -9.17
CA ILE A 550 -2.38 -13.38 -7.95
C ILE A 550 -2.41 -11.90 -7.53
N ALA A 551 -2.23 -11.01 -8.50
CA ALA A 551 -2.23 -9.57 -8.18
C ALA A 551 -3.58 -9.11 -7.62
N LEU A 552 -4.67 -9.56 -8.24
CA LEU A 552 -6.00 -9.18 -7.77
C LEU A 552 -6.28 -9.75 -6.39
N MET A 553 -5.82 -10.97 -6.13
CA MET A 553 -5.94 -11.53 -4.79
C MET A 553 -5.19 -10.68 -3.78
N GLY A 554 -4.00 -10.21 -4.15
CA GLY A 554 -3.26 -9.33 -3.25
C GLY A 554 -4.02 -8.06 -2.92
N GLU A 555 -4.60 -7.42 -3.94
CA GLU A 555 -5.41 -6.24 -3.69
C GLU A 555 -6.57 -6.55 -2.74
N THR A 556 -7.32 -7.61 -3.03
CA THR A 556 -8.48 -7.94 -2.22
C THR A 556 -8.07 -8.21 -0.77
N VAL A 557 -7.00 -8.98 -0.58
CA VAL A 557 -6.51 -9.26 0.77
C VAL A 557 -6.15 -7.96 1.47
N ASN A 558 -5.57 -7.02 0.73
CA ASN A 558 -5.22 -5.74 1.33
C ASN A 558 -6.46 -4.95 1.77
N LYS A 559 -7.60 -5.15 1.10
CA LYS A 559 -8.75 -4.29 1.32
C LYS A 559 -9.83 -4.85 2.25
N ILE A 560 -9.66 -6.04 2.84
CA ILE A 560 -10.79 -6.67 3.53
C ILE A 560 -10.48 -7.16 4.94
N ALA A 561 -9.51 -6.57 5.62
CA ALA A 561 -9.16 -7.05 6.95
C ALA A 561 -10.31 -6.83 7.94
N GLN A 562 -10.80 -5.58 8.03
CA GLN A 562 -11.83 -5.26 9.01
C GLN A 562 -13.14 -5.93 8.68
N GLU A 563 -13.50 -5.98 7.40
CA GLU A 563 -14.74 -6.64 6.99
C GLU A 563 -14.71 -8.12 7.38
N SER A 564 -13.58 -8.78 7.15
CA SER A 564 -13.46 -10.20 7.51
C SER A 564 -13.54 -10.40 9.02
N LYS A 565 -12.91 -9.51 9.79
CA LYS A 565 -13.01 -9.62 11.25
C LYS A 565 -14.46 -9.47 11.71
N ASN A 566 -15.17 -8.49 11.15
CA ASN A 566 -16.57 -8.29 11.55
C ASN A 566 -17.44 -9.48 11.15
N ILE A 567 -17.20 -10.05 9.97
CA ILE A 567 -17.98 -11.20 9.55
C ILE A 567 -17.72 -12.39 10.46
N TRP A 568 -16.46 -12.60 10.86
CA TRP A 568 -16.18 -13.68 11.80
C TRP A 568 -16.89 -13.45 13.12
N LYS A 569 -16.92 -12.21 13.60
CA LYS A 569 -17.61 -11.93 14.85
C LYS A 569 -19.10 -12.21 14.74
N LEU A 570 -19.70 -11.86 13.61
CA LEU A 570 -21.12 -12.17 13.42
C LEU A 570 -21.36 -13.68 13.37
N GLN A 571 -20.44 -14.42 12.72
CA GLN A 571 -20.58 -15.87 12.68
C GLN A 571 -20.54 -16.47 14.08
N ARG A 572 -19.60 -16.01 14.91
CA ARG A 572 -19.54 -16.52 16.27
C ARG A 572 -20.76 -16.12 17.08
N ALA A 573 -21.30 -14.92 16.84
CA ALA A 573 -22.53 -14.53 17.52
C ALA A 573 -23.68 -15.45 17.15
N ILE A 574 -23.79 -15.81 15.88
CA ILE A 574 -24.84 -16.74 15.45
C ILE A 574 -24.65 -18.09 16.14
N THR A 575 -23.41 -18.57 16.22
CA THR A 575 -23.16 -19.82 16.91
C THR A 575 -23.58 -19.75 18.37
N ILE A 576 -23.25 -18.64 19.04
CA ILE A 576 -23.60 -18.49 20.46
C ILE A 576 -25.11 -18.49 20.64
N LEU A 577 -25.82 -17.74 19.78
CA LEU A 577 -27.27 -17.68 19.90
C LEU A 577 -27.91 -19.04 19.64
N ASP A 578 -27.41 -19.78 18.64
CA ASP A 578 -27.95 -21.10 18.37
C ASP A 578 -27.73 -22.03 19.57
N THR A 579 -26.53 -22.01 20.14
CA THR A 579 -26.26 -22.85 21.31
C THR A 579 -27.18 -22.48 22.47
N GLU A 580 -27.39 -21.18 22.69
CA GLU A 580 -28.29 -20.75 23.74
C GLU A 580 -29.70 -21.26 23.50
N LYS A 581 -30.19 -21.11 22.27
CA LYS A 581 -31.56 -21.52 21.96
C LYS A 581 -31.74 -23.02 22.14
N SER A 582 -30.78 -23.81 21.70
CA SER A 582 -30.81 -25.27 21.85
C SER A 582 -29.59 -25.67 22.67
N PHE A 583 -29.74 -25.65 24.00
CA PHE A 583 -28.62 -25.96 24.87
C PHE A 583 -28.25 -27.43 24.74
N LEU A 584 -27.09 -27.79 25.29
CA LEU A 584 -26.56 -29.13 25.07
C LEU A 584 -27.55 -30.20 25.52
N LYS A 585 -27.82 -30.32 26.82
CA LYS A 585 -28.83 -31.26 27.28
C LYS A 585 -29.98 -30.58 28.01
N CYS A 586 -29.75 -29.96 29.17
CA CYS A 586 -30.86 -29.33 29.88
C CYS A 586 -30.50 -28.11 30.71
N MET A 587 -29.25 -27.67 30.75
CA MET A 587 -28.82 -26.67 31.73
C MET A 587 -28.95 -25.27 31.13
N ARG A 588 -29.90 -24.50 31.66
CA ARG A 588 -30.15 -23.13 31.19
C ARG A 588 -29.47 -22.12 32.10
N LYS A 589 -28.14 -22.17 32.13
CA LYS A 589 -27.34 -21.24 32.91
C LYS A 589 -27.00 -19.97 32.14
N ALA A 590 -27.63 -19.76 31.00
CA ALA A 590 -27.27 -18.67 30.09
C ALA A 590 -27.97 -17.38 30.49
N PHE A 591 -27.62 -16.88 31.67
CA PHE A 591 -28.16 -15.62 32.18
C PHE A 591 -27.06 -14.58 32.22
N ARG A 592 -27.34 -13.43 31.66
CA ARG A 592 -26.39 -12.31 31.53
C ARG A 592 -25.50 -11.81 32.64
N SER A 593 -26.07 -11.25 33.69
CA SER A 593 -25.27 -10.68 34.78
C SER A 593 -26.06 -10.68 36.07
N GLY A 594 -25.73 -9.83 37.01
CA GLY A 594 -26.32 -9.82 38.33
C GLY A 594 -27.56 -8.94 38.29
N LYS A 595 -28.37 -9.10 39.33
CA LYS A 595 -29.61 -8.35 39.52
C LYS A 595 -29.30 -7.26 40.55
N LEU A 596 -29.33 -5.99 40.12
CA LEU A 596 -28.80 -4.91 40.94
C LEU A 596 -29.71 -3.69 40.92
N LEU A 597 -29.58 -2.87 41.96
CA LEU A 597 -30.11 -1.52 41.98
C LEU A 597 -29.08 -0.59 41.34
N GLN A 598 -29.53 0.21 40.36
CA GLN A 598 -28.65 1.10 39.61
C GLN A 598 -29.05 2.56 39.72
N VAL A 599 -30.36 2.86 39.83
CA VAL A 599 -30.81 4.22 40.04
C VAL A 599 -31.55 4.38 41.35
N GLY A 600 -31.68 3.31 42.12
CA GLY A 600 -32.38 3.36 43.37
C GLY A 600 -33.87 3.22 43.19
N PHE A 601 -34.52 4.28 42.72
CA PHE A 601 -35.98 4.35 42.72
C PHE A 601 -36.48 5.07 41.48
N THR A 602 -37.70 4.73 41.09
CA THR A 602 -38.40 5.37 39.99
C THR A 602 -38.89 6.74 40.46
N PRO A 603 -39.57 7.50 39.59
CA PRO A 603 -40.26 8.69 40.09
C PRO A 603 -41.18 8.37 41.26
N ASP A 604 -41.86 7.22 41.23
CA ASP A 604 -42.62 6.75 42.41
C ASP A 604 -41.56 6.24 43.38
N GLY A 605 -41.87 6.08 44.65
CA GLY A 605 -40.93 5.71 45.69
C GLY A 605 -40.38 4.29 45.55
N LYS A 606 -41.01 3.47 44.72
CA LYS A 606 -40.57 2.09 44.58
C LYS A 606 -39.17 2.02 43.97
N ASP A 607 -38.46 0.93 44.29
CA ASP A 607 -37.11 0.69 43.80
C ASP A 607 -37.12 -0.24 42.60
N ASP A 608 -36.07 -0.15 41.79
CA ASP A 608 -36.00 -0.86 40.52
C ASP A 608 -34.69 -1.63 40.39
N TYR A 609 -34.80 -2.86 39.88
CA TYR A 609 -33.66 -3.68 39.51
C TYR A 609 -33.68 -3.87 38.00
N ARG A 610 -32.52 -3.92 37.37
CA ARG A 610 -32.48 -3.86 35.91
C ARG A 610 -31.68 -4.98 35.25
N TRP A 611 -31.00 -5.86 35.98
CA TRP A 611 -30.12 -6.88 35.31
C TRP A 611 -28.92 -6.28 34.59
N CYS A 612 -28.14 -5.45 35.27
CA CYS A 612 -27.00 -4.79 34.64
C CYS A 612 -25.77 -5.64 34.34
N PHE A 613 -24.94 -5.12 33.43
CA PHE A 613 -23.68 -5.74 33.04
C PHE A 613 -22.54 -4.80 33.41
N ARG A 614 -21.55 -5.33 34.13
CA ARG A 614 -20.51 -4.51 34.72
C ARG A 614 -19.27 -4.45 33.83
N VAL A 615 -18.74 -3.24 33.65
CA VAL A 615 -17.52 -3.01 32.89
C VAL A 615 -16.65 -2.05 33.69
N ASP A 616 -15.38 -2.41 33.88
CA ASP A 616 -14.43 -1.58 34.61
C ASP A 616 -13.59 -0.76 33.64
N GLU A 617 -13.36 0.50 34.00
CA GLU A 617 -12.65 1.44 33.14
C GLU A 617 -11.65 2.21 33.97
N VAL A 618 -10.52 2.57 33.35
CA VAL A 618 -9.48 3.37 33.98
C VAL A 618 -9.26 4.61 33.13
N ASN A 619 -9.27 5.78 33.78
CA ASN A 619 -9.06 7.05 33.10
C ASN A 619 -8.15 7.91 33.96
N TRP A 620 -7.18 8.57 33.34
CA TRP A 620 -6.21 9.39 34.05
C TRP A 620 -6.43 10.88 33.87
N THR A 621 -6.77 11.32 32.66
CA THR A 621 -7.15 12.71 32.44
C THR A 621 -8.53 12.94 33.03
N THR A 622 -8.89 14.19 33.36
CA THR A 622 -10.17 14.49 34.06
C THR A 622 -10.18 13.70 35.35
N TRP A 623 -9.16 13.88 36.17
CA TRP A 623 -8.96 12.96 37.28
C TRP A 623 -10.16 12.54 38.13
N ASN A 624 -11.08 13.46 38.41
CA ASN A 624 -12.16 13.13 39.33
C ASN A 624 -13.39 13.97 39.01
N THR A 625 -14.47 13.30 38.63
CA THR A 625 -15.79 13.94 38.55
C THR A 625 -16.71 13.30 39.59
N ASN A 626 -16.74 11.97 39.60
CA ASN A 626 -17.48 11.28 40.69
C ASN A 626 -18.87 11.89 40.93
N VAL A 627 -19.58 12.28 39.86
CA VAL A 627 -20.97 12.69 40.02
C VAL A 627 -21.88 11.50 39.77
N GLY A 628 -22.97 11.41 40.53
CA GLY A 628 -23.99 10.41 40.29
C GLY A 628 -23.65 9.00 40.73
N ILE A 629 -22.56 8.80 41.47
CA ILE A 629 -22.16 7.46 41.88
C ILE A 629 -23.29 6.80 42.66
N ILE A 630 -23.50 5.51 42.42
CA ILE A 630 -24.58 4.79 43.08
C ILE A 630 -24.17 4.39 44.49
N ASN A 631 -23.00 3.75 44.63
CA ASN A 631 -22.64 3.04 45.85
C ASN A 631 -21.33 3.57 46.40
N GLU A 632 -21.32 3.85 47.70
CA GLU A 632 -20.08 3.96 48.46
C GLU A 632 -19.64 2.56 48.87
N ASP A 633 -18.41 2.45 49.35
CA ASP A 633 -17.33 1.57 49.77
C ASP A 633 -16.92 0.72 48.56
N PRO A 634 -16.26 1.33 47.57
CA PRO A 634 -16.12 0.67 46.27
C PRO A 634 -15.46 -0.70 46.39
N GLY A 635 -15.93 -1.63 45.55
CA GLY A 635 -15.39 -2.98 45.53
C GLY A 635 -16.36 -3.99 46.14
N LEU B 80 -6.14 64.00 -33.01
CA LEU B 80 -6.31 62.81 -32.13
C LEU B 80 -6.33 61.53 -32.96
N LYS B 81 -7.28 61.44 -33.89
CA LYS B 81 -7.37 60.28 -34.75
C LYS B 81 -6.13 60.18 -35.62
N GLN B 82 -5.71 58.94 -35.90
CA GLN B 82 -4.50 58.57 -36.63
C GLN B 82 -3.26 58.73 -35.75
N PHE B 83 -3.40 59.26 -34.54
CA PHE B 83 -2.31 59.33 -33.56
C PHE B 83 -2.56 58.48 -32.34
N VAL B 84 -3.77 58.54 -31.77
CA VAL B 84 -4.16 57.63 -30.70
C VAL B 84 -4.64 56.29 -31.24
N ASN B 85 -4.78 56.16 -32.56
CA ASN B 85 -5.20 54.91 -33.19
C ASN B 85 -4.07 54.25 -33.97
N ALA B 86 -2.85 54.77 -33.89
CA ALA B 86 -1.73 54.17 -34.59
C ALA B 86 -1.49 52.76 -34.09
N SER B 87 -1.17 51.85 -35.02
CA SER B 87 -0.99 50.45 -34.69
C SER B 87 0.26 49.92 -35.36
N TYR B 88 0.82 48.87 -34.77
CA TYR B 88 2.00 48.23 -35.32
C TYR B 88 1.71 47.67 -36.70
N THR B 89 2.71 47.75 -37.59
CA THR B 89 2.59 47.23 -38.95
C THR B 89 3.34 45.93 -39.15
N ASP B 90 4.20 45.52 -38.22
CA ASP B 90 4.92 44.27 -38.36
C ASP B 90 3.96 43.09 -38.27
N SER B 91 4.20 42.06 -39.07
CA SER B 91 3.33 40.89 -39.07
C SER B 91 3.31 40.21 -37.70
N TYR B 92 4.37 40.40 -36.90
CA TYR B 92 4.42 39.80 -35.58
C TYR B 92 3.47 40.51 -34.62
N TYR B 93 3.46 41.84 -34.63
CA TYR B 93 2.63 42.64 -33.75
C TYR B 93 1.53 43.38 -34.52
N LYS B 94 1.17 42.90 -35.71
CA LYS B 94 0.18 43.61 -36.52
C LYS B 94 -1.12 43.78 -35.74
N GLY B 95 -1.65 45.01 -35.76
CA GLY B 95 -2.93 45.30 -35.16
C GLY B 95 -2.87 45.81 -33.74
N GLN B 96 -1.73 45.70 -33.07
CA GLN B 96 -1.64 46.18 -31.69
C GLN B 96 -1.86 47.70 -31.64
N THR B 97 -2.55 48.15 -30.60
CA THR B 97 -2.88 49.56 -30.43
C THR B 97 -2.59 49.99 -29.00
N ALA B 98 -2.44 51.30 -28.80
CA ALA B 98 -2.14 51.82 -27.47
C ALA B 98 -3.18 51.40 -26.46
N LEU B 99 -4.43 51.19 -26.90
CA LEU B 99 -5.47 50.72 -25.99
C LEU B 99 -5.12 49.34 -25.45
N HIS B 100 -4.62 48.46 -26.32
CA HIS B 100 -4.21 47.13 -25.86
C HIS B 100 -3.12 47.22 -24.82
N ILE B 101 -2.12 48.08 -25.05
CA ILE B 101 -1.02 48.24 -24.09
C ILE B 101 -1.56 48.77 -22.77
N ALA B 102 -2.45 49.76 -22.83
CA ALA B 102 -3.02 50.31 -21.59
C ALA B 102 -3.79 49.25 -20.82
N ILE B 103 -4.57 48.43 -21.53
CA ILE B 103 -5.33 47.38 -20.86
C ILE B 103 -4.39 46.37 -20.23
N GLU B 104 -3.33 45.98 -20.94
CA GLU B 104 -2.43 44.96 -20.42
C GLU B 104 -1.77 45.39 -19.13
N ARG B 105 -1.32 46.65 -19.05
CA ARG B 105 -0.61 47.14 -17.88
C ARG B 105 -1.51 47.31 -16.66
N ARG B 106 -2.83 47.11 -16.81
CA ARG B 106 -3.76 47.20 -15.69
C ARG B 106 -3.86 48.64 -15.17
N ASN B 107 -4.01 49.58 -16.10
CA ASN B 107 -4.10 51.00 -15.79
C ASN B 107 -5.49 51.48 -16.19
N MET B 108 -6.34 51.71 -15.20
CA MET B 108 -7.70 52.16 -15.48
C MET B 108 -7.71 53.60 -15.97
N THR B 109 -6.94 54.48 -15.33
CA THR B 109 -6.95 55.89 -15.70
C THR B 109 -6.47 56.08 -17.13
N LEU B 110 -5.40 55.39 -17.51
CA LEU B 110 -4.90 55.51 -18.88
C LEU B 110 -5.94 55.01 -19.88
N VAL B 111 -6.62 53.91 -19.56
CA VAL B 111 -7.64 53.37 -20.46
C VAL B 111 -8.77 54.38 -20.64
N THR B 112 -9.24 54.97 -19.53
CA THR B 112 -10.30 55.97 -19.63
C THR B 112 -9.84 57.17 -20.45
N LEU B 113 -8.62 57.64 -20.22
CA LEU B 113 -8.12 58.78 -20.98
C LEU B 113 -8.07 58.47 -22.47
N LEU B 114 -7.56 57.28 -22.83
CA LEU B 114 -7.47 56.92 -24.23
C LEU B 114 -8.85 56.80 -24.86
N VAL B 115 -9.80 56.21 -24.13
CA VAL B 115 -11.15 56.06 -24.67
C VAL B 115 -11.80 57.43 -24.87
N GLU B 116 -11.51 58.37 -23.97
CA GLU B 116 -12.10 59.70 -24.09
C GLU B 116 -11.69 60.37 -25.40
N ASN B 117 -10.44 60.21 -25.80
CA ASN B 117 -9.91 60.86 -27.00
C ASN B 117 -10.27 60.11 -28.29
N GLY B 118 -11.26 59.23 -28.26
CA GLY B 118 -11.71 58.56 -29.47
C GLY B 118 -11.02 57.27 -29.80
N ALA B 119 -10.34 56.65 -28.84
CA ALA B 119 -9.70 55.37 -29.10
C ALA B 119 -10.74 54.34 -29.53
N ASP B 120 -10.43 53.61 -30.60
CA ASP B 120 -11.36 52.62 -31.14
C ASP B 120 -11.31 51.36 -30.28
N VAL B 121 -12.48 50.88 -29.86
CA VAL B 121 -12.57 49.69 -29.02
C VAL B 121 -12.77 48.41 -29.81
N GLN B 122 -12.89 48.49 -31.13
CA GLN B 122 -13.02 47.31 -31.98
C GLN B 122 -11.73 46.98 -32.72
N ALA B 123 -10.61 47.56 -32.32
CA ALA B 123 -9.34 47.24 -32.95
C ALA B 123 -8.97 45.79 -32.71
N ALA B 124 -8.50 45.13 -33.76
CA ALA B 124 -8.15 43.71 -33.70
C ALA B 124 -6.63 43.55 -33.82
N ALA B 125 -6.05 42.82 -32.87
CA ALA B 125 -4.62 42.52 -32.87
C ALA B 125 -4.43 41.20 -33.59
N ASN B 126 -4.04 41.28 -34.86
CA ASN B 126 -3.90 40.11 -35.72
C ASN B 126 -2.45 39.63 -35.83
N GLY B 127 -1.55 40.17 -35.02
CA GLY B 127 -0.15 39.79 -35.12
C GLY B 127 0.08 38.32 -34.79
N ASP B 128 1.15 37.78 -35.35
CA ASP B 128 1.48 36.38 -35.13
C ASP B 128 1.78 36.10 -33.66
N PHE B 129 2.27 37.10 -32.93
CA PHE B 129 2.52 36.90 -31.50
C PHE B 129 1.22 36.65 -30.75
N PHE B 130 0.08 37.02 -31.33
CA PHE B 130 -1.22 36.87 -30.68
C PHE B 130 -1.95 35.62 -31.17
N LYS B 131 -1.29 34.72 -31.88
CA LYS B 131 -1.91 33.49 -32.31
C LYS B 131 -1.86 32.45 -31.19
N LYS B 132 -2.69 31.42 -31.34
CA LYS B 132 -2.85 30.43 -30.28
C LYS B 132 -1.54 29.72 -29.97
N THR B 133 -0.98 29.02 -30.95
CA THR B 133 0.22 28.22 -30.73
C THR B 133 1.29 28.35 -31.80
N LYS B 134 0.95 28.78 -33.02
CA LYS B 134 1.93 28.84 -34.10
C LYS B 134 3.11 29.71 -33.66
N GLY B 135 4.27 29.10 -33.51
CA GLY B 135 5.40 29.77 -32.88
C GLY B 135 5.34 29.55 -31.37
N ARG B 136 6.44 29.08 -30.79
CA ARG B 136 6.45 28.75 -29.37
C ARG B 136 5.99 29.89 -28.48
N PRO B 137 6.51 31.11 -28.62
CA PRO B 137 6.02 32.22 -27.80
C PRO B 137 4.72 32.80 -28.34
N GLY B 138 3.98 33.42 -27.44
CA GLY B 138 2.73 34.08 -27.78
C GLY B 138 1.69 33.88 -26.70
N PHE B 139 0.68 34.74 -26.72
CA PHE B 139 -0.44 34.67 -25.78
C PHE B 139 -1.71 35.06 -26.54
N TYR B 140 -2.61 34.10 -26.71
CA TYR B 140 -3.86 34.34 -27.43
C TYR B 140 -4.94 34.74 -26.43
N PHE B 141 -5.68 35.80 -26.75
CA PHE B 141 -6.72 36.29 -25.87
C PHE B 141 -7.98 36.73 -26.61
N GLY B 142 -8.11 36.44 -27.90
CA GLY B 142 -9.28 36.81 -28.68
C GLY B 142 -9.09 37.98 -29.61
N GLU B 143 -7.98 38.72 -29.49
CA GLU B 143 -7.57 39.80 -30.37
C GLU B 143 -8.33 41.10 -30.13
N LEU B 144 -9.34 41.13 -29.25
CA LEU B 144 -10.10 42.35 -29.03
C LEU B 144 -9.82 42.90 -27.62
N PRO B 145 -9.91 44.23 -27.44
CA PRO B 145 -9.66 44.77 -26.09
C PRO B 145 -10.60 44.23 -25.04
N LEU B 146 -11.87 44.02 -25.38
CA LEU B 146 -12.79 43.43 -24.40
C LEU B 146 -12.38 42.01 -24.05
N SER B 147 -12.03 41.20 -25.06
CA SER B 147 -11.54 39.86 -24.80
C SER B 147 -10.23 39.89 -24.01
N LEU B 148 -9.35 40.83 -24.34
CA LEU B 148 -8.10 40.95 -23.61
C LEU B 148 -8.35 41.25 -22.14
N ALA B 149 -9.25 42.19 -21.86
CA ALA B 149 -9.55 42.53 -20.47
C ALA B 149 -10.21 41.37 -19.74
N ALA B 150 -11.11 40.66 -20.43
CA ALA B 150 -11.78 39.52 -19.79
C ALA B 150 -10.80 38.41 -19.47
N CYS B 151 -9.91 38.08 -20.41
CA CYS B 151 -8.97 36.99 -20.21
C CYS B 151 -7.84 37.35 -19.25
N THR B 152 -7.72 38.61 -18.84
CA THR B 152 -6.70 39.03 -17.90
C THR B 152 -7.26 39.33 -16.51
N ASN B 153 -8.53 39.03 -16.27
CA ASN B 153 -9.13 39.17 -14.94
C ASN B 153 -9.18 40.64 -14.51
N GLN B 154 -9.75 41.48 -15.36
CA GLN B 154 -9.96 42.90 -15.08
C GLN B 154 -11.45 43.19 -15.25
N LEU B 155 -12.20 42.97 -14.16
CA LEU B 155 -13.65 43.16 -14.23
C LEU B 155 -14.02 44.62 -14.42
N ALA B 156 -13.34 45.52 -13.71
CA ALA B 156 -13.68 46.94 -13.80
C ALA B 156 -13.48 47.48 -15.21
N ILE B 157 -12.37 47.11 -15.85
CA ILE B 157 -12.12 47.58 -17.21
C ILE B 157 -13.15 47.00 -18.17
N VAL B 158 -13.53 45.75 -17.97
CA VAL B 158 -14.54 45.13 -18.82
C VAL B 158 -15.86 45.88 -18.70
N LYS B 159 -16.28 46.17 -17.46
CA LYS B 159 -17.51 46.90 -17.25
C LYS B 159 -17.44 48.28 -17.88
N PHE B 160 -16.32 48.98 -17.70
CA PHE B 160 -16.19 50.31 -18.28
C PHE B 160 -16.29 50.27 -19.79
N LEU B 161 -15.60 49.33 -20.43
CA LEU B 161 -15.69 49.20 -21.87
C LEU B 161 -17.11 48.87 -22.31
N LEU B 162 -17.84 48.10 -21.50
CA LEU B 162 -19.18 47.70 -21.90
C LEU B 162 -20.18 48.84 -21.78
N GLN B 163 -20.04 49.68 -20.76
CA GLN B 163 -21.02 50.73 -20.47
C GLN B 163 -20.35 52.09 -20.33
N ASN B 164 -19.54 52.44 -21.34
CA ASN B 164 -18.90 53.77 -21.42
C ASN B 164 -19.85 54.65 -22.21
N SER B 165 -19.79 55.96 -22.01
CA SER B 165 -20.64 56.91 -22.70
C SER B 165 -20.05 57.38 -24.02
N TRP B 166 -18.82 57.01 -24.34
CA TRP B 166 -18.14 57.47 -25.56
C TRP B 166 -18.29 56.46 -26.69
N GLN B 167 -17.88 55.22 -26.47
CA GLN B 167 -17.98 54.17 -27.49
C GLN B 167 -18.16 52.83 -26.79
N PRO B 168 -19.39 52.43 -26.49
CA PRO B 168 -19.61 51.13 -25.84
C PRO B 168 -19.10 49.99 -26.71
N ALA B 169 -18.56 48.98 -26.04
CA ALA B 169 -18.01 47.82 -26.73
C ALA B 169 -19.12 46.87 -27.17
N ASP B 170 -18.86 46.17 -28.27
CA ASP B 170 -19.82 45.20 -28.81
C ASP B 170 -19.61 43.87 -28.12
N ILE B 171 -20.63 43.40 -27.40
CA ILE B 171 -20.49 42.17 -26.63
C ILE B 171 -20.57 40.93 -27.51
N SER B 172 -21.16 41.04 -28.71
CA SER B 172 -21.32 39.91 -29.61
C SER B 172 -20.27 39.89 -30.71
N ALA B 173 -19.24 40.71 -30.61
CA ALA B 173 -18.21 40.75 -31.64
C ALA B 173 -17.42 39.44 -31.69
N ARG B 174 -17.01 39.06 -32.89
CA ARG B 174 -16.23 37.87 -33.12
C ARG B 174 -14.87 38.24 -33.72
N ASP B 175 -13.86 37.45 -33.39
CA ASP B 175 -12.51 37.67 -33.90
C ASP B 175 -12.37 37.02 -35.27
N SER B 176 -11.13 36.91 -35.75
CA SER B 176 -10.89 36.33 -37.07
C SER B 176 -11.39 34.90 -37.15
N VAL B 177 -11.15 34.10 -36.10
CA VAL B 177 -11.54 32.70 -36.10
C VAL B 177 -12.97 32.57 -35.60
N GLY B 178 -13.66 33.69 -35.41
CA GLY B 178 -15.05 33.67 -35.01
C GLY B 178 -15.30 33.54 -33.53
N ASN B 179 -14.27 33.59 -32.70
CA ASN B 179 -14.44 33.41 -31.27
C ASN B 179 -14.84 34.71 -30.61
N THR B 180 -15.91 34.67 -29.81
CA THR B 180 -16.36 35.80 -29.04
C THR B 180 -15.61 35.84 -27.71
N VAL B 181 -16.05 36.70 -26.79
CA VAL B 181 -15.38 36.81 -25.50
C VAL B 181 -15.52 35.52 -24.71
N LEU B 182 -16.68 34.87 -24.80
CA LEU B 182 -16.88 33.59 -24.10
C LEU B 182 -16.01 32.49 -24.70
N HIS B 183 -15.90 32.47 -26.03
CA HIS B 183 -15.01 31.51 -26.67
C HIS B 183 -13.58 31.69 -26.20
N ALA B 184 -13.10 32.94 -26.12
CA ALA B 184 -11.76 33.20 -25.64
C ALA B 184 -11.60 32.79 -24.18
N LEU B 185 -12.62 33.05 -23.36
CA LEU B 185 -12.56 32.65 -21.96
C LEU B 185 -12.44 31.13 -21.83
N VAL B 186 -13.16 30.39 -22.68
CA VAL B 186 -13.02 28.94 -22.68
C VAL B 186 -11.63 28.54 -23.16
N GLU B 187 -11.10 29.27 -24.14
CA GLU B 187 -9.80 28.93 -24.71
C GLU B 187 -8.67 29.11 -23.69
N VAL B 188 -8.77 30.13 -22.84
CA VAL B 188 -7.71 30.37 -21.86
C VAL B 188 -7.81 29.49 -20.64
N ALA B 189 -8.88 28.72 -20.49
CA ALA B 189 -9.01 27.82 -19.36
C ALA B 189 -8.00 26.68 -19.47
N ASP B 190 -7.43 26.28 -18.34
CA ASP B 190 -6.39 25.25 -18.33
C ASP B 190 -6.57 24.24 -17.20
N ASN B 191 -7.71 24.21 -16.53
CA ASN B 191 -8.06 23.16 -15.57
C ASN B 191 -7.23 23.25 -14.28
N THR B 192 -6.96 24.46 -13.81
CA THR B 192 -6.35 24.67 -12.50
C THR B 192 -7.31 25.48 -11.63
N VAL B 193 -7.12 25.37 -10.32
CA VAL B 193 -8.12 25.89 -9.37
C VAL B 193 -8.26 27.40 -9.54
N ASP B 194 -7.16 28.13 -9.50
CA ASP B 194 -7.22 29.58 -9.60
C ASP B 194 -7.72 30.02 -10.97
N ASN B 195 -7.18 29.42 -12.03
CA ASN B 195 -7.63 29.75 -13.38
C ASN B 195 -9.10 29.40 -13.57
N THR B 196 -9.52 28.24 -13.04
CA THR B 196 -10.91 27.84 -13.16
C THR B 196 -11.84 28.85 -12.47
N LYS B 197 -11.47 29.26 -11.25
CA LYS B 197 -12.29 30.22 -10.52
C LYS B 197 -12.37 31.54 -11.28
N PHE B 198 -11.25 32.10 -11.70
CA PHE B 198 -11.21 33.33 -12.51
C PHE B 198 -12.13 33.10 -13.70
N VAL B 199 -11.90 32.11 -14.58
CA VAL B 199 -12.69 31.98 -15.80
C VAL B 199 -14.18 31.84 -15.55
N THR B 200 -14.58 31.03 -14.58
CA THR B 200 -16.00 30.87 -14.31
C THR B 200 -16.62 32.17 -13.81
N SER B 201 -15.93 32.88 -12.91
CA SER B 201 -16.46 34.14 -12.41
C SER B 201 -16.62 35.15 -13.54
N MET B 202 -15.61 35.27 -14.40
CA MET B 202 -15.69 36.22 -15.50
C MET B 202 -16.79 35.83 -16.47
N TYR B 203 -16.93 34.53 -16.75
CA TYR B 203 -18.01 34.06 -17.62
C TYR B 203 -19.37 34.48 -17.06
N ASN B 204 -19.58 34.26 -15.77
CA ASN B 204 -20.84 34.62 -15.15
C ASN B 204 -21.10 36.13 -15.24
N GLU B 205 -20.08 36.92 -14.93
CA GLU B 205 -20.25 38.38 -14.96
C GLU B 205 -20.58 38.86 -16.37
N ILE B 206 -19.88 38.34 -17.38
CA ILE B 206 -20.16 38.73 -18.75
C ILE B 206 -21.57 38.34 -19.15
N LEU B 207 -22.00 37.13 -18.78
CA LEU B 207 -23.35 36.70 -19.11
C LEU B 207 -24.39 37.62 -18.49
N ILE B 208 -24.21 37.95 -17.21
CA ILE B 208 -25.20 38.81 -16.54
C ILE B 208 -25.22 40.19 -17.17
N LEU B 209 -24.04 40.76 -17.45
CA LEU B 209 -23.99 42.09 -18.05
C LEU B 209 -24.65 42.08 -19.42
N GLY B 210 -24.38 41.06 -20.24
CA GLY B 210 -25.01 40.99 -21.55
C GLY B 210 -26.51 40.85 -21.45
N ALA B 211 -27.00 40.07 -20.50
CA ALA B 211 -28.44 39.95 -20.32
C ALA B 211 -29.05 41.29 -19.90
N LYS B 212 -28.37 42.01 -19.01
CA LYS B 212 -28.89 43.31 -18.57
C LYS B 212 -28.93 44.30 -19.73
N LEU B 213 -27.86 44.38 -20.50
CA LEU B 213 -27.78 45.38 -21.57
C LEU B 213 -28.67 45.00 -22.75
N HIS B 214 -28.62 43.74 -23.17
CA HIS B 214 -29.38 43.26 -24.34
C HIS B 214 -30.15 42.01 -23.93
N PRO B 215 -31.32 42.16 -23.32
CA PRO B 215 -32.08 40.98 -22.87
C PRO B 215 -32.51 40.07 -24.01
N THR B 216 -32.51 40.55 -25.25
CA THR B 216 -32.97 39.76 -26.39
C THR B 216 -31.84 39.01 -27.10
N LEU B 217 -30.61 39.10 -26.60
CA LEU B 217 -29.47 38.48 -27.26
C LEU B 217 -29.13 37.14 -26.63
N LYS B 218 -28.82 36.15 -27.46
CA LYS B 218 -28.46 34.81 -27.02
C LYS B 218 -26.94 34.68 -27.20
N LEU B 219 -26.20 35.04 -26.15
CA LEU B 219 -24.74 35.03 -26.24
C LEU B 219 -24.21 33.61 -26.44
N GLU B 220 -24.78 32.64 -25.73
CA GLU B 220 -24.24 31.29 -25.71
C GLU B 220 -24.60 30.47 -26.95
N GLU B 221 -25.41 31.03 -27.86
CA GLU B 221 -25.78 30.33 -29.07
C GLU B 221 -24.94 30.74 -30.28
N ILE B 222 -23.96 31.63 -30.10
CA ILE B 222 -23.12 32.08 -31.19
C ILE B 222 -22.01 31.08 -31.42
N THR B 223 -21.84 30.64 -32.67
CA THR B 223 -20.84 29.66 -33.04
C THR B 223 -19.67 30.33 -33.74
N ASN B 224 -18.51 29.70 -33.65
CA ASN B 224 -17.29 30.20 -34.26
C ASN B 224 -17.14 29.64 -35.67
N ARG B 225 -15.97 29.83 -36.28
CA ARG B 225 -15.75 29.34 -37.64
C ARG B 225 -15.89 27.83 -37.72
N LYS B 226 -15.39 27.12 -36.70
CA LYS B 226 -15.53 25.66 -36.67
C LYS B 226 -16.96 25.22 -36.44
N GLY B 227 -17.87 26.13 -36.11
CA GLY B 227 -19.25 25.76 -35.86
C GLY B 227 -19.51 25.24 -34.46
N LEU B 228 -18.80 25.75 -33.46
CA LEU B 228 -18.92 25.31 -32.09
C LEU B 228 -19.37 26.46 -31.20
N THR B 229 -20.32 26.19 -30.31
CA THR B 229 -20.67 27.12 -29.27
C THR B 229 -19.67 27.00 -28.12
N PRO B 230 -19.67 27.95 -27.19
CA PRO B 230 -18.74 27.84 -26.05
C PRO B 230 -18.88 26.53 -25.29
N LEU B 231 -20.10 26.02 -25.12
CA LEU B 231 -20.27 24.75 -24.44
C LEU B 231 -19.68 23.60 -25.25
N ALA B 232 -19.92 23.59 -26.56
CA ALA B 232 -19.32 22.54 -27.40
C ALA B 232 -17.81 22.65 -27.41
N LEU B 233 -17.28 23.87 -27.46
CA LEU B 233 -15.84 24.05 -27.42
C LEU B 233 -15.25 23.53 -26.12
N ALA B 234 -15.91 23.81 -25.00
CA ALA B 234 -15.43 23.30 -23.72
C ALA B 234 -15.47 21.78 -23.68
N ALA B 235 -16.55 21.18 -24.20
CA ALA B 235 -16.67 19.73 -24.18
C ALA B 235 -15.63 19.06 -25.06
N SER B 236 -15.36 19.63 -26.24
CA SER B 236 -14.45 19.01 -27.20
C SER B 236 -12.99 19.29 -26.89
N SER B 237 -12.69 20.23 -26.00
CA SER B 237 -11.32 20.59 -25.67
C SER B 237 -10.87 20.05 -24.32
N GLY B 238 -11.76 19.41 -23.56
CA GLY B 238 -11.39 18.86 -22.28
C GLY B 238 -11.38 19.84 -21.14
N LYS B 239 -12.04 20.99 -21.29
CA LYS B 239 -12.10 22.00 -20.22
C LYS B 239 -13.18 21.58 -19.24
N ILE B 240 -12.78 20.71 -18.31
CA ILE B 240 -13.74 20.06 -17.41
C ILE B 240 -14.34 21.07 -16.44
N GLY B 241 -13.54 22.02 -15.95
CA GLY B 241 -14.06 22.99 -14.99
C GLY B 241 -15.13 23.87 -15.58
N VAL B 242 -14.88 24.39 -16.78
CA VAL B 242 -15.87 25.24 -17.45
C VAL B 242 -17.14 24.46 -17.75
N LEU B 243 -16.99 23.21 -18.19
CA LEU B 243 -18.15 22.39 -18.48
C LEU B 243 -18.98 22.14 -17.22
N ALA B 244 -18.30 21.82 -16.11
CA ALA B 244 -19.02 21.62 -14.86
C ALA B 244 -19.74 22.88 -14.43
N TYR B 245 -19.09 24.04 -14.56
CA TYR B 245 -19.75 25.29 -14.19
C TYR B 245 -20.98 25.53 -15.05
N ILE B 246 -20.87 25.32 -16.37
CA ILE B 246 -21.97 25.64 -17.27
C ILE B 246 -23.15 24.72 -17.02
N LEU B 247 -22.89 23.42 -16.90
CA LEU B 247 -23.99 22.46 -16.85
C LEU B 247 -24.82 22.60 -15.58
N GLN B 248 -24.22 23.11 -14.51
CA GLN B 248 -24.90 23.27 -13.22
C GLN B 248 -25.14 24.73 -12.87
N ARG B 249 -25.19 25.60 -13.87
CA ARG B 249 -25.28 27.04 -13.62
C ARG B 249 -26.61 27.38 -12.95
N GLU B 250 -26.53 28.17 -11.88
CA GLU B 250 -27.71 28.59 -11.13
C GLU B 250 -27.57 30.07 -10.81
N ILE B 251 -28.51 30.87 -11.31
CA ILE B 251 -28.52 32.32 -11.09
C ILE B 251 -29.80 32.66 -10.36
N HIS B 252 -29.67 33.19 -9.14
CA HIS B 252 -30.81 33.47 -8.28
C HIS B 252 -31.28 34.91 -8.35
N GLU B 253 -30.67 35.72 -9.21
CA GLU B 253 -31.01 37.13 -9.31
C GLU B 253 -32.24 37.29 -10.21
N PRO B 254 -33.35 37.85 -9.72
CA PRO B 254 -34.51 38.05 -10.59
C PRO B 254 -34.17 38.94 -11.78
N GLU B 255 -34.87 38.71 -12.88
CA GLU B 255 -34.72 39.38 -14.17
C GLU B 255 -33.52 38.81 -14.94
N CYS B 256 -32.72 37.91 -14.35
CA CYS B 256 -31.61 37.31 -15.07
C CYS B 256 -31.49 35.81 -14.78
N ARG B 257 -32.49 35.20 -14.13
CA ARG B 257 -32.41 33.78 -13.82
C ARG B 257 -32.79 32.88 -14.97
N HIS B 258 -33.29 33.44 -16.08
CA HIS B 258 -33.53 32.65 -17.27
C HIS B 258 -32.25 32.13 -17.90
N LEU B 259 -31.09 32.66 -17.50
CA LEU B 259 -29.81 32.19 -18.00
C LEU B 259 -29.36 30.90 -17.34
N SER B 260 -29.96 30.52 -16.22
CA SER B 260 -29.51 29.35 -15.49
C SER B 260 -29.90 28.07 -16.22
N ARG B 261 -29.16 27.00 -15.93
CA ARG B 261 -29.43 25.69 -16.51
C ARG B 261 -29.89 24.67 -15.47
N LYS B 262 -29.84 25.01 -14.19
CA LYS B 262 -30.30 24.15 -13.10
C LYS B 262 -31.35 24.90 -12.30
N PHE B 263 -32.48 24.23 -12.03
CA PHE B 263 -33.60 24.84 -11.35
C PHE B 263 -34.05 23.97 -10.20
N THR B 264 -34.85 24.55 -9.30
CA THR B 264 -35.43 23.86 -8.17
C THR B 264 -36.95 23.82 -8.35
N GLU B 265 -37.49 22.64 -8.63
CA GLU B 265 -38.91 22.52 -8.93
C GLU B 265 -39.76 22.67 -7.67
N TRP B 266 -39.35 22.06 -6.57
CA TRP B 266 -40.10 22.17 -5.32
C TRP B 266 -39.21 21.68 -4.18
N ALA B 267 -39.64 22.00 -2.96
CA ALA B 267 -38.89 21.63 -1.76
C ALA B 267 -39.87 21.43 -0.62
N TYR B 268 -39.84 20.24 -0.01
CA TYR B 268 -40.65 19.91 1.15
C TYR B 268 -39.73 19.45 2.27
N GLY B 269 -39.54 20.31 3.27
CA GLY B 269 -38.66 20.00 4.36
C GLY B 269 -37.22 19.84 3.91
N PRO B 270 -36.62 18.68 4.14
CA PRO B 270 -35.22 18.47 3.76
C PRO B 270 -35.00 17.97 2.34
N VAL B 271 -36.06 17.68 1.59
CA VAL B 271 -35.94 17.07 0.26
C VAL B 271 -36.46 18.06 -0.77
N HIS B 272 -35.67 18.28 -1.82
CA HIS B 272 -36.04 19.16 -2.91
C HIS B 272 -35.74 18.46 -4.24
N SER B 273 -36.52 18.81 -5.25
CA SER B 273 -36.39 18.25 -6.59
C SER B 273 -35.77 19.29 -7.51
N SER B 274 -34.68 18.93 -8.16
CA SER B 274 -33.95 19.83 -9.05
C SER B 274 -34.17 19.43 -10.50
N LEU B 275 -34.20 20.43 -11.37
CA LEU B 275 -34.36 20.24 -12.81
C LEU B 275 -33.09 20.69 -13.51
N TYR B 276 -32.56 19.82 -14.36
CA TYR B 276 -31.36 20.10 -15.14
C TYR B 276 -31.77 20.31 -16.59
N ASP B 277 -31.39 21.47 -17.15
CA ASP B 277 -31.64 21.72 -18.56
C ASP B 277 -30.78 20.79 -19.41
N LEU B 278 -31.42 20.11 -20.36
CA LEU B 278 -30.73 19.17 -21.22
C LEU B 278 -30.58 19.68 -22.65
N SER B 279 -30.82 20.97 -22.89
CA SER B 279 -30.65 21.50 -24.23
C SER B 279 -29.21 21.33 -24.69
N CYS B 280 -29.05 20.81 -25.91
CA CYS B 280 -27.74 20.60 -26.52
C CYS B 280 -26.88 19.62 -25.73
N ILE B 281 -27.49 18.68 -25.02
CA ILE B 281 -26.76 17.69 -24.22
C ILE B 281 -26.78 16.32 -24.88
N ASP B 282 -27.97 15.81 -25.22
CA ASP B 282 -28.08 14.49 -25.83
C ASP B 282 -28.58 14.52 -27.26
N THR B 283 -29.06 15.65 -27.76
CA THR B 283 -29.46 15.76 -29.17
C THR B 283 -29.46 17.23 -29.57
N CYS B 284 -28.60 17.59 -30.51
CA CYS B 284 -28.55 18.94 -31.06
C CYS B 284 -28.48 18.96 -32.58
N GLU B 285 -28.26 17.81 -33.22
CA GLU B 285 -28.27 17.67 -34.67
C GLU B 285 -27.00 18.26 -35.30
N LYS B 286 -26.19 18.96 -34.50
CA LYS B 286 -24.88 19.40 -34.95
C LYS B 286 -23.76 18.74 -34.17
N ASN B 287 -23.71 18.97 -32.85
CA ASN B 287 -22.76 18.26 -31.99
C ASN B 287 -23.26 18.39 -30.56
N SER B 288 -23.79 17.31 -30.00
CA SER B 288 -24.21 17.33 -28.61
C SER B 288 -23.01 17.04 -27.71
N VAL B 289 -23.17 17.39 -26.43
CA VAL B 289 -22.09 17.19 -25.48
C VAL B 289 -21.75 15.70 -25.37
N LEU B 290 -22.77 14.86 -25.28
CA LEU B 290 -22.54 13.42 -25.16
C LEU B 290 -21.81 12.89 -26.39
N GLU B 291 -22.26 13.27 -27.59
CA GLU B 291 -21.60 12.82 -28.81
C GLU B 291 -20.18 13.35 -28.89
N VAL B 292 -19.97 14.62 -28.53
CA VAL B 292 -18.65 15.21 -28.63
C VAL B 292 -17.68 14.49 -27.69
N ILE B 293 -18.11 14.21 -26.46
CA ILE B 293 -17.22 13.55 -25.50
C ILE B 293 -16.97 12.10 -25.91
N ALA B 294 -18.03 11.38 -26.29
CA ALA B 294 -17.88 9.96 -26.58
C ALA B 294 -16.96 9.72 -27.77
N TYR B 295 -17.12 10.52 -28.83
CA TYR B 295 -16.37 10.33 -30.06
C TYR B 295 -15.14 11.23 -30.14
N SER B 296 -14.65 11.73 -29.01
CA SER B 296 -13.49 12.60 -29.01
C SER B 296 -12.23 11.78 -29.32
N SER B 297 -11.21 12.48 -29.81
CA SER B 297 -9.95 11.83 -30.13
C SER B 297 -9.24 11.38 -28.86
N SER B 298 -8.24 10.53 -29.03
CA SER B 298 -7.49 10.00 -27.90
C SER B 298 -6.60 11.05 -27.24
N GLU B 299 -6.41 12.20 -27.88
CA GLU B 299 -5.55 13.24 -27.35
C GLU B 299 -6.29 14.25 -26.47
N THR B 300 -7.60 14.12 -26.33
CA THR B 300 -8.34 15.06 -25.50
C THR B 300 -7.91 14.92 -24.04
N PRO B 301 -7.61 16.02 -23.34
CA PRO B 301 -7.00 15.90 -22.02
C PRO B 301 -7.79 15.09 -21.00
N ASN B 302 -9.12 15.24 -20.96
CA ASN B 302 -9.93 14.68 -19.88
C ASN B 302 -11.12 13.91 -20.42
N ARG B 303 -10.91 13.13 -21.49
CA ARG B 303 -12.03 12.46 -22.13
C ARG B 303 -12.69 11.46 -21.18
N HIS B 304 -11.93 10.73 -20.37
CA HIS B 304 -12.45 9.69 -19.45
C HIS B 304 -13.08 10.33 -18.22
N ASP B 305 -12.76 11.57 -17.90
CA ASP B 305 -13.25 12.17 -16.67
C ASP B 305 -14.44 13.10 -16.89
N MET B 306 -14.69 13.54 -18.12
CA MET B 306 -15.74 14.53 -18.36
C MET B 306 -17.13 13.95 -18.18
N LEU B 307 -17.29 12.62 -18.25
CA LEU B 307 -18.61 12.02 -18.07
C LEU B 307 -19.02 11.96 -16.61
N LEU B 308 -18.13 12.30 -15.68
CA LEU B 308 -18.49 12.34 -14.26
C LEU B 308 -19.22 13.60 -13.85
N VAL B 309 -19.28 14.61 -14.72
CA VAL B 309 -20.05 15.82 -14.40
C VAL B 309 -21.50 15.44 -14.16
N GLU B 310 -22.13 16.11 -13.20
CA GLU B 310 -23.31 15.60 -12.51
C GLU B 310 -24.39 15.04 -13.44
N PRO B 311 -25.02 15.84 -14.30
CA PRO B 311 -26.18 15.32 -15.04
C PRO B 311 -25.87 14.17 -15.98
N LEU B 312 -24.66 14.13 -16.55
CA LEU B 312 -24.36 13.20 -17.63
C LEU B 312 -24.42 11.75 -17.17
N ASN B 313 -23.86 11.45 -16.00
CA ASN B 313 -23.85 10.08 -15.52
C ASN B 313 -25.28 9.55 -15.32
N ARG B 314 -26.13 10.35 -14.67
CA ARG B 314 -27.50 9.93 -14.44
C ARG B 314 -28.26 9.80 -15.76
N LEU B 315 -28.00 10.71 -16.71
CA LEU B 315 -28.68 10.62 -18.00
C LEU B 315 -28.31 9.33 -18.73
N LEU B 316 -27.02 8.99 -18.73
CA LEU B 316 -26.59 7.76 -19.39
C LEU B 316 -27.17 6.54 -18.71
N GLN B 317 -27.20 6.54 -17.37
CA GLN B 317 -27.79 5.42 -16.65
C GLN B 317 -29.28 5.28 -16.97
N ASP B 318 -29.99 6.41 -17.09
CA ASP B 318 -31.40 6.37 -17.43
C ASP B 318 -31.62 5.78 -18.81
N LYS B 319 -30.84 6.22 -19.80
CA LYS B 319 -30.95 5.65 -21.14
C LYS B 319 -30.69 4.15 -21.12
N TRP B 320 -29.62 3.74 -20.43
CA TRP B 320 -29.31 2.33 -20.28
C TRP B 320 -30.52 1.57 -19.77
N ASP B 321 -30.97 1.90 -18.56
CA ASP B 321 -32.06 1.17 -17.92
C ASP B 321 -33.37 1.25 -18.69
N ARG B 322 -33.52 2.24 -19.57
CA ARG B 322 -34.79 2.35 -20.29
C ARG B 322 -34.83 1.45 -21.53
N PHE B 323 -33.79 1.46 -22.37
CA PHE B 323 -33.82 0.54 -23.52
C PHE B 323 -32.51 -0.17 -23.85
N VAL B 324 -31.36 0.37 -23.45
CA VAL B 324 -30.12 -0.11 -24.05
C VAL B 324 -29.71 -1.43 -23.42
N LYS B 325 -30.06 -1.65 -22.14
CA LYS B 325 -29.74 -2.92 -21.50
C LYS B 325 -30.38 -4.08 -22.27
N ARG B 326 -31.66 -3.94 -22.61
CA ARG B 326 -32.35 -5.02 -23.31
C ARG B 326 -31.82 -5.20 -24.72
N ILE B 327 -31.58 -4.10 -25.44
CA ILE B 327 -31.03 -4.26 -26.79
C ILE B 327 -29.66 -4.94 -26.73
N PHE B 328 -28.85 -4.58 -25.74
CA PHE B 328 -27.52 -5.17 -25.59
C PHE B 328 -27.60 -6.65 -25.27
N TYR B 329 -28.54 -7.05 -24.40
CA TYR B 329 -28.70 -8.46 -24.08
C TYR B 329 -29.11 -9.25 -25.31
N PHE B 330 -30.00 -8.69 -26.12
CA PHE B 330 -30.38 -9.39 -27.36
C PHE B 330 -29.19 -9.56 -28.29
N ASN B 331 -28.37 -8.50 -28.43
CA ASN B 331 -27.19 -8.61 -29.28
C ASN B 331 -26.24 -9.69 -28.77
N PHE B 332 -26.03 -9.74 -27.45
CA PHE B 332 -25.16 -10.76 -26.88
C PHE B 332 -25.69 -12.16 -27.16
N PHE B 333 -26.99 -12.36 -27.01
CA PHE B 333 -27.59 -13.67 -27.28
C PHE B 333 -27.39 -14.06 -28.75
N VAL B 334 -27.59 -13.12 -29.66
CA VAL B 334 -27.43 -13.43 -31.08
C VAL B 334 -25.99 -13.81 -31.38
N TYR B 335 -25.03 -13.09 -30.80
CA TYR B 335 -23.63 -13.42 -31.02
C TYR B 335 -23.28 -14.80 -30.46
N CYS B 336 -23.82 -15.14 -29.29
CA CYS B 336 -23.58 -16.47 -28.73
C CYS B 336 -24.11 -17.55 -29.65
N LEU B 337 -25.33 -17.37 -30.18
CA LEU B 337 -25.88 -18.35 -31.11
C LEU B 337 -25.00 -18.47 -32.35
N TYR B 338 -24.55 -17.35 -32.90
CA TYR B 338 -23.70 -17.38 -34.07
C TYR B 338 -22.42 -18.16 -33.80
N MET B 339 -21.78 -17.93 -32.65
CA MET B 339 -20.54 -18.62 -32.35
C MET B 339 -20.77 -20.11 -32.14
N ILE B 340 -21.88 -20.48 -31.50
CA ILE B 340 -22.18 -21.90 -31.31
C ILE B 340 -22.38 -22.59 -32.66
N ILE B 341 -23.13 -21.96 -33.56
CA ILE B 341 -23.36 -22.57 -34.87
C ILE B 341 -22.05 -22.68 -35.65
N PHE B 342 -21.21 -21.66 -35.58
CA PHE B 342 -19.93 -21.71 -36.26
C PHE B 342 -19.05 -22.84 -35.73
N THR B 343 -19.01 -22.99 -34.40
CA THR B 343 -18.22 -24.06 -33.80
C THR B 343 -18.73 -25.42 -34.25
N ALA B 344 -20.05 -25.61 -34.23
CA ALA B 344 -20.62 -26.89 -34.64
C ALA B 344 -20.32 -27.19 -36.10
N ALA B 345 -20.44 -26.19 -36.98
CA ALA B 345 -20.18 -26.41 -38.39
C ALA B 345 -18.72 -26.73 -38.65
N ALA B 346 -17.80 -26.04 -37.97
CA ALA B 346 -16.38 -26.30 -38.18
C ALA B 346 -15.96 -27.64 -37.59
N TYR B 347 -16.60 -28.07 -36.51
CA TYR B 347 -16.25 -29.33 -35.88
C TYR B 347 -16.46 -30.51 -36.81
N TYR B 348 -17.51 -30.47 -37.64
CA TYR B 348 -17.89 -31.59 -38.49
C TYR B 348 -17.47 -31.39 -39.94
N ARG B 349 -16.39 -30.66 -40.17
CA ARG B 349 -15.90 -30.49 -41.53
C ARG B 349 -15.51 -31.85 -42.10
N PRO B 350 -15.85 -32.13 -43.36
CA PRO B 350 -15.47 -33.42 -43.95
C PRO B 350 -13.97 -33.49 -44.21
N VAL B 351 -13.42 -34.70 -44.08
CA VAL B 351 -12.02 -34.94 -44.40
C VAL B 351 -11.93 -35.90 -45.57
N GLU B 352 -11.95 -35.36 -46.79
CA GLU B 352 -11.78 -36.13 -48.01
C GLU B 352 -10.63 -35.63 -48.85
N GLY B 353 -10.55 -34.32 -49.09
CA GLY B 353 -9.45 -33.74 -49.84
C GLY B 353 -9.89 -32.79 -50.94
N LEU B 354 -9.17 -31.69 -51.10
CA LEU B 354 -9.36 -30.78 -52.22
C LEU B 354 -10.81 -30.32 -52.33
N PRO B 355 -11.27 -29.42 -51.47
CA PRO B 355 -12.64 -28.90 -51.59
C PRO B 355 -12.87 -28.28 -52.95
N PRO B 356 -14.12 -27.91 -53.29
CA PRO B 356 -15.34 -28.05 -52.48
C PRO B 356 -15.80 -29.50 -52.34
N TYR B 357 -16.62 -29.77 -51.33
CA TYR B 357 -17.08 -31.11 -51.02
C TYR B 357 -18.51 -31.29 -51.49
N LYS B 358 -18.77 -32.43 -52.13
CA LYS B 358 -20.10 -32.70 -52.66
C LYS B 358 -21.12 -32.88 -51.54
N LEU B 359 -22.36 -32.52 -51.82
CA LEU B 359 -23.43 -32.56 -50.83
C LEU B 359 -24.09 -33.93 -50.86
N LYS B 360 -23.93 -34.70 -49.79
CA LYS B 360 -24.60 -35.98 -49.68
C LYS B 360 -26.05 -35.79 -49.26
N ASN B 361 -26.87 -36.81 -49.52
CA ASN B 361 -28.30 -36.75 -49.21
C ASN B 361 -28.50 -37.31 -47.81
N THR B 362 -28.38 -36.44 -46.81
CA THR B 362 -28.59 -36.83 -45.42
C THR B 362 -28.95 -35.59 -44.62
N VAL B 363 -29.59 -35.81 -43.47
CA VAL B 363 -29.97 -34.69 -42.61
C VAL B 363 -28.73 -33.98 -42.08
N GLY B 364 -27.72 -34.75 -41.67
CA GLY B 364 -26.52 -34.14 -41.11
C GLY B 364 -25.80 -33.27 -42.10
N ASP B 365 -25.73 -33.70 -43.37
CA ASP B 365 -25.08 -32.88 -44.38
C ASP B 365 -25.83 -31.58 -44.59
N TYR B 366 -27.16 -31.63 -44.61
CA TYR B 366 -27.95 -30.41 -44.75
C TYR B 366 -27.72 -29.46 -43.58
N PHE B 367 -27.68 -30.00 -42.36
CA PHE B 367 -27.43 -29.16 -41.20
C PHE B 367 -26.05 -28.52 -41.28
N ARG B 368 -25.07 -29.25 -41.76
CA ARG B 368 -23.68 -28.78 -41.84
C ARG B 368 -23.58 -27.72 -42.92
N VAL B 369 -24.31 -27.83 -44.01
CA VAL B 369 -24.32 -26.80 -45.05
C VAL B 369 -25.01 -25.55 -44.55
N THR B 370 -26.12 -25.71 -43.84
CA THR B 370 -26.80 -24.55 -43.26
C THR B 370 -25.89 -23.81 -42.28
N GLY B 371 -25.17 -24.55 -41.44
CA GLY B 371 -24.26 -23.90 -40.51
C GLY B 371 -23.17 -23.12 -41.21
N GLU B 372 -22.66 -23.66 -42.28
CA GLU B 372 -21.57 -23.03 -43.04
C GLU B 372 -22.10 -21.81 -43.74
N ILE B 373 -23.34 -21.81 -44.20
CA ILE B 373 -23.97 -20.64 -44.81
C ILE B 373 -24.15 -19.54 -43.77
N LEU B 374 -24.64 -19.91 -42.58
CA LEU B 374 -24.84 -18.93 -41.53
C LEU B 374 -23.53 -18.30 -41.09
N SER B 375 -22.46 -19.11 -40.99
CA SER B 375 -21.16 -18.57 -40.60
C SER B 375 -20.66 -17.57 -41.63
N VAL B 376 -20.80 -17.89 -42.91
CA VAL B 376 -20.35 -16.95 -43.95
C VAL B 376 -21.18 -15.68 -43.91
N SER B 377 -22.49 -15.81 -43.66
CA SER B 377 -23.34 -14.63 -43.55
C SER B 377 -22.88 -13.72 -42.41
N GLY B 378 -22.58 -14.31 -41.26
CA GLY B 378 -22.09 -13.52 -40.14
C GLY B 378 -20.77 -12.83 -40.44
N GLY B 379 -19.86 -13.55 -41.11
CA GLY B 379 -18.60 -12.93 -41.51
C GLY B 379 -18.80 -11.74 -42.43
N VAL B 380 -19.70 -11.89 -43.41
CA VAL B 380 -19.99 -10.78 -44.32
C VAL B 380 -20.58 -9.60 -43.55
N TYR B 381 -21.50 -9.88 -42.63
CA TYR B 381 -22.12 -8.82 -41.85
C TYR B 381 -21.08 -8.04 -41.06
N PHE B 382 -20.16 -8.76 -40.40
CA PHE B 382 -19.14 -8.05 -39.61
C PHE B 382 -18.15 -7.30 -40.51
N PHE B 383 -17.83 -7.85 -41.68
CA PHE B 383 -16.97 -7.12 -42.61
C PHE B 383 -17.60 -5.80 -43.01
N PHE B 384 -18.89 -5.83 -43.35
CA PHE B 384 -19.55 -4.60 -43.78
C PHE B 384 -19.72 -3.62 -42.62
N ARG B 385 -19.97 -4.05 -41.41
CA ARG B 385 -20.05 -3.17 -40.22
C ARG B 385 -18.68 -2.60 -39.93
N GLY B 386 -17.57 -3.30 -40.18
CA GLY B 386 -16.26 -2.68 -40.03
C GLY B 386 -16.01 -1.60 -41.08
N ILE B 387 -16.39 -1.87 -42.33
CA ILE B 387 -16.25 -0.86 -43.38
C ILE B 387 -17.09 0.38 -43.03
N GLN B 388 -18.32 0.16 -42.58
CA GLN B 388 -19.20 1.27 -42.23
C GLN B 388 -18.60 2.10 -41.10
N TYR B 389 -18.01 1.44 -40.10
CA TYR B 389 -17.38 2.17 -39.01
C TYR B 389 -16.20 3.01 -39.53
N PHE B 390 -15.33 2.39 -40.32
CA PHE B 390 -14.16 3.11 -40.83
C PHE B 390 -14.58 4.30 -41.68
N LEU B 391 -15.73 4.22 -42.36
CA LEU B 391 -16.19 5.36 -43.15
C LEU B 391 -16.82 6.43 -42.26
N GLN B 392 -17.72 6.04 -41.37
CA GLN B 392 -18.48 7.03 -40.60
C GLN B 392 -17.58 7.77 -39.61
N ARG B 393 -16.78 7.04 -38.83
CA ARG B 393 -15.96 7.70 -37.82
C ARG B 393 -14.72 8.33 -38.40
N ARG B 394 -14.17 7.75 -39.48
CA ARG B 394 -12.95 8.25 -40.09
C ARG B 394 -11.83 8.39 -39.07
N PRO B 395 -11.30 7.27 -38.56
CA PRO B 395 -10.13 7.36 -37.69
C PRO B 395 -8.96 8.02 -38.40
N SER B 396 -8.15 8.75 -37.63
CA SER B 396 -7.07 9.55 -38.17
C SER B 396 -5.75 8.78 -38.29
N LEU B 397 -5.82 7.44 -38.35
CA LEU B 397 -4.65 6.59 -38.53
C LEU B 397 -3.77 6.55 -37.28
N LYS B 398 -4.12 7.35 -36.27
CA LYS B 398 -3.51 7.26 -34.94
C LYS B 398 -4.49 6.78 -33.90
N SER B 399 -5.73 7.26 -33.94
CA SER B 399 -6.80 6.64 -33.17
C SER B 399 -7.14 5.26 -33.73
N LEU B 400 -6.69 4.96 -34.95
CA LEU B 400 -6.95 3.65 -35.54
C LEU B 400 -6.28 2.54 -34.75
N PHE B 401 -5.02 2.74 -34.36
CA PHE B 401 -4.25 1.71 -33.68
C PHE B 401 -3.91 2.08 -32.24
N VAL B 402 -4.51 3.14 -31.70
CA VAL B 402 -4.44 3.41 -30.27
C VAL B 402 -5.82 3.49 -29.64
N ASP B 403 -6.89 3.55 -30.43
CA ASP B 403 -8.27 3.49 -29.95
C ASP B 403 -9.03 2.46 -30.77
N SER B 404 -10.28 2.27 -30.57
CA SER B 404 -10.93 1.22 -31.37
C SER B 404 -10.20 -0.11 -31.49
N TYR B 405 -9.95 -0.83 -30.42
CA TYR B 405 -9.38 -2.17 -30.47
C TYR B 405 -10.47 -3.16 -30.86
N SER B 406 -11.70 -3.07 -30.39
CA SER B 406 -12.73 -4.06 -30.66
C SER B 406 -13.17 -4.03 -32.12
N GLU B 407 -13.28 -2.83 -32.70
CA GLU B 407 -13.63 -2.71 -34.11
C GLU B 407 -12.62 -3.45 -34.97
N ILE B 408 -11.33 -3.23 -34.70
CA ILE B 408 -10.29 -3.88 -35.49
C ILE B 408 -10.33 -5.39 -35.29
N LEU B 409 -10.55 -5.85 -34.06
CA LEU B 409 -10.55 -7.28 -33.80
C LEU B 409 -11.69 -7.96 -34.55
N PHE B 410 -12.89 -7.39 -34.50
CA PHE B 410 -14.02 -7.97 -35.21
C PHE B 410 -13.79 -7.94 -36.72
N PHE B 411 -13.21 -6.83 -37.22
CA PHE B 411 -12.92 -6.75 -38.65
C PHE B 411 -11.91 -7.80 -39.07
N VAL B 412 -10.88 -8.04 -38.27
CA VAL B 412 -9.87 -9.02 -38.62
C VAL B 412 -10.46 -10.42 -38.60
N GLN B 413 -11.34 -10.71 -37.64
CA GLN B 413 -12.02 -12.00 -37.64
C GLN B 413 -12.82 -12.20 -38.92
N SER B 414 -13.57 -11.16 -39.33
CA SER B 414 -14.33 -11.26 -40.57
C SER B 414 -13.42 -11.45 -41.77
N LEU B 415 -12.25 -10.79 -41.77
CA LEU B 415 -11.30 -10.95 -42.87
C LEU B 415 -10.81 -12.38 -42.95
N PHE B 416 -10.51 -12.99 -41.80
CA PHE B 416 -10.09 -14.40 -41.80
C PHE B 416 -11.19 -15.28 -42.36
N MET B 417 -12.44 -15.03 -41.99
CA MET B 417 -13.55 -15.83 -42.50
C MET B 417 -13.64 -15.72 -44.03
N LEU B 418 -13.55 -14.50 -44.55
CA LEU B 418 -13.70 -14.32 -45.99
C LEU B 418 -12.52 -14.92 -46.76
N VAL B 419 -11.31 -14.77 -46.24
CA VAL B 419 -10.15 -15.40 -46.86
C VAL B 419 -10.31 -16.91 -46.86
N SER B 420 -10.88 -17.46 -45.78
CA SER B 420 -11.14 -18.88 -45.72
C SER B 420 -12.10 -19.31 -46.82
N VAL B 421 -13.16 -18.53 -47.04
CA VAL B 421 -14.11 -18.87 -48.10
C VAL B 421 -13.41 -18.85 -49.46
N VAL B 422 -12.61 -17.81 -49.71
CA VAL B 422 -11.93 -17.68 -51.00
C VAL B 422 -11.01 -18.88 -51.23
N LEU B 423 -10.23 -19.24 -50.20
CA LEU B 423 -9.36 -20.41 -50.33
C LEU B 423 -10.16 -21.68 -50.55
N TYR B 424 -11.31 -21.80 -49.88
CA TYR B 424 -12.14 -22.99 -50.02
C TYR B 424 -12.60 -23.18 -51.46
N PHE B 425 -13.01 -22.10 -52.11
CA PHE B 425 -13.48 -22.25 -53.50
C PHE B 425 -12.36 -22.27 -54.52
N SER B 426 -11.11 -22.15 -54.09
CA SER B 426 -9.96 -22.32 -54.97
C SER B 426 -9.33 -23.71 -54.85
N GLN B 427 -9.97 -24.62 -54.12
CA GLN B 427 -9.49 -26.00 -53.97
C GLN B 427 -8.18 -26.05 -53.17
N ARG B 428 -8.11 -25.28 -52.09
CA ARG B 428 -6.94 -25.25 -51.22
C ARG B 428 -7.33 -25.72 -49.83
N LYS B 429 -6.39 -26.39 -49.16
CA LYS B 429 -6.60 -26.89 -47.81
C LYS B 429 -6.29 -25.86 -46.73
N GLU B 430 -5.72 -24.77 -47.14
CA GLU B 430 -5.31 -23.74 -46.20
C GLU B 430 -6.56 -23.02 -45.71
N TYR B 431 -7.76 -23.21 -46.26
CA TYR B 431 -9.01 -22.69 -45.73
C TYR B 431 -9.23 -23.17 -44.30
N VAL B 432 -8.74 -24.36 -43.97
CA VAL B 432 -8.86 -24.84 -42.59
C VAL B 432 -8.06 -23.97 -41.64
N ALA B 433 -6.83 -23.60 -42.02
CA ALA B 433 -6.00 -22.75 -41.17
C ALA B 433 -6.67 -21.40 -40.94
N SER B 434 -7.15 -20.79 -42.02
CA SER B 434 -7.82 -19.50 -41.88
C SER B 434 -9.08 -19.62 -41.03
N MET B 435 -9.81 -20.72 -41.20
CA MET B 435 -11.03 -20.94 -40.44
C MET B 435 -10.75 -21.10 -38.95
N VAL B 436 -9.69 -21.83 -38.59
CA VAL B 436 -9.39 -22.01 -37.17
C VAL B 436 -8.92 -20.70 -36.55
N PHE B 437 -8.16 -19.90 -37.29
CA PHE B 437 -7.81 -18.58 -36.77
C PHE B 437 -9.06 -17.75 -36.53
N SER B 438 -10.00 -17.78 -37.48
CA SER B 438 -11.25 -17.04 -37.30
C SER B 438 -12.02 -17.54 -36.08
N LEU B 439 -12.06 -18.86 -35.89
CA LEU B 439 -12.78 -19.44 -34.75
C LEU B 439 -12.18 -19.00 -33.43
N ALA B 440 -10.85 -19.05 -33.31
CA ALA B 440 -10.21 -18.62 -32.07
C ALA B 440 -10.46 -17.14 -31.80
N MET B 441 -10.33 -16.30 -32.83
CA MET B 441 -10.59 -14.88 -32.64
C MET B 441 -12.05 -14.64 -32.22
N GLY B 442 -12.98 -15.36 -32.85
CA GLY B 442 -14.38 -15.18 -32.51
C GLY B 442 -14.69 -15.57 -31.08
N TRP B 443 -14.08 -16.64 -30.60
CA TRP B 443 -14.32 -17.03 -29.21
C TRP B 443 -13.69 -16.06 -28.23
N THR B 444 -12.50 -15.54 -28.55
CA THR B 444 -11.91 -14.54 -27.66
C THR B 444 -12.64 -13.21 -27.70
N ASN B 445 -13.36 -12.92 -28.79
CA ASN B 445 -14.09 -11.66 -28.91
C ASN B 445 -15.31 -11.59 -28.00
N MET B 446 -15.70 -12.69 -27.36
CA MET B 446 -16.81 -12.64 -26.41
C MET B 446 -16.53 -11.70 -25.25
N LEU B 447 -15.26 -11.40 -24.98
CA LEU B 447 -14.92 -10.51 -23.88
C LEU B 447 -15.44 -9.09 -24.10
N TYR B 448 -15.85 -8.76 -25.33
CA TYR B 448 -16.42 -7.44 -25.58
C TYR B 448 -17.70 -7.23 -24.79
N TYR B 449 -18.51 -8.27 -24.63
CA TYR B 449 -19.81 -8.16 -23.99
C TYR B 449 -19.72 -8.13 -22.47
N THR B 450 -18.52 -8.21 -21.90
CA THR B 450 -18.38 -7.99 -20.47
C THR B 450 -18.81 -6.58 -20.08
N ARG B 451 -18.54 -5.60 -20.94
CA ARG B 451 -19.18 -4.31 -20.80
C ARG B 451 -20.68 -4.48 -20.89
N GLY B 452 -21.41 -3.83 -20.00
CA GLY B 452 -22.79 -4.16 -19.72
C GLY B 452 -22.98 -4.77 -18.35
N PHE B 453 -21.90 -5.21 -17.73
CA PHE B 453 -21.87 -5.59 -16.32
C PHE B 453 -20.65 -4.94 -15.69
N GLN B 454 -20.86 -4.28 -14.55
CA GLN B 454 -19.83 -3.39 -14.02
C GLN B 454 -18.55 -4.14 -13.65
N GLN B 455 -18.69 -5.20 -12.85
CA GLN B 455 -17.51 -5.89 -12.34
C GLN B 455 -16.73 -6.56 -13.47
N MET B 456 -17.43 -7.28 -14.35
CA MET B 456 -16.76 -7.92 -15.47
C MET B 456 -16.16 -6.90 -16.43
N GLY B 457 -16.85 -5.77 -16.63
CA GLY B 457 -16.31 -4.74 -17.51
C GLY B 457 -15.03 -4.13 -16.97
N ILE B 458 -14.99 -3.83 -15.68
CA ILE B 458 -13.77 -3.30 -15.09
C ILE B 458 -12.66 -4.34 -15.11
N TYR B 459 -13.01 -5.60 -14.91
CA TYR B 459 -12.02 -6.69 -15.02
C TYR B 459 -11.41 -6.73 -16.42
N ALA B 460 -12.26 -6.59 -17.45
CA ALA B 460 -11.75 -6.59 -18.82
C ALA B 460 -10.86 -5.39 -19.10
N VAL B 461 -11.23 -4.21 -18.58
CA VAL B 461 -10.39 -3.03 -18.75
C VAL B 461 -9.02 -3.26 -18.10
N MET B 462 -9.01 -3.85 -16.91
CA MET B 462 -7.75 -4.15 -16.23
C MET B 462 -6.92 -5.14 -17.04
N ILE B 463 -7.55 -6.15 -17.64
CA ILE B 463 -6.84 -7.08 -18.49
C ILE B 463 -6.17 -6.35 -19.65
N GLU B 464 -6.91 -5.43 -20.27
CA GLU B 464 -6.35 -4.65 -21.38
C GLU B 464 -5.13 -3.86 -20.93
N LYS B 465 -5.23 -3.20 -19.77
CA LYS B 465 -4.10 -2.42 -19.28
C LYS B 465 -2.89 -3.30 -19.01
N MET B 466 -3.10 -4.46 -18.38
CA MET B 466 -2.01 -5.38 -18.14
C MET B 466 -1.32 -5.75 -19.45
N ILE B 467 -2.10 -6.17 -20.44
CA ILE B 467 -1.53 -6.54 -21.73
C ILE B 467 -0.72 -5.39 -22.30
N LEU B 468 -1.27 -4.18 -22.23
CA LEU B 468 -0.65 -3.07 -22.94
C LEU B 468 0.68 -2.66 -22.31
N ARG B 469 0.79 -2.72 -20.98
CA ARG B 469 2.02 -2.28 -20.33
C ARG B 469 2.94 -3.42 -19.91
N ASP B 470 2.46 -4.26 -18.98
CA ASP B 470 3.37 -5.16 -18.28
C ASP B 470 3.79 -6.30 -19.20
N LEU B 471 2.87 -6.87 -19.93
CA LEU B 471 3.16 -8.03 -20.78
C LEU B 471 4.03 -7.55 -21.92
N CYS B 472 3.88 -6.35 -22.39
CA CYS B 472 4.66 -5.84 -23.53
C CYS B 472 6.10 -5.59 -23.11
N ARG B 473 6.38 -5.02 -21.93
CA ARG B 473 7.76 -4.86 -21.47
C ARG B 473 8.41 -6.21 -21.17
N PHE B 474 7.69 -7.07 -20.44
CA PHE B 474 8.22 -8.37 -20.10
C PHE B 474 8.55 -9.17 -21.34
N MET B 475 7.67 -9.14 -22.34
CA MET B 475 7.87 -9.96 -23.53
C MET B 475 9.07 -9.50 -24.31
N PHE B 476 9.27 -8.18 -24.41
CA PHE B 476 10.47 -7.70 -25.09
C PHE B 476 11.73 -8.24 -24.42
N VAL B 477 11.86 -8.03 -23.12
CA VAL B 477 13.11 -8.45 -22.45
C VAL B 477 13.26 -9.96 -22.51
N TYR B 478 12.17 -10.69 -22.27
CA TYR B 478 12.23 -12.15 -22.25
C TYR B 478 12.60 -12.72 -23.59
N LEU B 479 12.05 -12.17 -24.68
CA LEU B 479 12.40 -12.66 -26.00
C LEU B 479 13.86 -12.42 -26.32
N VAL B 480 14.39 -11.26 -25.93
CA VAL B 480 15.82 -11.01 -26.15
C VAL B 480 16.65 -12.08 -25.44
N PHE B 481 16.35 -12.32 -24.16
CA PHE B 481 17.14 -13.29 -23.39
C PHE B 481 17.00 -14.69 -23.95
N LEU B 482 15.78 -15.10 -24.30
CA LEU B 482 15.56 -16.44 -24.84
C LEU B 482 16.33 -16.64 -26.13
N PHE B 483 16.26 -15.68 -27.05
CA PHE B 483 16.99 -15.83 -28.30
C PHE B 483 18.48 -15.91 -28.07
N GLY B 484 19.02 -15.05 -27.20
CA GLY B 484 20.46 -15.09 -26.97
C GLY B 484 20.94 -16.42 -26.43
N PHE B 485 20.26 -16.91 -25.39
CA PHE B 485 20.70 -18.16 -24.78
C PHE B 485 20.45 -19.35 -25.70
N SER B 486 19.39 -19.30 -26.51
CA SER B 486 19.14 -20.40 -27.43
C SER B 486 20.18 -20.44 -28.54
N THR B 487 20.60 -19.28 -29.05
CA THR B 487 21.68 -19.28 -30.03
C THR B 487 22.96 -19.81 -29.44
N ALA B 488 23.28 -19.42 -28.20
CA ALA B 488 24.49 -19.95 -27.57
C ALA B 488 24.42 -21.47 -27.44
N VAL B 489 23.28 -21.99 -26.95
CA VAL B 489 23.17 -23.43 -26.74
C VAL B 489 23.24 -24.18 -28.06
N VAL B 490 22.54 -23.70 -29.09
CA VAL B 490 22.56 -24.40 -30.37
C VAL B 490 23.96 -24.34 -30.99
N THR B 491 24.69 -23.24 -30.79
CA THR B 491 26.07 -23.20 -31.27
C THR B 491 26.93 -24.24 -30.57
N LEU B 492 26.72 -24.43 -29.26
CA LEU B 492 27.49 -25.43 -28.55
C LEU B 492 27.20 -26.85 -29.05
N ILE B 493 25.94 -27.14 -29.36
CA ILE B 493 25.56 -28.49 -29.78
C ILE B 493 26.26 -28.84 -31.09
N GLU B 494 26.63 -30.11 -31.22
CA GLU B 494 27.42 -30.58 -32.34
C GLU B 494 26.56 -31.11 -33.50
N ASP B 495 25.72 -32.08 -33.23
CA ASP B 495 24.83 -32.67 -34.25
C ASP B 495 23.62 -33.26 -33.55
N GLY B 496 22.69 -33.82 -34.30
CA GLY B 496 21.54 -34.54 -33.79
C GLY B 496 20.23 -33.82 -34.03
N LYS B 497 19.24 -34.20 -33.23
CA LYS B 497 17.90 -33.66 -33.39
C LYS B 497 17.82 -32.19 -33.01
N TYR B 498 18.64 -31.74 -32.06
CA TYR B 498 18.54 -30.41 -31.49
C TYR B 498 19.57 -29.45 -32.08
N ASN B 499 20.10 -29.76 -33.26
CA ASN B 499 21.04 -28.88 -33.94
C ASN B 499 20.33 -27.84 -34.81
N SER B 500 19.08 -27.53 -34.50
CA SER B 500 18.30 -26.53 -35.20
C SER B 500 17.88 -25.44 -34.23
N LEU B 501 17.80 -24.21 -34.73
CA LEU B 501 17.42 -23.08 -33.88
C LEU B 501 16.01 -23.24 -33.34
N TYR B 502 15.09 -23.71 -34.18
CA TYR B 502 13.69 -23.87 -33.74
C TYR B 502 13.59 -24.88 -32.60
N SER B 503 14.28 -26.02 -32.71
CA SER B 503 14.19 -27.06 -31.70
C SER B 503 14.73 -26.58 -30.36
N THR B 504 15.89 -25.93 -30.38
CA THR B 504 16.48 -25.44 -29.14
C THR B 504 15.65 -24.31 -28.53
N CYS B 505 15.08 -23.45 -29.38
CA CYS B 505 14.20 -22.40 -28.88
C CYS B 505 12.99 -23.00 -28.17
N LEU B 506 12.39 -24.04 -28.75
CA LEU B 506 11.26 -24.69 -28.11
C LEU B 506 11.67 -25.36 -26.80
N GLU B 507 12.83 -26.03 -26.80
CA GLU B 507 13.30 -26.68 -25.57
C GLU B 507 13.52 -25.66 -24.47
N LEU B 508 14.08 -24.50 -24.79
CA LEU B 508 14.32 -23.49 -23.76
C LEU B 508 13.04 -22.80 -23.33
N PHE B 509 12.07 -22.64 -24.25
CA PHE B 509 10.78 -22.08 -23.86
C PHE B 509 10.02 -23.01 -22.93
N LYS B 510 10.23 -24.33 -23.07
CA LYS B 510 9.56 -25.27 -22.16
C LYS B 510 9.84 -24.96 -20.70
N PHE B 511 11.03 -24.40 -20.40
CA PHE B 511 11.35 -24.05 -19.02
C PHE B 511 10.37 -23.02 -18.45
N THR B 512 9.85 -22.13 -19.30
CA THR B 512 8.96 -21.08 -18.83
C THR B 512 7.66 -21.64 -18.29
N ILE B 513 7.17 -22.76 -18.84
CA ILE B 513 5.88 -23.30 -18.50
C ILE B 513 5.99 -24.47 -17.53
N GLY B 514 7.14 -24.63 -16.88
CA GLY B 514 7.30 -25.67 -15.88
C GLY B 514 7.60 -27.05 -16.42
N MET B 515 8.18 -27.15 -17.61
CA MET B 515 8.42 -28.45 -18.25
C MET B 515 9.85 -28.57 -18.77
N GLY B 516 10.80 -27.83 -18.22
CA GLY B 516 12.16 -27.86 -18.73
C GLY B 516 12.88 -29.14 -18.33
N ASP B 517 13.70 -29.65 -19.24
CA ASP B 517 14.33 -30.95 -19.07
C ASP B 517 15.65 -30.88 -18.30
N LEU B 518 16.56 -29.98 -18.71
CA LEU B 518 17.92 -29.81 -18.20
C LEU B 518 18.86 -30.90 -18.72
N GLU B 519 18.35 -31.94 -19.38
CA GLU B 519 19.19 -33.00 -19.93
C GLU B 519 18.67 -33.45 -21.29
N PHE B 520 18.08 -32.54 -22.06
CA PHE B 520 17.39 -32.93 -23.28
C PHE B 520 18.34 -33.39 -24.38
N THR B 521 19.64 -33.16 -24.25
CA THR B 521 20.58 -33.60 -25.26
C THR B 521 21.93 -33.88 -24.61
N GLU B 522 22.75 -34.67 -25.31
CA GLU B 522 24.12 -34.96 -24.89
C GLU B 522 25.12 -34.76 -26.03
N ASN B 523 24.67 -34.26 -27.18
CA ASN B 523 25.52 -34.14 -28.36
C ASN B 523 26.33 -32.85 -28.25
N TYR B 524 27.40 -32.92 -27.46
CA TYR B 524 28.29 -31.78 -27.26
C TYR B 524 29.54 -32.27 -26.56
N ASP B 525 30.57 -31.43 -26.59
CA ASP B 525 31.65 -31.49 -25.64
C ASP B 525 31.43 -30.41 -24.58
N PHE B 526 32.21 -30.48 -23.50
CA PHE B 526 32.13 -29.48 -22.44
C PHE B 526 30.72 -29.43 -21.84
N LYS B 527 30.37 -30.53 -21.18
CA LYS B 527 29.10 -30.58 -20.46
C LYS B 527 28.97 -29.45 -19.44
N ALA B 528 30.08 -29.00 -18.88
CA ALA B 528 30.03 -27.91 -17.92
C ALA B 528 29.50 -26.64 -18.57
N VAL B 529 29.92 -26.37 -19.81
CA VAL B 529 29.42 -25.19 -20.52
C VAL B 529 27.91 -25.29 -20.72
N PHE B 530 27.44 -26.47 -21.12
CA PHE B 530 26.01 -26.67 -21.34
C PHE B 530 25.22 -26.41 -20.06
N ILE B 531 25.66 -27.00 -18.94
CA ILE B 531 24.92 -26.85 -17.70
C ILE B 531 25.00 -25.42 -17.18
N ILE B 532 26.15 -24.76 -17.34
CA ILE B 532 26.27 -23.38 -16.91
C ILE B 532 25.33 -22.48 -17.70
N LEU B 533 25.26 -22.68 -19.02
CA LEU B 533 24.35 -21.89 -19.84
C LEU B 533 22.91 -22.11 -19.40
N LEU B 534 22.52 -23.36 -19.21
CA LEU B 534 21.15 -23.66 -18.82
C LEU B 534 20.80 -23.05 -17.47
N LEU B 535 21.70 -23.19 -16.49
CA LEU B 535 21.44 -22.64 -15.16
C LEU B 535 21.36 -21.12 -15.19
N ALA B 536 22.24 -20.46 -15.95
CA ALA B 536 22.18 -19.01 -16.05
C ALA B 536 20.86 -18.56 -16.68
N TYR B 537 20.43 -19.22 -17.75
CA TYR B 537 19.17 -18.88 -18.37
C TYR B 537 18.01 -19.08 -17.40
N VAL B 538 18.02 -20.20 -16.67
CA VAL B 538 16.93 -20.48 -15.73
C VAL B 538 16.87 -19.41 -14.65
N ILE B 539 18.02 -19.08 -14.06
CA ILE B 539 18.03 -18.08 -13.01
C ILE B 539 17.56 -16.73 -13.54
N LEU B 540 18.02 -16.34 -14.72
CA LEU B 540 17.68 -15.03 -15.24
C LEU B 540 16.21 -14.91 -15.60
N THR B 541 15.62 -15.97 -16.18
CA THR B 541 14.23 -15.88 -16.62
C THR B 541 13.25 -16.40 -15.57
N TYR B 542 13.35 -17.70 -15.25
CA TYR B 542 12.31 -18.34 -14.46
C TYR B 542 12.23 -17.75 -13.04
N ILE B 543 13.38 -17.56 -12.41
CA ILE B 543 13.38 -17.16 -11.00
C ILE B 543 13.28 -15.65 -10.83
N LEU B 544 13.73 -14.87 -11.81
CA LEU B 544 13.74 -13.42 -11.70
C LEU B 544 12.59 -12.76 -12.46
N LEU B 545 12.50 -13.00 -13.77
CA LEU B 545 11.65 -12.16 -14.61
C LEU B 545 10.18 -12.44 -14.38
N LEU B 546 9.79 -13.70 -14.22
CA LEU B 546 8.38 -14.03 -14.03
C LEU B 546 7.87 -13.51 -12.69
N ASN B 547 8.65 -13.68 -11.62
CA ASN B 547 8.23 -13.18 -10.33
C ASN B 547 8.20 -11.65 -10.32
N MET B 548 9.16 -11.02 -11.01
CA MET B 548 9.13 -9.57 -11.15
C MET B 548 7.90 -9.12 -11.93
N LEU B 549 7.47 -9.92 -12.92
CA LEU B 549 6.25 -9.61 -13.65
C LEU B 549 5.04 -9.65 -12.71
N ILE B 550 4.99 -10.65 -11.83
CA ILE B 550 3.90 -10.71 -10.85
C ILE B 550 3.90 -9.45 -9.99
N ALA B 551 5.09 -9.05 -9.51
CA ALA B 551 5.18 -7.86 -8.66
C ALA B 551 4.72 -6.59 -9.39
N LEU B 552 5.16 -6.43 -10.64
CA LEU B 552 4.77 -5.25 -11.41
C LEU B 552 3.27 -5.25 -11.70
N MET B 553 2.70 -6.42 -11.97
CA MET B 553 1.26 -6.52 -12.13
C MET B 553 0.54 -6.09 -10.86
N GLY B 554 1.06 -6.49 -9.70
CA GLY B 554 0.46 -6.06 -8.44
C GLY B 554 0.46 -4.55 -8.30
N GLU B 555 1.60 -3.92 -8.59
CA GLU B 555 1.67 -2.46 -8.54
C GLU B 555 0.64 -1.83 -9.47
N THR B 556 0.60 -2.28 -10.73
CA THR B 556 -0.31 -1.70 -11.70
C THR B 556 -1.76 -1.86 -11.25
N VAL B 557 -2.12 -3.05 -10.79
CA VAL B 557 -3.48 -3.28 -10.29
C VAL B 557 -3.78 -2.32 -9.15
N ASN B 558 -2.80 -2.07 -8.28
CA ASN B 558 -3.02 -1.15 -7.17
C ASN B 558 -3.26 0.27 -7.66
N LYS B 559 -2.71 0.65 -8.82
CA LYS B 559 -2.71 2.04 -9.23
C LYS B 559 -3.80 2.43 -10.24
N ILE B 560 -4.69 1.53 -10.65
CA ILE B 560 -5.56 1.83 -11.80
C ILE B 560 -7.03 1.56 -11.56
N ALA B 561 -7.50 1.58 -10.32
CA ALA B 561 -8.90 1.28 -10.06
C ALA B 561 -9.83 2.33 -10.68
N GLN B 562 -9.58 3.60 -10.37
CA GLN B 562 -10.48 4.66 -10.84
C GLN B 562 -10.38 4.84 -12.33
N GLU B 563 -9.17 4.74 -12.89
CA GLU B 563 -9.01 4.87 -14.34
C GLU B 563 -9.78 3.78 -15.06
N SER B 564 -9.71 2.54 -14.56
CA SER B 564 -10.44 1.45 -15.18
C SER B 564 -11.94 1.64 -15.08
N LYS B 565 -12.42 2.13 -13.93
CA LYS B 565 -13.85 2.39 -13.82
C LYS B 565 -14.30 3.46 -14.81
N ASN B 566 -13.52 4.53 -14.95
CA ASN B 566 -13.89 5.59 -15.89
C ASN B 566 -13.86 5.10 -17.33
N ILE B 567 -12.88 4.26 -17.68
CA ILE B 567 -12.81 3.72 -19.03
C ILE B 567 -14.00 2.83 -19.31
N TRP B 568 -14.41 2.02 -18.33
CA TRP B 568 -15.60 1.19 -18.54
C TRP B 568 -16.82 2.05 -18.74
N LYS B 569 -16.95 3.13 -17.98
CA LYS B 569 -18.10 4.01 -18.15
C LYS B 569 -18.12 4.65 -19.54
N LEU B 570 -16.95 5.05 -20.04
CA LEU B 570 -16.90 5.60 -21.39
C LEU B 570 -17.27 4.54 -22.43
N GLN B 571 -16.82 3.30 -22.23
CA GLN B 571 -17.18 2.22 -23.16
C GLN B 571 -18.69 2.02 -23.20
N ARG B 572 -19.33 2.00 -22.03
CA ARG B 572 -20.78 1.84 -22.01
C ARG B 572 -21.49 3.04 -22.62
N ALA B 573 -20.94 4.25 -22.44
CA ALA B 573 -21.53 5.42 -23.08
C ALA B 573 -21.46 5.29 -24.60
N ILE B 574 -20.34 4.81 -25.13
CA ILE B 574 -20.22 4.62 -26.57
C ILE B 574 -21.23 3.59 -27.05
N THR B 575 -21.41 2.51 -26.29
CA THR B 575 -22.41 1.51 -26.67
C THR B 575 -23.81 2.12 -26.69
N ILE B 576 -24.14 2.93 -25.68
CA ILE B 576 -25.47 3.54 -25.62
C ILE B 576 -25.69 4.45 -26.81
N LEU B 577 -24.68 5.28 -27.12
CA LEU B 577 -24.82 6.21 -28.24
C LEU B 577 -24.96 5.47 -29.57
N ASP B 578 -24.20 4.40 -29.75
CA ASP B 578 -24.31 3.62 -30.98
C ASP B 578 -25.70 3.00 -31.10
N THR B 579 -26.22 2.43 -30.02
CA THR B 579 -27.56 1.85 -30.05
C THR B 579 -28.60 2.91 -30.37
N GLU B 580 -28.46 4.10 -29.78
CA GLU B 580 -29.39 5.19 -30.07
C GLU B 580 -29.34 5.57 -31.54
N LYS B 581 -28.13 5.72 -32.08
CA LYS B 581 -27.99 6.14 -33.47
C LYS B 581 -28.58 5.11 -34.42
N SER B 582 -28.34 3.83 -34.17
CA SER B 582 -28.88 2.74 -34.98
C SER B 582 -29.75 1.88 -34.07
N PHE B 583 -31.02 2.25 -33.93
CA PHE B 583 -31.91 1.54 -33.03
C PHE B 583 -32.18 0.13 -33.58
N LEU B 584 -32.76 -0.71 -32.74
CA LEU B 584 -32.91 -2.13 -33.09
C LEU B 584 -33.66 -2.29 -34.41
N LYS B 585 -34.95 -1.96 -34.46
CA LYS B 585 -35.68 -2.01 -35.71
C LYS B 585 -36.23 -0.65 -36.13
N CYS B 586 -37.17 -0.06 -35.38
CA CYS B 586 -37.72 1.22 -35.80
C CYS B 586 -38.18 2.14 -34.67
N MET B 587 -38.05 1.76 -33.40
CA MET B 587 -38.71 2.49 -32.32
C MET B 587 -37.75 3.53 -31.76
N ARG B 588 -38.07 4.80 -32.00
CA ARG B 588 -37.26 5.92 -31.52
C ARG B 588 -37.84 6.51 -30.24
N LYS B 589 -37.84 5.70 -29.19
CA LYS B 589 -38.31 6.12 -27.87
C LYS B 589 -37.21 6.76 -27.03
N ALA B 590 -36.06 7.06 -27.64
CA ALA B 590 -34.88 7.51 -26.91
C ALA B 590 -34.94 9.02 -26.68
N PHE B 591 -35.93 9.44 -25.90
CA PHE B 591 -36.08 10.84 -25.54
C PHE B 591 -35.81 11.03 -24.06
N ARG B 592 -34.96 11.98 -23.76
CA ARG B 592 -34.50 12.28 -22.38
C ARG B 592 -35.41 12.37 -21.18
N SER B 593 -36.28 13.35 -21.13
CA SER B 593 -37.15 13.56 -19.96
C SER B 593 -38.41 14.29 -20.38
N GLY B 594 -39.08 14.95 -19.45
CA GLY B 594 -40.36 15.58 -19.68
C GLY B 594 -40.13 16.98 -20.19
N LYS B 595 -41.18 17.54 -20.75
CA LYS B 595 -41.20 18.89 -21.29
C LYS B 595 -41.88 19.77 -20.25
N LEU B 596 -41.14 20.70 -19.64
CA LEU B 596 -41.60 21.40 -18.46
C LEU B 596 -41.27 22.89 -18.52
N LEU B 597 -42.05 23.66 -17.77
CA LEU B 597 -41.72 25.05 -17.43
C LEU B 597 -40.81 25.05 -16.21
N GLN B 598 -39.68 25.73 -16.31
CA GLN B 598 -38.68 25.75 -15.24
C GLN B 598 -38.39 27.15 -14.72
N VAL B 599 -38.45 28.17 -15.59
CA VAL B 599 -38.29 29.56 -15.15
C VAL B 599 -39.54 30.38 -15.44
N GLY B 600 -40.58 29.77 -15.99
CA GLY B 600 -41.80 30.48 -16.30
C GLY B 600 -41.70 31.21 -17.61
N PHE B 601 -40.97 32.33 -17.63
CA PHE B 601 -41.00 33.24 -18.77
C PHE B 601 -39.62 33.83 -19.01
N THR B 602 -39.40 34.21 -20.25
CA THR B 602 -38.17 34.90 -20.67
C THR B 602 -38.27 36.35 -20.21
N PRO B 603 -37.25 37.17 -20.50
CA PRO B 603 -37.44 38.62 -20.30
C PRO B 603 -38.67 39.14 -21.01
N ASP B 604 -38.97 38.64 -22.20
CA ASP B 604 -40.25 38.96 -22.86
C ASP B 604 -41.30 38.14 -22.11
N GLY B 605 -42.57 38.45 -22.21
CA GLY B 605 -43.65 37.81 -21.48
C GLY B 605 -43.88 36.36 -21.84
N LYS B 606 -43.32 35.90 -22.96
CA LYS B 606 -43.55 34.53 -23.41
C LYS B 606 -42.95 33.53 -22.42
N ASP B 607 -43.53 32.34 -22.40
CA ASP B 607 -43.08 31.26 -21.53
C ASP B 607 -42.18 30.28 -22.28
N ASP B 608 -41.34 29.58 -21.53
CA ASP B 608 -40.31 28.72 -22.11
C ASP B 608 -40.37 27.32 -21.51
N TYR B 609 -40.21 26.32 -22.37
CA TYR B 609 -40.05 24.93 -21.97
C TYR B 609 -38.64 24.49 -22.37
N ARG B 610 -38.03 23.64 -21.57
CA ARG B 610 -36.60 23.37 -21.79
C ARG B 610 -36.24 21.89 -21.88
N TRP B 611 -37.16 20.94 -21.69
CA TRP B 611 -36.77 19.50 -21.67
C TRP B 611 -35.88 19.10 -20.50
N CYS B 612 -36.27 19.44 -19.27
CA CYS B 612 -35.46 19.17 -18.10
C CYS B 612 -35.36 17.71 -17.64
N PHE B 613 -34.33 17.44 -16.85
CA PHE B 613 -34.08 16.13 -16.24
C PHE B 613 -34.14 16.28 -14.73
N ARG B 614 -34.95 15.44 -14.10
CA ARG B 614 -35.26 15.58 -12.68
C ARG B 614 -34.34 14.72 -11.81
N VAL B 615 -33.83 15.33 -10.74
CA VAL B 615 -32.99 14.64 -9.76
C VAL B 615 -33.47 15.04 -8.37
N ASP B 616 -33.71 14.04 -7.52
CA ASP B 616 -34.16 14.29 -6.15
C ASP B 616 -32.98 14.25 -5.19
N GLU B 617 -32.96 15.18 -4.24
CA GLU B 617 -31.86 15.30 -3.30
C GLU B 617 -32.42 15.50 -1.90
N VAL B 618 -31.69 15.00 -0.91
CA VAL B 618 -32.05 15.14 0.50
C VAL B 618 -30.88 15.81 1.21
N ASN B 619 -31.18 16.86 1.98
CA ASN B 619 -30.18 17.59 2.73
C ASN B 619 -30.75 17.91 4.11
N TRP B 620 -29.93 17.72 5.14
CA TRP B 620 -30.37 17.95 6.52
C TRP B 620 -29.78 19.21 7.13
N THR B 621 -28.51 19.51 6.89
CA THR B 621 -27.93 20.77 7.31
C THR B 621 -28.48 21.90 6.42
N THR B 622 -28.46 23.14 6.90
CA THR B 622 -29.10 24.27 6.16
C THR B 622 -30.56 23.92 5.95
N TRP B 623 -31.27 23.63 7.03
CA TRP B 623 -32.58 23.01 6.88
C TRP B 623 -33.54 23.56 5.84
N ASN B 624 -33.59 24.88 5.66
CA ASN B 624 -34.61 25.45 4.77
C ASN B 624 -34.10 26.76 4.18
N THR B 625 -33.95 26.81 2.86
CA THR B 625 -33.75 28.05 2.14
C THR B 625 -34.94 28.30 1.23
N ASN B 626 -35.33 27.29 0.46
CA ASN B 626 -36.57 27.40 -0.33
C ASN B 626 -36.68 28.74 -1.06
N VAL B 627 -35.57 29.25 -1.61
CA VAL B 627 -35.66 30.42 -2.47
C VAL B 627 -35.77 29.96 -3.93
N GLY B 628 -36.56 30.69 -4.72
CA GLY B 628 -36.64 30.46 -6.14
C GLY B 628 -37.43 29.24 -6.58
N ILE B 629 -38.17 28.60 -5.67
CA ILE B 629 -38.92 27.39 -6.01
C ILE B 629 -39.88 27.70 -7.15
N ILE B 630 -40.02 26.76 -8.08
CA ILE B 630 -40.88 26.97 -9.24
C ILE B 630 -42.34 26.70 -8.87
N ASN B 631 -42.60 25.55 -8.26
CA ASN B 631 -43.95 25.02 -8.13
C ASN B 631 -44.30 24.77 -6.67
N GLU B 632 -45.47 25.26 -6.27
CA GLU B 632 -46.13 24.77 -5.07
C GLU B 632 -46.90 23.50 -5.41
N ASP B 633 -47.35 22.79 -4.39
CA ASP B 633 -47.95 21.55 -3.93
C ASP B 633 -47.01 20.41 -4.30
N PRO B 634 -45.88 20.29 -3.61
CA PRO B 634 -44.81 19.42 -4.11
C PRO B 634 -45.27 18.00 -4.32
N GLY B 635 -44.74 17.37 -5.37
CA GLY B 635 -45.07 15.99 -5.70
C GLY B 635 -45.95 15.88 -6.92
N LEU C 80 49.05 47.01 24.63
CA LEU C 80 47.87 46.37 23.98
C LEU C 80 48.32 45.20 23.11
N LYS C 81 49.15 45.50 22.11
CA LYS C 81 49.66 44.46 21.23
C LYS C 81 50.52 43.48 22.02
N GLN C 82 50.46 42.21 21.61
CA GLN C 82 51.10 41.07 22.25
C GLN C 82 50.34 40.65 23.50
N PHE C 83 49.30 41.38 23.92
CA PHE C 83 48.43 41.00 25.02
C PHE C 83 47.01 40.73 24.56
N VAL C 84 46.44 41.60 23.73
CA VAL C 84 45.15 41.33 23.09
C VAL C 84 45.29 40.46 21.86
N ASN C 85 46.51 40.17 21.43
CA ASN C 85 46.77 39.31 20.28
C ASN C 85 47.36 37.97 20.68
N ALA C 86 47.47 37.68 21.97
CA ALA C 86 48.03 36.41 22.41
C ALA C 86 47.16 35.26 21.91
N SER C 87 47.82 34.17 21.49
CA SER C 87 47.11 33.04 20.91
C SER C 87 47.66 31.75 21.51
N TYR C 88 46.81 30.72 21.49
CA TYR C 88 47.22 29.41 22.00
C TYR C 88 48.38 28.86 21.19
N THR C 89 49.28 28.15 21.88
CA THR C 89 50.44 27.54 21.24
C THR C 89 50.31 26.04 21.07
N ASP C 90 49.34 25.41 21.72
CA ASP C 90 49.15 23.97 21.57
C ASP C 90 48.71 23.64 20.15
N SER C 91 49.21 22.52 19.63
CA SER C 91 48.85 22.12 18.27
C SER C 91 47.35 21.87 18.14
N TYR C 92 46.67 21.56 19.24
CA TYR C 92 45.23 21.33 19.18
C TYR C 92 44.47 22.64 18.99
N TYR C 93 44.85 23.68 19.74
CA TYR C 93 44.19 24.98 19.66
C TYR C 93 45.09 26.05 19.04
N LYS C 94 46.10 25.66 18.27
CA LYS C 94 47.04 26.61 17.72
C LYS C 94 46.31 27.67 16.90
N GLY C 95 46.63 28.94 17.15
CA GLY C 95 46.10 30.04 16.39
C GLY C 95 44.87 30.70 16.99
N GLN C 96 44.23 30.08 17.97
CA GLN C 96 43.05 30.70 18.57
C GLN C 96 43.41 32.01 19.24
N THR C 97 42.51 32.98 19.15
CA THR C 97 42.73 34.32 19.68
C THR C 97 41.47 34.76 20.43
N ALA C 98 41.65 35.75 21.32
CA ALA C 98 40.53 36.25 22.09
C ALA C 98 39.40 36.74 21.19
N LEU C 99 39.73 37.22 20.00
CA LEU C 99 38.70 37.65 19.06
C LEU C 99 37.81 36.47 18.66
N HIS C 100 38.41 35.31 18.42
CA HIS C 100 37.63 34.12 18.10
C HIS C 100 36.68 33.76 19.23
N ILE C 101 37.17 33.81 20.48
CA ILE C 101 36.32 33.48 21.62
C ILE C 101 35.19 34.49 21.74
N ALA C 102 35.48 35.77 21.54
CA ALA C 102 34.43 36.78 21.63
C ALA C 102 33.38 36.57 20.56
N ILE C 103 33.80 36.23 19.34
CA ILE C 103 32.85 35.99 18.26
C ILE C 103 31.99 34.78 18.57
N GLU C 104 32.60 33.71 19.07
CA GLU C 104 31.85 32.48 19.33
C GLU C 104 30.75 32.70 20.36
N ARG C 105 31.03 33.44 21.43
CA ARG C 105 30.07 33.65 22.50
C ARG C 105 28.91 34.55 22.08
N ARG C 106 28.96 35.14 20.89
CA ARG C 106 27.88 35.99 20.38
C ARG C 106 27.77 37.27 21.20
N ASN C 107 28.92 37.91 21.44
CA ASN C 107 29.01 39.14 22.21
C ASN C 107 29.48 40.25 21.28
N MET C 108 28.56 41.15 20.90
CA MET C 108 28.90 42.23 20.00
C MET C 108 29.78 43.27 20.70
N THR C 109 29.43 43.63 21.94
CA THR C 109 30.17 44.66 22.65
C THR C 109 31.61 44.24 22.88
N LEU C 110 31.82 42.99 23.29
CA LEU C 110 33.19 42.52 23.50
C LEU C 110 33.98 42.52 22.20
N VAL C 111 33.34 42.13 21.09
CA VAL C 111 34.02 42.13 19.80
C VAL C 111 34.44 43.55 19.42
N THR C 112 33.53 44.51 19.58
CA THR C 112 33.87 45.89 19.26
C THR C 112 34.99 46.40 20.14
N LEU C 113 34.94 46.09 21.44
CA LEU C 113 36.00 46.53 22.34
C LEU C 113 37.34 45.96 21.94
N LEU C 114 37.38 44.66 21.62
CA LEU C 114 38.64 44.03 21.23
C LEU C 114 39.16 44.62 19.92
N VAL C 115 38.28 44.87 18.96
CA VAL C 115 38.71 45.44 17.69
C VAL C 115 39.24 46.85 17.88
N GLU C 116 38.66 47.60 18.82
CA GLU C 116 39.12 48.96 19.07
C GLU C 116 40.56 48.99 19.52
N ASN C 117 40.96 48.04 20.37
CA ASN C 117 42.30 47.99 20.94
C ASN C 117 43.33 47.36 20.00
N GLY C 118 43.02 47.25 18.70
CA GLY C 118 43.99 46.75 17.74
C GLY C 118 43.97 45.27 17.51
N ALA C 119 42.90 44.57 17.90
CA ALA C 119 42.82 43.14 17.66
C ALA C 119 42.91 42.85 16.17
N ASP C 120 43.76 41.88 15.81
CA ASP C 120 43.97 41.54 14.41
C ASP C 120 42.81 40.70 13.89
N VAL C 121 42.24 41.10 12.75
CA VAL C 121 41.10 40.39 12.18
C VAL C 121 41.51 39.34 11.16
N GLN C 122 42.78 39.21 10.86
CA GLN C 122 43.28 38.19 9.94
C GLN C 122 43.93 37.02 10.66
N ALA C 123 43.74 36.90 11.97
CA ALA C 123 44.31 35.79 12.70
C ALA C 123 43.69 34.48 12.23
N ALA C 124 44.53 33.46 12.05
CA ALA C 124 44.11 32.15 11.56
C ALA C 124 44.21 31.13 12.67
N ALA C 125 43.12 30.40 12.91
CA ALA C 125 43.08 29.33 13.90
C ALA C 125 43.42 28.02 13.18
N ASN C 126 44.68 27.60 13.31
CA ASN C 126 45.19 26.43 12.61
C ASN C 126 45.21 25.18 13.49
N GLY C 127 44.60 25.24 14.67
CA GLY C 127 44.65 24.10 15.57
C GLY C 127 43.94 22.89 15.00
N ASP C 128 44.37 21.72 15.47
CA ASP C 128 43.78 20.47 14.99
C ASP C 128 42.30 20.38 15.34
N PHE C 129 41.87 21.02 16.43
CA PHE C 129 40.47 21.01 16.79
C PHE C 129 39.62 21.72 15.74
N PHE C 130 40.25 22.58 14.92
CA PHE C 130 39.55 23.34 13.90
C PHE C 130 39.65 22.71 12.52
N LYS C 131 40.11 21.46 12.44
CA LYS C 131 40.17 20.77 11.15
C LYS C 131 38.81 20.16 10.82
N LYS C 132 38.64 19.81 9.55
CA LYS C 132 37.34 19.35 9.07
C LYS C 132 36.89 18.08 9.79
N THR C 133 37.66 17.00 9.67
CA THR C 133 37.26 15.70 10.24
C THR C 133 38.37 14.97 10.97
N LYS C 134 39.64 15.26 10.72
CA LYS C 134 40.73 14.52 11.34
C LYS C 134 40.59 14.59 12.85
N GLY C 135 40.31 13.46 13.49
CA GLY C 135 39.91 13.45 14.88
C GLY C 135 38.42 13.62 15.01
N ARG C 136 37.76 12.73 15.73
CA ARG C 136 36.30 12.75 15.82
C ARG C 136 35.75 14.11 16.25
N PRO C 137 36.22 14.72 17.33
CA PRO C 137 35.72 16.04 17.70
C PRO C 137 36.36 17.15 16.87
N GLY C 138 35.65 18.26 16.78
CA GLY C 138 36.12 19.44 16.08
C GLY C 138 34.99 20.11 15.32
N PHE C 139 35.22 21.38 14.98
CA PHE C 139 34.25 22.17 14.21
C PHE C 139 35.05 23.06 13.26
N TYR C 140 34.93 22.80 11.96
CA TYR C 140 35.64 23.57 10.95
C TYR C 140 34.75 24.73 10.49
N PHE C 141 35.33 25.93 10.42
CA PHE C 141 34.59 27.12 10.02
C PHE C 141 35.38 28.04 9.10
N GLY C 142 36.54 27.61 8.61
CA GLY C 142 37.34 28.43 7.72
C GLY C 142 38.57 29.05 8.35
N GLU C 143 38.69 29.01 9.68
CA GLU C 143 39.86 29.44 10.46
C GLU C 143 39.96 30.95 10.61
N LEU C 144 39.09 31.74 9.98
CA LEU C 144 39.17 33.19 10.09
C LEU C 144 37.99 33.74 10.87
N PRO C 145 38.16 34.87 11.58
CA PRO C 145 37.04 35.42 12.34
C PRO C 145 35.84 35.77 11.47
N LEU C 146 36.06 36.28 10.25
CA LEU C 146 34.95 36.56 9.36
C LEU C 146 34.22 35.27 8.97
N SER C 147 34.99 34.22 8.62
CA SER C 147 34.38 32.94 8.31
C SER C 147 33.68 32.36 9.53
N LEU C 148 34.28 32.51 10.71
CA LEU C 148 33.65 32.02 11.93
C LEU C 148 32.31 32.71 12.17
N ALA C 149 32.27 34.03 12.00
CA ALA C 149 31.02 34.76 12.21
C ALA C 149 29.98 34.38 11.16
N ALA C 150 30.41 34.21 9.90
CA ALA C 150 29.47 33.85 8.85
C ALA C 150 28.88 32.46 9.08
N CYS C 151 29.72 31.49 9.44
CA CYS C 151 29.28 30.12 9.65
C CYS C 151 28.48 29.94 10.93
N THR C 152 28.43 30.95 11.80
CA THR C 152 27.67 30.87 13.04
C THR C 152 26.41 31.72 13.01
N ASN C 153 26.05 32.27 11.86
CA ASN C 153 24.79 33.00 11.69
C ASN C 153 24.78 34.27 12.55
N GLN C 154 25.82 35.09 12.40
CA GLN C 154 25.93 36.39 13.09
C GLN C 154 26.11 37.44 12.01
N LEU C 155 24.99 37.94 11.48
CA LEU C 155 25.05 38.93 10.40
C LEU C 155 25.63 40.26 10.88
N ALA C 156 25.22 40.70 12.08
CA ALA C 156 25.68 41.99 12.56
C ALA C 156 27.20 42.01 12.77
N ILE C 157 27.75 40.94 13.34
CA ILE C 157 29.19 40.88 13.56
C ILE C 157 29.92 40.85 12.22
N VAL C 158 29.37 40.12 11.24
CA VAL C 158 29.99 40.06 9.92
C VAL C 158 30.04 41.45 9.30
N LYS C 159 28.91 42.16 9.35
CA LYS C 159 28.87 43.51 8.80
C LYS C 159 29.85 44.42 9.51
N PHE C 160 29.91 44.35 10.84
CA PHE C 160 30.83 45.20 11.60
C PHE C 160 32.28 44.91 11.19
N LEU C 161 32.65 43.63 11.13
CA LEU C 161 34.00 43.29 10.71
C LEU C 161 34.29 43.79 9.29
N LEU C 162 33.27 43.78 8.43
CA LEU C 162 33.51 44.17 7.03
C LEU C 162 33.67 45.68 6.90
N GLN C 163 32.92 46.46 7.66
CA GLN C 163 32.90 47.91 7.51
C GLN C 163 33.17 48.61 8.83
N ASN C 164 34.26 48.21 9.49
CA ASN C 164 34.72 48.85 10.74
C ASN C 164 35.68 49.94 10.32
N SER C 165 35.84 50.97 11.13
CA SER C 165 36.74 52.08 10.85
C SER C 165 38.17 51.83 11.34
N TRP C 166 38.40 50.74 12.08
CA TRP C 166 39.72 50.46 12.65
C TRP C 166 40.53 49.53 11.76
N GLN C 167 39.99 48.36 11.43
CA GLN C 167 40.68 47.40 10.58
C GLN C 167 39.63 46.58 9.83
N PRO C 168 39.21 47.06 8.66
CA PRO C 168 38.22 46.30 7.88
C PRO C 168 38.75 44.94 7.49
N ALA C 169 37.85 43.95 7.49
CA ALA C 169 38.21 42.58 7.16
C ALA C 169 38.35 42.41 5.65
N ASP C 170 39.22 41.49 5.27
CA ASP C 170 39.45 41.18 3.86
C ASP C 170 38.41 40.14 3.41
N ILE C 171 37.56 40.53 2.45
CA ILE C 171 36.50 39.63 2.01
C ILE C 171 37.00 38.53 1.09
N SER C 172 38.16 38.72 0.46
CA SER C 172 38.72 37.74 -0.46
C SER C 172 39.81 36.89 0.17
N ALA C 173 39.96 36.93 1.49
CA ALA C 173 41.00 36.16 2.15
C ALA C 173 40.71 34.67 2.04
N ARG C 174 41.78 33.89 1.95
CA ARG C 174 41.69 32.44 1.87
C ARG C 174 42.40 31.82 3.06
N ASP C 175 41.91 30.66 3.50
CA ASP C 175 42.50 29.94 4.62
C ASP C 175 43.65 29.07 4.12
N SER C 176 44.12 28.16 4.97
CA SER C 176 45.24 27.31 4.59
C SER C 176 44.90 26.45 3.38
N VAL C 177 43.69 25.91 3.32
CA VAL C 177 43.28 25.04 2.23
C VAL C 177 42.72 25.87 1.08
N GLY C 178 42.83 27.19 1.19
CA GLY C 178 42.41 28.08 0.12
C GLY C 178 40.93 28.42 0.13
N ASN C 179 40.18 28.02 1.14
CA ASN C 179 38.74 28.27 1.18
C ASN C 179 38.45 29.67 1.69
N THR C 180 37.64 30.42 0.95
CA THR C 180 37.20 31.74 1.37
C THR C 180 35.95 31.60 2.24
N VAL C 181 35.30 32.72 2.53
CA VAL C 181 34.10 32.67 3.37
C VAL C 181 32.98 31.90 2.68
N LEU C 182 32.85 32.05 1.36
CA LEU C 182 31.83 31.32 0.63
C LEU C 182 32.14 29.83 0.60
N HIS C 183 33.41 29.47 0.44
CA HIS C 183 33.79 28.06 0.50
C HIS C 183 33.42 27.46 1.84
N ALA C 184 33.71 28.17 2.93
CA ALA C 184 33.36 27.68 4.27
C ALA C 184 31.85 27.57 4.44
N LEU C 185 31.11 28.54 3.91
CA LEU C 185 29.65 28.47 3.99
C LEU C 185 29.12 27.25 3.26
N VAL C 186 29.70 26.92 2.11
CA VAL C 186 29.31 25.70 1.42
C VAL C 186 29.71 24.46 2.22
N GLU C 187 30.87 24.52 2.88
CA GLU C 187 31.36 23.37 3.63
C GLU C 187 30.48 23.06 4.83
N VAL C 188 29.92 24.09 5.48
CA VAL C 188 29.09 23.86 6.66
C VAL C 188 27.67 23.49 6.31
N ALA C 189 27.28 23.54 5.04
CA ALA C 189 25.94 23.13 4.64
C ALA C 189 25.78 21.63 4.80
N ASP C 190 24.59 21.21 5.26
CA ASP C 190 24.33 19.80 5.52
C ASP C 190 22.96 19.34 5.03
N ASN C 191 22.27 20.12 4.21
CA ASN C 191 21.05 19.70 3.53
C ASN C 191 19.87 19.55 4.47
N THR C 192 19.75 20.43 5.46
CA THR C 192 18.57 20.52 6.31
C THR C 192 17.93 21.88 6.16
N VAL C 193 16.63 21.95 6.48
CA VAL C 193 15.84 23.14 6.14
C VAL C 193 16.41 24.37 6.83
N ASP C 194 16.62 24.29 8.15
CA ASP C 194 17.10 25.46 8.88
C ASP C 194 18.52 25.82 8.47
N ASN C 195 19.39 24.81 8.38
CA ASN C 195 20.76 25.06 7.95
C ASN C 195 20.80 25.60 6.53
N THR C 196 19.96 25.06 5.65
CA THR C 196 19.93 25.54 4.27
C THR C 196 19.50 27.00 4.21
N LYS C 197 18.45 27.36 4.96
CA LYS C 197 18.00 28.75 4.97
C LYS C 197 19.09 29.67 5.50
N PHE C 198 19.68 29.36 6.64
CA PHE C 198 20.79 30.15 7.21
C PHE C 198 21.85 30.25 6.11
N VAL C 199 22.42 29.16 5.59
CA VAL C 199 23.53 29.27 4.66
C VAL C 199 23.22 30.11 3.42
N THR C 200 22.05 29.89 2.82
CA THR C 200 21.70 30.66 1.63
C THR C 200 21.55 32.15 1.95
N SER C 201 20.91 32.48 3.06
CA SER C 201 20.75 33.87 3.43
C SER C 201 22.11 34.54 3.65
N MET C 202 23.00 33.85 4.38
CA MET C 202 24.31 34.43 4.64
C MET C 202 25.12 34.57 3.35
N TYR C 203 25.03 33.57 2.46
CA TYR C 203 25.69 33.67 1.17
C TYR C 203 25.23 34.90 0.41
N ASN C 204 23.91 35.11 0.36
CA ASN C 204 23.39 36.27 -0.36
C ASN C 204 23.87 37.57 0.27
N GLU C 205 23.83 37.67 1.60
CA GLU C 205 24.25 38.91 2.26
C GLU C 205 25.73 39.19 2.00
N ILE C 206 26.57 38.16 2.09
CA ILE C 206 28.00 38.36 1.84
C ILE C 206 28.22 38.80 0.39
N LEU C 207 27.51 38.18 -0.55
CA LEU C 207 27.68 38.55 -1.95
C LEU C 207 27.30 40.02 -2.17
N ILE C 208 26.17 40.43 -1.61
CA ILE C 208 25.72 41.81 -1.79
C ILE C 208 26.71 42.80 -1.15
N LEU C 209 27.17 42.49 0.07
CA LEU C 209 28.12 43.37 0.73
C LEU C 209 29.42 43.48 -0.06
N GLY C 210 29.93 42.35 -0.56
CA GLY C 210 31.14 42.39 -1.35
C GLY C 210 30.98 43.20 -2.63
N ALA C 211 29.83 43.06 -3.29
CA ALA C 211 29.57 43.86 -4.48
C ALA C 211 29.52 45.34 -4.15
N LYS C 212 28.88 45.69 -3.04
CA LYS C 212 28.79 47.09 -2.65
C LYS C 212 30.18 47.67 -2.35
N LEU C 213 30.99 46.94 -1.58
CA LEU C 213 32.28 47.47 -1.15
C LEU C 213 33.28 47.46 -2.30
N HIS C 214 33.35 46.35 -3.04
CA HIS C 214 34.30 46.19 -4.14
C HIS C 214 33.56 45.73 -5.39
N PRO C 215 32.98 46.67 -6.14
CA PRO C 215 32.20 46.27 -7.32
C PRO C 215 33.03 45.58 -8.39
N THR C 216 34.35 45.70 -8.36
CA THR C 216 35.21 45.13 -9.37
C THR C 216 35.72 43.73 -9.02
N LEU C 217 35.31 43.18 -7.88
CA LEU C 217 35.81 41.89 -7.42
C LEU C 217 34.84 40.77 -7.78
N LYS C 218 35.39 39.65 -8.24
CA LYS C 218 34.61 38.46 -8.60
C LYS C 218 34.79 37.44 -7.49
N LEU C 219 33.90 37.50 -6.48
CA LEU C 219 34.03 36.61 -5.33
C LEU C 219 33.85 35.15 -5.72
N GLU C 220 32.89 34.87 -6.60
CA GLU C 220 32.52 33.50 -6.92
C GLU C 220 33.48 32.83 -7.88
N GLU C 221 34.47 33.54 -8.41
CA GLU C 221 35.45 32.97 -9.32
C GLU C 221 36.74 32.55 -8.63
N ILE C 222 36.83 32.71 -7.32
CA ILE C 222 38.04 32.35 -6.59
C ILE C 222 38.01 30.86 -6.29
N THR C 223 39.10 30.17 -6.63
CA THR C 223 39.22 28.73 -6.43
C THR C 223 40.12 28.43 -5.24
N ASN C 224 39.89 27.27 -4.64
CA ASN C 224 40.66 26.83 -3.48
C ASN C 224 41.87 26.01 -3.94
N ARG C 225 42.53 25.34 -2.99
CA ARG C 225 43.71 24.55 -3.34
C ARG C 225 43.37 23.44 -4.30
N LYS C 226 42.22 22.79 -4.12
CA LYS C 226 41.78 21.75 -5.03
C LYS C 226 41.40 22.28 -6.40
N GLY C 227 41.30 23.60 -6.57
CA GLY C 227 40.92 24.17 -7.84
C GLY C 227 39.43 24.21 -8.08
N LEU C 228 38.62 24.38 -7.03
CA LEU C 228 37.17 24.39 -7.14
C LEU C 228 36.63 25.74 -6.67
N THR C 229 35.68 26.26 -7.44
CA THR C 229 34.90 27.42 -7.01
C THR C 229 33.81 26.97 -6.06
N PRO C 230 33.16 27.91 -5.35
CA PRO C 230 32.07 27.50 -4.46
C PRO C 230 30.98 26.70 -5.15
N LEU C 231 30.64 27.06 -6.39
CA LEU C 231 29.63 26.31 -7.12
C LEU C 231 30.11 24.89 -7.42
N ALA C 232 31.36 24.75 -7.88
CA ALA C 232 31.90 23.42 -8.13
C ALA C 232 32.00 22.61 -6.84
N LEU C 233 32.38 23.25 -5.74
CA LEU C 233 32.45 22.55 -4.47
C LEU C 233 31.07 22.06 -4.05
N ALA C 234 30.04 22.90 -4.22
CA ALA C 234 28.69 22.48 -3.88
C ALA C 234 28.25 21.31 -4.76
N ALA C 235 28.54 21.38 -6.05
CA ALA C 235 28.12 20.31 -6.96
C ALA C 235 28.82 19.00 -6.65
N SER C 236 30.11 19.04 -6.34
CA SER C 236 30.89 17.84 -6.12
C SER C 236 30.72 17.25 -4.72
N SER C 237 30.12 18.00 -3.79
CA SER C 237 29.95 17.54 -2.43
C SER C 237 28.52 17.13 -2.11
N GLY C 238 27.59 17.31 -3.04
CA GLY C 238 26.22 16.92 -2.81
C GLY C 238 25.39 17.92 -2.05
N LYS C 239 25.83 19.17 -1.97
CA LYS C 239 25.09 20.22 -1.27
C LYS C 239 23.98 20.72 -2.20
N ILE C 240 22.86 20.00 -2.17
CA ILE C 240 21.79 20.23 -3.14
C ILE C 240 21.11 21.58 -2.89
N GLY C 241 20.94 21.94 -1.62
CA GLY C 241 20.26 23.20 -1.33
C GLY C 241 21.04 24.41 -1.80
N VAL C 242 22.35 24.42 -1.54
CA VAL C 242 23.18 25.53 -1.98
C VAL C 242 23.22 25.60 -3.50
N LEU C 243 23.32 24.44 -4.16
CA LEU C 243 23.33 24.43 -5.62
C LEU C 243 22.02 24.97 -6.18
N ALA C 244 20.89 24.55 -5.62
CA ALA C 244 19.60 25.07 -6.08
C ALA C 244 19.51 26.57 -5.88
N TYR C 245 19.97 27.07 -4.73
CA TYR C 245 19.94 28.50 -4.49
C TYR C 245 20.79 29.25 -5.52
N ILE C 246 22.01 28.75 -5.78
CA ILE C 246 22.93 29.46 -6.66
C ILE C 246 22.41 29.48 -8.09
N LEU C 247 21.94 28.33 -8.59
CA LEU C 247 21.60 28.25 -10.00
C LEU C 247 20.39 29.10 -10.35
N GLN C 248 19.51 29.37 -9.38
CA GLN C 248 18.29 30.15 -9.62
C GLN C 248 18.35 31.51 -8.91
N ARG C 249 19.55 32.01 -8.67
CA ARG C 249 19.70 33.24 -7.89
C ARG C 249 19.11 34.42 -8.64
N GLU C 250 18.29 35.21 -7.95
CA GLU C 250 17.65 36.39 -8.52
C GLU C 250 17.76 37.54 -7.53
N ILE C 251 18.43 38.61 -7.93
CA ILE C 251 18.61 39.80 -7.10
C ILE C 251 17.97 40.97 -7.81
N HIS C 252 16.94 41.55 -7.18
CA HIS C 252 16.14 42.61 -7.79
C HIS C 252 16.60 44.00 -7.37
N GLU C 253 17.68 44.11 -6.59
CA GLU C 253 18.14 45.40 -6.10
C GLU C 253 19.01 46.07 -7.17
N PRO C 254 18.65 47.25 -7.65
CA PRO C 254 19.51 47.91 -8.65
C PRO C 254 20.90 48.16 -8.09
N GLU C 255 21.88 48.17 -9.00
CA GLU C 255 23.31 48.34 -8.74
C GLU C 255 23.93 47.04 -8.23
N CYS C 256 23.15 45.99 -7.98
CA CYS C 256 23.70 44.71 -7.55
C CYS C 256 23.03 43.52 -8.23
N ARG C 257 22.21 43.76 -9.26
CA ARG C 257 21.50 42.67 -9.92
C ARG C 257 22.37 41.96 -10.95
N HIS C 258 23.57 42.47 -11.25
CA HIS C 258 24.48 41.74 -12.11
C HIS C 258 24.99 40.46 -11.48
N LEU C 259 24.79 40.28 -10.17
CA LEU C 259 25.17 39.05 -9.49
C LEU C 259 24.20 37.90 -9.72
N SER C 260 23.01 38.19 -10.21
CA SER C 260 21.99 37.15 -10.37
C SER C 260 22.35 36.23 -11.54
N ARG C 261 21.80 35.02 -11.49
CA ARG C 261 21.97 34.03 -12.53
C ARG C 261 20.68 33.72 -13.29
N LYS C 262 19.54 34.22 -12.81
CA LYS C 262 18.26 34.03 -13.47
C LYS C 262 17.66 35.41 -13.75
N PHE C 263 17.18 35.59 -14.99
CA PHE C 263 16.65 36.88 -15.42
C PHE C 263 15.30 36.68 -16.07
N THR C 264 14.57 37.80 -16.22
CA THR C 264 13.26 37.83 -16.87
C THR C 264 13.39 38.65 -18.15
N GLU C 265 13.32 37.98 -19.30
CA GLU C 265 13.53 38.67 -20.57
C GLU C 265 12.34 39.54 -20.94
N TRP C 266 11.12 39.04 -20.75
CA TRP C 266 9.92 39.82 -21.05
C TRP C 266 8.73 39.16 -20.40
N ALA C 267 7.63 39.90 -20.33
CA ALA C 267 6.39 39.42 -19.72
C ALA C 267 5.21 40.06 -20.42
N TYR C 268 4.31 39.24 -20.94
CA TYR C 268 3.08 39.69 -21.57
C TYR C 268 1.90 39.02 -20.87
N GLY C 269 1.18 39.79 -20.05
CA GLY C 269 0.06 39.25 -19.31
C GLY C 269 0.50 38.19 -18.32
N PRO C 270 -0.02 36.97 -18.44
CA PRO C 270 0.34 35.92 -17.49
C PRO C 270 1.56 35.10 -17.86
N VAL C 271 2.19 35.33 -19.01
CA VAL C 271 3.29 34.51 -19.50
C VAL C 271 4.53 35.39 -19.57
N HIS C 272 5.63 34.89 -18.99
CA HIS C 272 6.92 35.57 -19.01
C HIS C 272 8.01 34.58 -19.39
N SER C 273 9.06 35.10 -20.02
CA SER C 273 10.18 34.31 -20.48
C SER C 273 11.37 34.58 -19.57
N SER C 274 11.94 33.52 -19.01
CA SER C 274 13.06 33.62 -18.08
C SER C 274 14.35 33.14 -18.75
N LEU C 275 15.46 33.77 -18.38
CA LEU C 275 16.77 33.42 -18.88
C LEU C 275 17.62 32.87 -17.74
N TYR C 276 18.21 31.70 -17.95
CA TYR C 276 19.08 31.07 -16.96
C TYR C 276 20.52 31.18 -17.44
N ASP C 277 21.37 31.75 -16.60
CA ASP C 277 22.79 31.81 -16.91
C ASP C 277 23.38 30.41 -16.90
N LEU C 278 24.09 30.05 -17.97
CA LEU C 278 24.69 28.73 -18.10
C LEU C 278 26.21 28.76 -17.96
N SER C 279 26.77 29.84 -17.48
CA SER C 279 28.21 29.90 -17.29
C SER C 279 28.65 28.83 -16.30
N CYS C 280 29.68 28.07 -16.70
CA CYS C 280 30.26 27.02 -15.86
C CYS C 280 29.27 25.90 -15.57
N ILE C 281 28.30 25.67 -16.45
CA ILE C 281 27.29 24.64 -16.26
C ILE C 281 27.55 23.43 -17.16
N ASP C 282 27.70 23.66 -18.47
CA ASP C 282 27.91 22.58 -19.41
C ASP C 282 29.28 22.59 -20.07
N THR C 283 30.06 23.66 -19.91
CA THR C 283 31.42 23.70 -20.44
C THR C 283 32.21 24.76 -19.70
N CYS C 284 33.24 24.34 -18.97
CA CYS C 284 34.14 25.26 -18.28
C CYS C 284 35.61 24.92 -18.50
N GLU C 285 35.92 23.77 -19.08
CA GLU C 285 37.29 23.36 -19.43
C GLU C 285 38.08 22.97 -18.20
N LYS C 286 37.53 23.19 -16.99
CA LYS C 286 38.13 22.67 -15.77
C LYS C 286 37.23 21.66 -15.08
N ASN C 287 36.02 22.08 -14.69
CA ASN C 287 35.03 21.15 -14.15
C ASN C 287 33.68 21.83 -14.21
N SER C 288 32.84 21.41 -15.15
CA SER C 288 31.48 21.95 -15.21
C SER C 288 30.58 21.21 -14.24
N VAL C 289 29.45 21.83 -13.94
CA VAL C 289 28.50 21.23 -12.99
C VAL C 289 28.00 19.90 -13.52
N LEU C 290 27.66 19.85 -14.82
CA LEU C 290 27.16 18.61 -15.40
C LEU C 290 28.21 17.51 -15.33
N GLU C 291 29.45 17.84 -15.71
CA GLU C 291 30.52 16.85 -15.66
C GLU C 291 30.79 16.41 -14.23
N VAL C 292 30.80 17.35 -13.29
CA VAL C 292 31.10 17.01 -11.89
C VAL C 292 30.03 16.08 -11.34
N ILE C 293 28.76 16.36 -11.63
CA ILE C 293 27.69 15.53 -11.10
C ILE C 293 27.68 14.16 -11.78
N ALA C 294 27.82 14.13 -13.10
CA ALA C 294 27.72 12.87 -13.83
C ALA C 294 28.83 11.91 -13.44
N TYR C 295 30.06 12.40 -13.31
CA TYR C 295 31.21 11.56 -13.04
C TYR C 295 31.57 11.54 -11.55
N SER C 296 30.64 11.88 -10.68
CA SER C 296 30.91 11.86 -9.25
C SER C 296 31.02 10.43 -8.75
N SER C 297 31.73 10.28 -7.63
CA SER C 297 31.90 8.97 -7.03
C SER C 297 30.57 8.46 -6.46
N SER C 298 30.53 7.16 -6.18
CA SER C 298 29.32 6.55 -5.65
C SER C 298 29.00 6.97 -4.22
N GLU C 299 29.93 7.64 -3.54
CA GLU C 299 29.73 8.05 -2.16
C GLU C 299 29.14 9.46 -2.04
N THR C 300 28.93 10.16 -3.14
CA THR C 300 28.37 11.50 -3.07
C THR C 300 26.95 11.44 -2.52
N PRO C 301 26.58 12.26 -1.53
CA PRO C 301 25.29 12.08 -0.87
C PRO C 301 24.08 12.12 -1.78
N ASN C 302 24.03 13.02 -2.75
CA ASN C 302 22.82 13.28 -3.52
C ASN C 302 23.09 13.25 -5.01
N ARG C 303 23.90 12.31 -5.48
CA ARG C 303 24.30 12.31 -6.88
C ARG C 303 23.10 12.10 -7.80
N HIS C 304 22.14 11.26 -7.44
CA HIS C 304 20.96 10.94 -8.26
C HIS C 304 19.93 12.05 -8.18
N ASP C 305 19.97 12.89 -7.18
CA ASP C 305 18.95 13.92 -7.01
C ASP C 305 19.37 15.29 -7.50
N MET C 306 20.66 15.53 -7.68
CA MET C 306 21.13 16.87 -8.03
C MET C 306 20.76 17.27 -9.45
N LEU C 307 20.45 16.31 -10.32
CA LEU C 307 20.07 16.64 -11.69
C LEU C 307 18.64 17.15 -11.79
N LEU C 308 17.86 17.09 -10.71
CA LEU C 308 16.50 17.60 -10.72
C LEU C 308 16.43 19.11 -10.52
N VAL C 309 17.55 19.76 -10.18
CA VAL C 309 17.54 21.21 -10.05
C VAL C 309 17.16 21.82 -11.41
N GLU C 310 16.41 22.91 -11.36
CA GLU C 310 15.56 23.36 -12.47
C GLU C 310 16.27 23.35 -13.83
N PRO C 311 17.29 24.18 -14.05
CA PRO C 311 17.84 24.31 -15.41
C PRO C 311 18.43 23.03 -15.97
N LEU C 312 19.00 22.16 -15.12
CA LEU C 312 19.80 21.04 -15.61
C LEU C 312 18.95 20.03 -16.39
N ASN C 313 17.77 19.72 -15.88
CA ASN C 313 16.92 18.74 -16.55
C ASN C 313 16.55 19.20 -17.96
N ARG C 314 16.11 20.45 -18.08
CA ARG C 314 15.75 20.98 -19.38
C ARG C 314 16.95 21.05 -20.30
N LEU C 315 18.11 21.42 -19.78
CA LEU C 315 19.31 21.48 -20.61
C LEU C 315 19.67 20.11 -21.15
N LEU C 316 19.62 19.08 -20.31
CA LEU C 316 19.93 17.73 -20.77
C LEU C 316 18.92 17.26 -21.80
N GLN C 317 17.63 17.55 -21.57
CA GLN C 317 16.61 17.16 -22.55
C GLN C 317 16.85 17.86 -23.89
N ASP C 318 17.24 19.13 -23.85
CA ASP C 318 17.51 19.87 -25.08
C ASP C 318 18.67 19.24 -25.84
N LYS C 319 19.76 18.93 -25.14
CA LYS C 319 20.90 18.28 -25.80
C LYS C 319 20.47 16.96 -26.43
N TRP C 320 19.73 16.16 -25.66
CA TRP C 320 19.21 14.89 -26.16
C TRP C 320 18.49 15.11 -27.48
N ASP C 321 17.39 15.88 -27.43
CA ASP C 321 16.54 16.09 -28.60
C ASP C 321 17.26 16.76 -29.75
N ARG C 322 18.38 17.45 -29.50
CA ARG C 322 19.06 18.12 -30.58
C ARG C 322 20.00 17.19 -31.35
N PHE C 323 20.85 16.41 -30.66
CA PHE C 323 21.69 15.48 -31.42
C PHE C 323 21.87 14.09 -30.81
N VAL C 324 21.66 13.91 -29.51
CA VAL C 324 22.14 12.69 -28.88
C VAL C 324 21.19 11.55 -29.17
N LYS C 325 19.89 11.83 -29.34
CA LYS C 325 18.94 10.78 -29.68
C LYS C 325 19.34 10.09 -30.97
N ARG C 326 19.67 10.88 -32.00
CA ARG C 326 20.02 10.30 -33.29
C ARG C 326 21.34 9.56 -33.23
N ILE C 327 22.35 10.13 -32.55
CA ILE C 327 23.62 9.41 -32.45
C ILE C 327 23.41 8.08 -31.70
N PHE C 328 22.58 8.10 -30.66
CA PHE C 328 22.32 6.88 -29.88
C PHE C 328 21.60 5.83 -30.73
N TYR C 329 20.63 6.25 -31.53
CA TYR C 329 19.93 5.30 -32.39
C TYR C 329 20.89 4.67 -33.40
N PHE C 330 21.80 5.47 -33.96
CA PHE C 330 22.78 4.90 -34.88
C PHE C 330 23.67 3.88 -34.17
N ASN C 331 24.12 4.19 -32.96
CA ASN C 331 24.94 3.25 -32.22
C ASN C 331 24.18 1.94 -31.96
N PHE C 332 22.91 2.05 -31.58
CA PHE C 332 22.11 0.85 -31.33
C PHE C 332 21.98 0.01 -32.59
N PHE C 333 21.74 0.66 -33.74
CA PHE C 333 21.62 -0.08 -35.00
C PHE C 333 22.93 -0.80 -35.32
N VAL C 334 24.06 -0.13 -35.14
CA VAL C 334 25.35 -0.75 -35.44
C VAL C 334 25.57 -1.97 -34.54
N TYR C 335 25.23 -1.84 -33.25
CA TYR C 335 25.41 -2.98 -32.35
C TYR C 335 24.51 -4.15 -32.73
N CYS C 336 23.27 -3.85 -33.15
CA CYS C 336 22.38 -4.92 -33.57
C CYS C 336 22.94 -5.65 -34.79
N LEU C 337 23.46 -4.89 -35.76
CA LEU C 337 24.07 -5.53 -36.93
C LEU C 337 25.26 -6.40 -36.53
N TYR C 338 26.10 -5.89 -35.62
CA TYR C 338 27.25 -6.66 -35.18
C TYR C 338 26.82 -7.97 -34.53
N MET C 339 25.80 -7.92 -33.67
CA MET C 339 25.36 -9.14 -32.99
C MET C 339 24.75 -10.12 -33.98
N ILE C 340 24.00 -9.63 -34.96
CA ILE C 340 23.42 -10.53 -35.96
C ILE C 340 24.51 -11.23 -36.75
N ILE C 341 25.53 -10.48 -37.17
CA ILE C 341 26.62 -11.09 -37.94
C ILE C 341 27.37 -12.10 -37.09
N PHE C 342 27.61 -11.77 -35.83
CA PHE C 342 28.30 -12.71 -34.94
C PHE C 342 27.49 -13.99 -34.76
N THR C 343 26.18 -13.87 -34.57
CA THR C 343 25.34 -15.04 -34.42
C THR C 343 25.38 -15.90 -35.68
N ALA C 344 25.28 -15.27 -36.85
CA ALA C 344 25.30 -16.02 -38.10
C ALA C 344 26.62 -16.74 -38.29
N ALA C 345 27.73 -16.06 -37.99
CA ALA C 345 29.04 -16.67 -38.17
C ALA C 345 29.25 -17.84 -37.21
N ALA C 346 28.82 -17.69 -35.96
CA ALA C 346 28.99 -18.77 -34.98
C ALA C 346 28.07 -19.95 -35.28
N TYR C 347 26.90 -19.69 -35.85
CA TYR C 347 25.95 -20.77 -36.14
C TYR C 347 26.51 -21.75 -37.16
N TYR C 348 27.29 -21.27 -38.13
CA TYR C 348 27.79 -22.09 -39.22
C TYR C 348 29.26 -22.49 -39.04
N ARG C 349 29.72 -22.59 -37.80
CA ARG C 349 31.09 -23.02 -37.56
C ARG C 349 31.28 -24.43 -38.11
N PRO C 350 32.39 -24.72 -38.78
CA PRO C 350 32.61 -26.07 -39.30
C PRO C 350 32.90 -27.06 -38.17
N VAL C 351 32.46 -28.30 -38.38
CA VAL C 351 32.75 -29.37 -37.43
C VAL C 351 33.61 -30.42 -38.12
N GLU C 352 34.93 -30.23 -38.05
CA GLU C 352 35.89 -31.18 -38.58
C GLU C 352 36.88 -31.64 -37.52
N GLY C 353 37.48 -30.71 -36.77
CA GLY C 353 38.38 -31.06 -35.69
C GLY C 353 39.68 -30.27 -35.73
N LEU C 354 40.16 -29.88 -34.55
CA LEU C 354 41.48 -29.28 -34.41
C LEU C 354 41.68 -28.08 -35.35
N PRO C 355 41.07 -26.93 -35.06
CA PRO C 355 41.29 -25.74 -35.90
C PRO C 355 42.77 -25.40 -35.99
N PRO C 356 43.15 -24.45 -36.86
CA PRO C 356 42.30 -23.68 -37.78
C PRO C 356 41.76 -24.51 -38.93
N TYR C 357 40.69 -24.03 -39.55
CA TYR C 357 40.00 -24.76 -40.62
C TYR C 357 40.35 -24.15 -41.97
N LYS C 358 40.65 -25.02 -42.93
CA LYS C 358 41.05 -24.55 -44.25
C LYS C 358 39.88 -23.89 -44.97
N LEU C 359 40.21 -22.93 -45.83
CA LEU C 359 39.21 -22.12 -46.53
C LEU C 359 38.85 -22.81 -47.84
N LYS C 360 37.62 -23.30 -47.94
CA LYS C 360 37.14 -23.89 -49.18
C LYS C 360 36.74 -22.80 -50.16
N ASN C 361 36.69 -23.16 -51.44
CA ASN C 361 36.36 -22.22 -52.51
C ASN C 361 34.85 -22.26 -52.73
N THR C 362 34.13 -21.45 -51.96
CA THR C 362 32.69 -21.33 -52.09
C THR C 362 32.26 -19.99 -51.54
N VAL C 363 31.07 -19.55 -51.96
CA VAL C 363 30.54 -18.27 -51.48
C VAL C 363 30.26 -18.34 -49.99
N GLY C 364 29.68 -19.45 -49.53
CA GLY C 364 29.35 -19.57 -48.12
C GLY C 364 30.57 -19.51 -47.22
N ASP C 365 31.65 -20.15 -47.64
CA ASP C 365 32.89 -20.10 -46.86
C ASP C 365 33.42 -18.68 -46.76
N TYR C 366 33.38 -17.94 -47.87
CA TYR C 366 33.83 -16.55 -47.86
C TYR C 366 32.97 -15.70 -46.94
N PHE C 367 31.65 -15.89 -46.98
CA PHE C 367 30.77 -15.15 -46.08
C PHE C 367 31.06 -15.48 -44.63
N ARG C 368 31.36 -16.73 -44.33
CA ARG C 368 31.60 -17.18 -42.96
C ARG C 368 32.93 -16.64 -42.49
N VAL C 369 33.93 -16.50 -43.34
CA VAL C 369 35.21 -15.92 -42.96
C VAL C 369 35.06 -14.42 -42.73
N THR C 370 34.28 -13.75 -43.58
CA THR C 370 34.03 -12.32 -43.39
C THR C 370 33.32 -12.07 -42.06
N GLY C 371 32.33 -12.91 -41.72
CA GLY C 371 31.64 -12.76 -40.46
C GLY C 371 32.56 -12.91 -39.27
N GLU C 372 33.46 -13.86 -39.35
CA GLU C 372 34.39 -14.17 -38.27
C GLU C 372 35.39 -13.04 -38.15
N ILE C 373 35.80 -12.41 -39.23
CA ILE C 373 36.68 -11.24 -39.20
C ILE C 373 35.97 -10.06 -38.55
N LEU C 374 34.71 -9.83 -38.92
CA LEU C 374 33.97 -8.71 -38.34
C LEU C 374 33.76 -8.91 -36.84
N SER C 375 33.47 -10.14 -36.42
CA SER C 375 33.29 -10.41 -35.00
C SER C 375 34.56 -10.12 -34.22
N VAL C 376 35.71 -10.56 -34.75
CA VAL C 376 36.98 -10.30 -34.07
C VAL C 376 37.26 -8.80 -34.02
N SER C 377 36.94 -8.09 -35.10
CA SER C 377 37.14 -6.65 -35.11
C SER C 377 36.29 -5.98 -34.02
N GLY C 378 35.03 -6.39 -33.88
CA GLY C 378 34.20 -5.81 -32.84
C GLY C 378 34.72 -6.12 -31.44
N GLY C 379 35.20 -7.35 -31.23
CA GLY C 379 35.77 -7.67 -29.95
C GLY C 379 36.98 -6.81 -29.62
N VAL C 380 37.86 -6.60 -30.60
CA VAL C 380 39.03 -5.74 -30.39
C VAL C 380 38.59 -4.33 -30.07
N TYR C 381 37.60 -3.82 -30.80
CA TYR C 381 37.12 -2.46 -30.56
C TYR C 381 36.60 -2.30 -29.14
N PHE C 382 35.81 -3.26 -28.66
CA PHE C 382 35.28 -3.16 -27.31
C PHE C 382 36.37 -3.33 -26.26
N PHE C 383 37.36 -4.18 -26.51
CA PHE C 383 38.48 -4.31 -25.59
C PHE C 383 39.21 -2.99 -25.44
N PHE C 384 39.48 -2.31 -26.56
CA PHE C 384 40.21 -1.06 -26.49
C PHE C 384 39.37 0.04 -25.87
N ARG C 385 38.08 0.11 -26.09
CA ARG C 385 37.17 1.08 -25.43
C ARG C 385 37.09 0.78 -23.96
N GLY C 386 37.17 -0.46 -23.49
CA GLY C 386 37.24 -0.72 -22.06
C GLY C 386 38.55 -0.23 -21.45
N ILE C 387 39.66 -0.48 -22.15
CA ILE C 387 40.94 0.03 -21.66
C ILE C 387 40.93 1.55 -21.58
N GLN C 388 40.40 2.19 -22.62
CA GLN C 388 40.34 3.65 -22.64
C GLN C 388 39.49 4.19 -21.49
N TYR C 389 38.38 3.53 -21.19
CA TYR C 389 37.55 3.95 -20.06
C TYR C 389 38.32 3.81 -18.75
N PHE C 390 38.93 2.65 -18.53
CA PHE C 390 39.66 2.42 -17.28
C PHE C 390 40.80 3.43 -17.11
N LEU C 391 41.39 3.90 -18.21
CA LEU C 391 42.44 4.90 -18.10
C LEU C 391 41.86 6.29 -17.85
N GLN C 392 40.86 6.70 -18.63
CA GLN C 392 40.37 8.07 -18.55
C GLN C 392 39.65 8.33 -17.23
N ARG C 393 38.72 7.45 -16.84
CA ARG C 393 37.96 7.68 -15.62
C ARG C 393 38.74 7.33 -14.37
N ARG C 394 39.63 6.35 -14.45
CA ARG C 394 40.39 5.90 -13.29
C ARG C 394 39.47 5.55 -12.12
N PRO C 395 38.70 4.47 -12.22
CA PRO C 395 37.92 4.02 -11.06
C PRO C 395 38.83 3.71 -9.88
N SER C 396 38.31 3.97 -8.68
CA SER C 396 39.08 3.84 -7.45
C SER C 396 39.03 2.45 -6.85
N LEU C 397 38.72 1.43 -7.66
CA LEU C 397 38.70 0.03 -7.22
C LEU C 397 37.51 -0.25 -6.30
N LYS C 398 36.75 0.78 -5.95
CA LYS C 398 35.47 0.62 -5.26
C LYS C 398 34.30 1.03 -6.12
N SER C 399 34.44 2.13 -6.87
CA SER C 399 33.49 2.42 -7.94
C SER C 399 33.64 1.43 -9.09
N LEU C 400 34.74 0.68 -9.12
CA LEU C 400 34.95 -0.30 -10.17
C LEU C 400 33.91 -1.42 -10.10
N PHE C 401 33.62 -1.92 -8.89
CA PHE C 401 32.71 -3.04 -8.72
C PHE C 401 31.44 -2.65 -7.97
N VAL C 402 31.19 -1.37 -7.76
CA VAL C 402 29.89 -0.89 -7.30
C VAL C 402 29.26 0.11 -8.25
N ASP C 403 30.01 0.62 -9.24
CA ASP C 403 29.49 1.48 -10.28
C ASP C 403 29.96 0.94 -11.63
N SER C 404 29.68 1.58 -12.71
CA SER C 404 30.15 0.98 -13.97
C SER C 404 29.92 -0.52 -14.14
N TYR C 405 28.70 -1.01 -14.15
CA TYR C 405 28.40 -2.41 -14.45
C TYR C 405 28.48 -2.63 -15.95
N SER C 406 28.00 -1.74 -16.81
CA SER C 406 27.97 -1.97 -18.25
C SER C 406 29.36 -1.97 -18.85
N GLU C 407 30.25 -1.09 -18.37
CA GLU C 407 31.62 -1.08 -18.85
C GLU C 407 32.28 -2.43 -18.61
N ILE C 408 32.13 -2.96 -17.39
CA ILE C 408 32.74 -4.24 -17.05
C ILE C 408 32.13 -5.36 -17.90
N LEU C 409 30.82 -5.33 -18.10
CA LEU C 409 30.17 -6.40 -18.86
C LEU C 409 30.67 -6.43 -20.30
N PHE C 410 30.74 -5.25 -20.94
CA PHE C 410 31.23 -5.20 -22.31
C PHE C 410 32.70 -5.61 -22.38
N PHE C 411 33.50 -5.19 -21.39
CA PHE C 411 34.90 -5.58 -21.37
C PHE C 411 35.06 -7.09 -21.23
N VAL C 412 34.24 -7.71 -20.37
CA VAL C 412 34.35 -9.16 -20.17
C VAL C 412 33.93 -9.90 -21.43
N GLN C 413 32.90 -9.41 -22.12
CA GLN C 413 32.53 -10.02 -23.39
C GLN C 413 33.68 -9.96 -24.38
N SER C 414 34.33 -8.80 -24.49
CA SER C 414 35.47 -8.68 -25.39
C SER C 414 36.61 -9.62 -24.98
N LEU C 415 36.82 -9.77 -23.67
CA LEU C 415 37.86 -10.68 -23.19
C LEU C 415 37.56 -12.12 -23.60
N PHE C 416 36.30 -12.54 -23.49
CA PHE C 416 35.93 -13.88 -23.93
C PHE C 416 36.19 -14.05 -25.43
N MET C 417 35.85 -13.03 -26.22
CA MET C 417 36.11 -13.13 -27.66
C MET C 417 37.60 -13.29 -27.96
N LEU C 418 38.44 -12.49 -27.30
CA LEU C 418 39.87 -12.56 -27.58
C LEU C 418 40.48 -13.87 -27.11
N VAL C 419 40.06 -14.36 -25.94
CA VAL C 419 40.52 -15.66 -25.48
C VAL C 419 40.09 -16.76 -26.46
N SER C 420 38.89 -16.62 -27.01
CA SER C 420 38.43 -17.59 -28.01
C SER C 420 39.35 -17.58 -29.22
N VAL C 421 39.74 -16.39 -29.70
CA VAL C 421 40.64 -16.32 -30.85
C VAL C 421 41.97 -16.99 -30.52
N VAL C 422 42.51 -16.69 -29.34
CA VAL C 422 43.81 -17.26 -28.96
C VAL C 422 43.74 -18.77 -28.92
N LEU C 423 42.68 -19.31 -28.31
CA LEU C 423 42.51 -20.77 -28.27
C LEU C 423 42.34 -21.34 -29.67
N TYR C 424 41.63 -20.62 -30.55
CA TYR C 424 41.41 -21.10 -31.90
C TYR C 424 42.73 -21.26 -32.65
N PHE C 425 43.65 -20.31 -32.51
CA PHE C 425 44.91 -20.42 -33.22
C PHE C 425 45.93 -21.31 -32.51
N SER C 426 45.60 -21.87 -31.35
CA SER C 426 46.43 -22.86 -30.68
C SER C 426 45.95 -24.28 -30.92
N GLN C 427 44.97 -24.47 -31.81
CA GLN C 427 44.47 -25.80 -32.17
C GLN C 427 43.73 -26.45 -31.00
N ARG C 428 42.91 -25.67 -30.31
CA ARG C 428 42.11 -26.16 -29.19
C ARG C 428 40.63 -26.01 -29.50
N LYS C 429 39.83 -26.95 -28.99
CA LYS C 429 38.39 -26.95 -29.20
C LYS C 429 37.65 -26.10 -28.17
N GLU C 430 38.36 -25.67 -27.17
CA GLU C 430 37.75 -24.91 -26.10
C GLU C 430 37.44 -23.50 -26.61
N TYR C 431 37.87 -23.07 -27.79
CA TYR C 431 37.47 -21.82 -28.41
C TYR C 431 35.96 -21.77 -28.60
N VAL C 432 35.32 -22.92 -28.80
CA VAL C 432 33.86 -22.95 -28.91
C VAL C 432 33.21 -22.55 -27.59
N ALA C 433 33.73 -23.05 -26.47
CA ALA C 433 33.16 -22.70 -25.17
C ALA C 433 33.29 -21.20 -24.91
N SER C 434 34.49 -20.65 -25.16
CA SER C 434 34.68 -19.23 -24.94
C SER C 434 33.79 -18.42 -25.88
N MET C 435 33.63 -18.89 -27.13
CA MET C 435 32.80 -18.18 -28.09
C MET C 435 31.34 -18.17 -27.69
N VAL C 436 30.82 -19.28 -27.17
CA VAL C 436 29.42 -19.32 -26.76
C VAL C 436 29.19 -18.44 -25.53
N PHE C 437 30.16 -18.41 -24.61
CA PHE C 437 30.02 -17.47 -23.49
C PHE C 437 29.98 -16.03 -23.99
N SER C 438 30.86 -15.70 -24.95
CA SER C 438 30.84 -14.36 -25.52
C SER C 438 29.51 -14.06 -26.18
N LEU C 439 28.96 -15.02 -26.92
CA LEU C 439 27.69 -14.81 -27.62
C LEU C 439 26.56 -14.55 -26.64
N ALA C 440 26.47 -15.34 -25.57
CA ALA C 440 25.42 -15.14 -24.59
C ALA C 440 25.55 -13.77 -23.91
N MET C 441 26.77 -13.40 -23.52
CA MET C 441 26.96 -12.10 -22.92
C MET C 441 26.59 -10.97 -23.87
N GLY C 442 26.96 -11.11 -25.15
CA GLY C 442 26.65 -10.08 -26.12
C GLY C 442 25.15 -9.91 -26.32
N TRP C 443 24.41 -11.01 -26.34
CA TRP C 443 22.97 -10.90 -26.50
C TRP C 443 22.31 -10.31 -25.26
N THR C 444 22.80 -10.65 -24.07
CA THR C 444 22.24 -10.04 -22.87
C THR C 444 22.62 -8.57 -22.72
N ASN C 445 23.73 -8.15 -23.35
CA ASN C 445 24.16 -6.76 -23.26
C ASN C 445 23.27 -5.81 -24.04
N MET C 446 22.34 -6.31 -24.85
CA MET C 446 21.41 -5.43 -25.54
C MET C 446 20.56 -4.61 -24.58
N LEU C 447 20.41 -5.07 -23.34
CA LEU C 447 19.61 -4.34 -22.35
C LEU C 447 20.19 -2.98 -22.03
N TYR C 448 21.45 -2.72 -22.39
CA TYR C 448 22.05 -1.41 -22.18
C TYR C 448 21.30 -0.33 -22.95
N TYR C 449 20.83 -0.65 -24.16
CA TYR C 449 20.21 0.35 -25.01
C TYR C 449 18.76 0.63 -24.65
N THR C 450 18.22 -0.03 -23.62
CA THR C 450 16.91 0.36 -23.12
C THR C 450 16.91 1.78 -22.61
N ARG C 451 18.02 2.22 -22.00
CA ARG C 451 18.21 3.65 -21.77
C ARG C 451 18.21 4.36 -23.11
N GLY C 452 17.51 5.48 -23.17
CA GLY C 452 17.11 6.10 -24.40
C GLY C 452 15.62 6.01 -24.65
N PHE C 453 14.93 5.16 -23.91
CA PHE C 453 13.48 5.12 -23.84
C PHE C 453 13.08 5.05 -22.37
N GLN C 454 12.16 5.92 -21.96
CA GLN C 454 11.93 6.13 -20.53
C GLN C 454 11.41 4.86 -19.85
N GLN C 455 10.34 4.28 -20.40
CA GLN C 455 9.71 3.14 -19.73
C GLN C 455 10.63 1.93 -19.68
N MET C 456 11.26 1.60 -20.81
CA MET C 456 12.18 0.47 -20.83
C MET C 456 13.40 0.73 -19.96
N GLY C 457 13.88 1.97 -19.93
CA GLY C 457 15.02 2.29 -19.08
C GLY C 457 14.72 2.13 -17.60
N ILE C 458 13.55 2.60 -17.17
CA ILE C 458 13.17 2.42 -15.77
C ILE C 458 12.94 0.95 -15.46
N TYR C 459 12.39 0.20 -16.42
CA TYR C 459 12.23 -1.24 -16.24
C TYR C 459 13.58 -1.92 -16.03
N ALA C 460 14.59 -1.53 -16.81
CA ALA C 460 15.92 -2.11 -16.67
C ALA C 460 16.54 -1.74 -15.32
N VAL C 461 16.36 -0.50 -14.88
CA VAL C 461 16.87 -0.11 -13.56
C VAL C 461 16.22 -0.95 -12.47
N MET C 462 14.92 -1.18 -12.57
CA MET C 462 14.23 -2.01 -11.58
C MET C 462 14.76 -3.44 -11.61
N ILE C 463 15.04 -3.98 -12.80
CA ILE C 463 15.63 -5.32 -12.90
C ILE C 463 16.96 -5.36 -12.17
N GLU C 464 17.79 -4.33 -12.38
CA GLU C 464 19.08 -4.27 -11.70
C GLU C 464 18.91 -4.27 -10.18
N LYS C 465 17.97 -3.47 -9.68
CA LYS C 465 17.76 -3.42 -8.23
C LYS C 465 17.28 -4.77 -7.70
N MET C 466 16.36 -5.41 -8.40
CA MET C 466 15.90 -6.75 -7.99
C MET C 466 17.08 -7.69 -7.87
N ILE C 467 17.89 -7.78 -8.93
CA ILE C 467 19.05 -8.66 -8.91
C ILE C 467 19.94 -8.35 -7.72
N LEU C 468 20.19 -7.06 -7.47
CA LEU C 468 21.20 -6.70 -6.48
C LEU C 468 20.74 -7.04 -5.07
N ARG C 469 19.45 -6.88 -4.77
CA ARG C 469 18.99 -7.12 -3.39
C ARG C 469 18.29 -8.46 -3.22
N ASP C 470 17.15 -8.65 -3.90
CA ASP C 470 16.27 -9.76 -3.55
C ASP C 470 16.85 -11.08 -4.01
N LEU C 471 17.37 -11.12 -5.20
CA LEU C 471 17.88 -12.38 -5.76
C LEU C 471 19.13 -12.75 -5.01
N CYS C 472 19.90 -11.82 -4.54
CA CYS C 472 21.15 -12.10 -3.84
C CYS C 472 20.87 -12.68 -2.45
N ARG C 473 19.91 -12.16 -1.70
CA ARG C 473 19.56 -12.74 -0.41
C ARG C 473 18.92 -14.11 -0.58
N PHE C 474 17.96 -14.22 -1.51
CA PHE C 474 17.29 -15.48 -1.74
C PHE C 474 18.28 -16.55 -2.15
N MET C 475 19.21 -16.22 -3.03
CA MET C 475 20.14 -17.22 -3.55
C MET C 475 21.06 -17.72 -2.45
N PHE C 476 21.52 -16.83 -1.58
CA PHE C 476 22.34 -17.29 -0.46
C PHE C 476 21.59 -18.32 0.37
N VAL C 477 20.39 -17.98 0.84
CA VAL C 477 19.68 -18.89 1.73
C VAL C 477 19.32 -20.18 1.00
N TYR C 478 18.87 -20.07 -0.25
CA TYR C 478 18.44 -21.23 -1.00
C TYR C 478 19.60 -22.18 -1.27
N LEU C 479 20.77 -21.64 -1.60
CA LEU C 479 21.92 -22.51 -1.85
C LEU C 479 22.34 -23.24 -0.59
N VAL C 480 22.30 -22.56 0.55
CA VAL C 480 22.61 -23.25 1.81
C VAL C 480 21.66 -24.43 2.02
N PHE C 481 20.35 -24.18 1.89
CA PHE C 481 19.38 -25.24 2.12
C PHE C 481 19.54 -26.38 1.12
N LEU C 482 19.73 -26.05 -0.16
CA LEU C 482 19.87 -27.07 -1.19
C LEU C 482 21.07 -27.96 -0.91
N PHE C 483 22.21 -27.34 -0.60
CA PHE C 483 23.41 -28.14 -0.33
C PHE C 483 23.21 -29.03 0.88
N GLY C 484 22.63 -28.51 1.96
CA GLY C 484 22.43 -29.33 3.14
C GLY C 484 21.57 -30.54 2.89
N PHE C 485 20.40 -30.32 2.26
CA PHE C 485 19.50 -31.43 2.03
C PHE C 485 20.04 -32.41 0.99
N SER C 486 20.80 -31.92 0.01
CA SER C 486 21.39 -32.81 -0.98
C SER C 486 22.47 -33.69 -0.36
N THR C 487 23.29 -33.12 0.53
CA THR C 487 24.28 -33.95 1.22
C THR C 487 23.59 -35.01 2.08
N ALA C 488 22.52 -34.63 2.78
CA ALA C 488 21.80 -35.62 3.58
C ALA C 488 21.27 -36.75 2.70
N VAL C 489 20.63 -36.40 1.58
CA VAL C 489 20.02 -37.41 0.72
C VAL C 489 21.09 -38.32 0.11
N VAL C 490 22.19 -37.73 -0.37
CA VAL C 490 23.23 -38.56 -0.97
C VAL C 490 23.88 -39.45 0.06
N THR C 491 24.01 -38.99 1.31
CA THR C 491 24.52 -39.85 2.36
C THR C 491 23.59 -41.04 2.60
N LEU C 492 22.28 -40.79 2.57
CA LEU C 492 21.34 -41.88 2.77
C LEU C 492 21.44 -42.93 1.65
N ILE C 493 21.60 -42.48 0.41
CA ILE C 493 21.63 -43.40 -0.73
C ILE C 493 22.81 -44.36 -0.60
N GLU C 494 22.61 -45.60 -1.04
CA GLU C 494 23.59 -46.66 -0.87
C GLU C 494 24.51 -46.79 -2.07
N ASP C 495 23.97 -47.01 -3.24
CA ASP C 495 24.75 -47.16 -4.48
C ASP C 495 23.90 -46.77 -5.66
N GLY C 496 24.43 -46.81 -6.86
CA GLY C 496 23.71 -46.61 -8.10
C GLY C 496 24.09 -45.31 -8.80
N LYS C 497 23.19 -44.87 -9.67
CA LYS C 497 23.44 -43.69 -10.48
C LYS C 497 23.48 -42.41 -9.65
N TYR C 498 22.71 -42.36 -8.57
CA TYR C 498 22.54 -41.13 -7.79
C TYR C 498 23.39 -41.10 -6.54
N ASN C 499 24.45 -41.90 -6.49
CA ASN C 499 25.39 -41.90 -5.37
C ASN C 499 26.48 -40.84 -5.53
N SER C 500 26.23 -39.80 -6.31
CA SER C 500 27.16 -38.71 -6.51
C SER C 500 26.51 -37.40 -6.07
N LEU C 501 27.33 -36.49 -5.53
CA LEU C 501 26.80 -35.23 -5.05
C LEU C 501 26.18 -34.41 -6.19
N TYR C 502 26.84 -34.40 -7.35
CA TYR C 502 26.32 -33.62 -8.49
C TYR C 502 24.95 -34.11 -8.92
N SER C 503 24.78 -35.43 -9.02
CA SER C 503 23.51 -35.99 -9.49
C SER C 503 22.37 -35.67 -8.53
N THR C 504 22.60 -35.84 -7.23
CA THR C 504 21.56 -35.55 -6.26
C THR C 504 21.27 -34.05 -6.19
N CYS C 505 22.31 -33.22 -6.32
CA CYS C 505 22.08 -31.78 -6.36
C CYS C 505 21.19 -31.39 -7.53
N LEU C 506 21.45 -31.98 -8.72
CA LEU C 506 20.61 -31.69 -9.87
C LEU C 506 19.19 -32.19 -9.67
N GLU C 507 19.03 -33.39 -9.10
CA GLU C 507 17.70 -33.92 -8.86
C GLU C 507 16.92 -33.03 -7.91
N LEU C 508 17.57 -32.51 -6.86
CA LEU C 508 16.87 -31.66 -5.91
C LEU C 508 16.60 -30.27 -6.49
N PHE C 509 17.49 -29.78 -7.35
CA PHE C 509 17.24 -28.49 -8.01
C PHE C 509 16.07 -28.60 -8.98
N LYS C 510 15.83 -29.77 -9.56
CA LYS C 510 14.69 -29.92 -10.47
C LYS C 510 13.38 -29.56 -9.78
N PHE C 511 13.28 -29.75 -8.47
CA PHE C 511 12.06 -29.38 -7.76
C PHE C 511 11.77 -27.89 -7.87
N THR C 512 12.81 -27.06 -7.94
CA THR C 512 12.61 -25.62 -7.99
C THR C 512 11.89 -25.18 -9.27
N ILE C 513 12.11 -25.88 -10.38
CA ILE C 513 11.59 -25.48 -11.67
C ILE C 513 10.34 -26.27 -12.05
N GLY C 514 9.71 -26.93 -11.09
CA GLY C 514 8.47 -27.63 -11.34
C GLY C 514 8.62 -29.00 -11.98
N MET C 515 9.76 -29.67 -11.79
CA MET C 515 10.03 -30.95 -12.44
C MET C 515 10.54 -32.00 -11.45
N GLY C 516 10.24 -31.85 -10.16
CA GLY C 516 10.77 -32.79 -9.18
C GLY C 516 10.05 -34.13 -9.23
N ASP C 517 10.81 -35.20 -9.02
CA ASP C 517 10.31 -36.55 -9.20
C ASP C 517 9.64 -37.11 -7.95
N LEU C 518 10.29 -37.03 -6.80
CA LEU C 518 9.90 -37.58 -5.51
C LEU C 518 10.12 -39.10 -5.45
N GLU C 519 10.47 -39.75 -6.55
CA GLU C 519 10.73 -41.18 -6.57
C GLU C 519 11.89 -41.51 -7.49
N PHE C 520 12.87 -40.60 -7.61
CA PHE C 520 13.91 -40.76 -8.60
C PHE C 520 14.87 -41.90 -8.30
N THR C 521 14.84 -42.45 -7.10
CA THR C 521 15.74 -43.56 -6.77
C THR C 521 15.07 -44.44 -5.72
N GLU C 522 15.55 -45.67 -5.62
CA GLU C 522 15.12 -46.62 -4.60
C GLU C 522 16.29 -47.28 -3.89
N ASN C 523 17.52 -46.87 -4.19
CA ASN C 523 18.72 -47.51 -3.65
C ASN C 523 18.98 -46.95 -2.25
N TYR C 524 18.24 -47.47 -1.28
CA TYR C 524 18.40 -47.06 0.11
C TYR C 524 17.63 -48.04 0.97
N ASP C 525 17.91 -47.99 2.27
CA ASP C 525 17.01 -48.48 3.29
C ASP C 525 16.28 -47.29 3.91
N PHE C 526 15.26 -47.58 4.70
CA PHE C 526 14.51 -46.54 5.39
C PHE C 526 13.90 -45.54 4.39
N LYS C 527 12.95 -46.06 3.61
CA LYS C 527 12.21 -45.21 2.69
C LYS C 527 11.55 -44.04 3.40
N ALA C 528 11.15 -44.23 4.66
CA ALA C 528 10.53 -43.15 5.41
C ALA C 528 11.49 -41.97 5.57
N VAL C 529 12.76 -42.26 5.82
CA VAL C 529 13.75 -41.19 5.96
C VAL C 529 13.87 -40.42 4.64
N PHE C 530 13.92 -41.15 3.52
CA PHE C 530 14.03 -40.51 2.21
C PHE C 530 12.84 -39.58 1.96
N ILE C 531 11.63 -40.08 2.19
CA ILE C 531 10.44 -39.28 1.90
C ILE C 531 10.34 -38.10 2.86
N ILE C 532 10.72 -38.29 4.13
CA ILE C 532 10.68 -37.18 5.08
C ILE C 532 11.65 -36.09 4.67
N LEU C 533 12.87 -36.48 4.27
CA LEU C 533 13.84 -35.49 3.81
C LEU C 533 13.31 -34.72 2.61
N LEU C 534 12.77 -35.45 1.63
CA LEU C 534 12.28 -34.78 0.43
C LEU C 534 11.13 -33.84 0.74
N LEU C 535 10.18 -34.27 1.57
CA LEU C 535 9.05 -33.42 1.91
C LEU C 535 9.49 -32.18 2.69
N ALA C 536 10.43 -32.34 3.63
CA ALA C 536 10.92 -31.19 4.37
C ALA C 536 11.60 -30.19 3.43
N TYR C 537 12.45 -30.68 2.52
CA TYR C 537 13.10 -29.79 1.57
C TYR C 537 12.07 -29.06 0.70
N VAL C 538 11.06 -29.80 0.22
CA VAL C 538 10.05 -29.20 -0.64
C VAL C 538 9.30 -28.10 0.11
N ILE C 539 8.86 -28.40 1.33
CA ILE C 539 8.11 -27.40 2.10
C ILE C 539 8.98 -26.18 2.37
N LEU C 540 10.25 -26.38 2.74
CA LEU C 540 11.09 -25.26 3.10
C LEU C 540 11.41 -24.38 1.90
N THR C 541 11.68 -24.98 0.73
CA THR C 541 12.08 -24.18 -0.42
C THR C 541 10.90 -23.82 -1.31
N TYR C 542 10.24 -24.81 -1.90
CA TYR C 542 9.27 -24.54 -2.95
C TYR C 542 8.07 -23.76 -2.43
N ILE C 543 7.53 -24.14 -1.27
CA ILE C 543 6.31 -23.55 -0.78
C ILE C 543 6.55 -22.26 0.01
N LEU C 544 7.72 -22.11 0.62
CA LEU C 544 8.00 -20.96 1.46
C LEU C 544 8.87 -19.92 0.76
N LEU C 545 10.08 -20.33 0.31
CA LEU C 545 11.09 -19.34 -0.06
C LEU C 545 10.74 -18.65 -1.37
N LEU C 546 10.22 -19.39 -2.35
CA LEU C 546 9.91 -18.77 -3.64
C LEU C 546 8.75 -17.79 -3.52
N ASN C 547 7.70 -18.17 -2.79
CA ASN C 547 6.58 -17.26 -2.60
C ASN C 547 6.99 -16.05 -1.78
N MET C 548 7.86 -16.25 -0.78
CA MET C 548 8.39 -15.13 -0.02
C MET C 548 9.22 -14.22 -0.91
N LEU C 549 9.94 -14.79 -1.88
CA LEU C 549 10.68 -13.98 -2.83
C LEU C 549 9.74 -13.12 -3.66
N ILE C 550 8.62 -13.69 -4.09
CA ILE C 550 7.62 -12.90 -4.83
C ILE C 550 7.14 -11.73 -3.96
N ALA C 551 6.83 -12.01 -2.69
CA ALA C 551 6.33 -10.96 -1.80
C ALA C 551 7.36 -9.85 -1.60
N LEU C 552 8.63 -10.23 -1.39
CA LEU C 552 9.68 -9.24 -1.19
C LEU C 552 9.91 -8.42 -2.45
N MET C 553 9.83 -9.06 -3.61
CA MET C 553 9.91 -8.32 -4.86
C MET C 553 8.79 -7.31 -4.97
N GLY C 554 7.58 -7.69 -4.55
CA GLY C 554 6.47 -6.74 -4.57
C GLY C 554 6.74 -5.54 -3.69
N GLU C 555 7.24 -5.77 -2.48
CA GLU C 555 7.59 -4.65 -1.61
C GLU C 555 8.62 -3.74 -2.26
N THR C 556 9.71 -4.33 -2.77
CA THR C 556 10.78 -3.53 -3.36
C THR C 556 10.25 -2.72 -4.54
N VAL C 557 9.47 -3.34 -5.41
CA VAL C 557 8.88 -2.62 -6.55
C VAL C 557 8.04 -1.46 -6.05
N ASN C 558 7.30 -1.68 -4.96
CA ASN C 558 6.49 -0.60 -4.42
C ASN C 558 7.34 0.56 -3.91
N LYS C 559 8.57 0.30 -3.47
CA LYS C 559 9.34 1.31 -2.77
C LYS C 559 10.39 2.05 -3.61
N ILE C 560 10.51 1.77 -4.92
CA ILE C 560 11.66 2.29 -5.66
C ILE C 560 11.33 2.99 -6.96
N ALA C 561 10.11 3.54 -7.09
CA ALA C 561 9.74 4.18 -8.35
C ALA C 561 10.60 5.41 -8.63
N GLN C 562 10.65 6.34 -7.66
CA GLN C 562 11.36 7.59 -7.88
C GLN C 562 12.86 7.37 -7.99
N GLU C 563 13.40 6.47 -7.15
CA GLU C 563 14.83 6.18 -7.22
C GLU C 563 15.21 5.62 -8.60
N SER C 564 14.39 4.73 -9.13
CA SER C 564 14.67 4.15 -10.44
C SER C 564 14.57 5.22 -11.53
N LYS C 565 13.59 6.11 -11.45
CA LYS C 565 13.50 7.19 -12.43
C LYS C 565 14.74 8.08 -12.39
N ASN C 566 15.19 8.44 -11.18
CA ASN C 566 16.37 9.29 -11.05
C ASN C 566 17.62 8.58 -11.58
N ILE C 567 17.76 7.28 -11.31
CA ILE C 567 18.92 6.56 -11.80
C ILE C 567 18.90 6.49 -13.32
N TRP C 568 17.72 6.29 -13.93
CA TRP C 568 17.66 6.30 -15.38
C TRP C 568 18.05 7.66 -15.94
N LYS C 569 17.61 8.74 -15.29
CA LYS C 569 17.98 10.07 -15.76
C LYS C 569 19.49 10.30 -15.68
N LEU C 570 20.11 9.82 -14.60
CA LEU C 570 21.57 9.94 -14.51
C LEU C 570 22.27 9.12 -15.58
N GLN C 571 21.74 7.92 -15.89
CA GLN C 571 22.33 7.11 -16.95
C GLN C 571 22.27 7.83 -18.29
N ARG C 572 21.12 8.43 -18.60
CA ARG C 572 21.01 9.15 -19.86
C ARG C 572 21.91 10.38 -19.88
N ALA C 573 22.07 11.04 -18.73
CA ALA C 573 23.00 12.17 -18.67
C ALA C 573 24.42 11.73 -18.96
N ILE C 574 24.84 10.58 -18.42
CA ILE C 574 26.17 10.06 -18.70
C ILE C 574 26.32 9.76 -20.19
N THR C 575 25.29 9.16 -20.79
CA THR C 575 25.34 8.90 -22.23
C THR C 575 25.49 10.19 -23.03
N ILE C 576 24.73 11.22 -22.66
CA ILE C 576 24.79 12.50 -23.37
C ILE C 576 26.18 13.10 -23.25
N LEU C 577 26.74 13.09 -22.05
CA LEU C 577 28.07 13.68 -21.84
C LEU C 577 29.13 12.91 -22.62
N ASP C 578 29.05 11.58 -22.63
CA ASP C 578 30.01 10.79 -23.39
C ASP C 578 29.92 11.09 -24.88
N THR C 579 28.70 11.18 -25.41
CA THR C 579 28.53 11.50 -26.83
C THR C 579 29.10 12.88 -27.13
N GLU C 580 28.85 13.85 -26.25
CA GLU C 580 29.41 15.19 -26.45
C GLU C 580 30.92 15.15 -26.47
N LYS C 581 31.52 14.45 -25.51
CA LYS C 581 32.98 14.42 -25.42
C LYS C 581 33.59 13.76 -26.65
N SER C 582 33.01 12.67 -27.11
CA SER C 582 33.47 11.97 -28.31
C SER C 582 32.33 11.99 -29.33
N PHE C 583 32.26 13.06 -30.12
CA PHE C 583 31.17 13.19 -31.07
C PHE C 583 31.31 12.15 -32.17
N LEU C 584 30.25 11.99 -32.97
CA LEU C 584 30.20 10.91 -33.93
C LEU C 584 31.40 10.95 -34.87
N LYS C 585 31.49 11.96 -35.75
CA LYS C 585 32.66 12.09 -36.60
C LYS C 585 33.42 13.38 -36.36
N CYS C 586 32.83 14.55 -36.66
CA CYS C 586 33.57 15.80 -36.46
C CYS C 586 32.72 17.01 -36.11
N MET C 587 31.40 16.90 -35.99
CA MET C 587 30.54 18.08 -35.91
C MET C 587 30.31 18.46 -34.45
N ARG C 588 30.88 19.59 -34.05
CA ARG C 588 30.76 20.09 -32.67
C ARG C 588 29.66 21.14 -32.57
N LYS C 589 28.43 20.72 -32.84
CA LYS C 589 27.26 21.59 -32.74
C LYS C 589 26.67 21.62 -31.34
N ALA C 590 27.37 21.06 -30.35
CA ALA C 590 26.83 20.88 -29.01
C ALA C 590 27.02 22.13 -28.17
N PHE C 591 26.35 23.21 -28.60
CA PHE C 591 26.40 24.47 -27.87
C PHE C 591 25.02 24.75 -27.28
N ARG C 592 25.02 25.07 -26.00
CA ARG C 592 23.80 25.30 -25.21
C ARG C 592 22.64 26.15 -25.67
N SER C 593 22.83 27.45 -25.82
CA SER C 593 21.74 28.36 -26.19
C SER C 593 22.29 29.58 -26.87
N GLY C 594 21.57 30.68 -26.88
CA GLY C 594 21.91 31.87 -27.61
C GLY C 594 22.80 32.73 -26.72
N LYS C 595 23.46 33.69 -27.38
CA LYS C 595 24.34 34.65 -26.73
C LYS C 595 23.56 35.95 -26.60
N LEU C 596 23.26 36.36 -25.37
CA LEU C 596 22.29 37.42 -25.13
C LEU C 596 22.78 38.38 -24.05
N LEU C 597 22.24 39.61 -24.11
CA LEU C 597 22.30 40.56 -23.00
C LEU C 597 21.15 40.27 -22.05
N GLN C 598 21.47 40.12 -20.77
CA GLN C 598 20.49 39.77 -19.74
C GLN C 598 20.39 40.81 -18.64
N VAL C 599 21.49 41.47 -18.28
CA VAL C 599 21.46 42.55 -17.30
C VAL C 599 21.91 43.86 -17.90
N GLY C 600 22.23 43.89 -19.18
CA GLY C 600 22.70 45.09 -19.82
C GLY C 600 24.17 45.34 -19.59
N PHE C 601 24.52 45.78 -18.38
CA PHE C 601 25.86 46.28 -18.11
C PHE C 601 26.29 45.90 -16.70
N THR C 602 27.60 45.79 -16.53
CA THR C 602 28.22 45.54 -15.24
C THR C 602 28.19 46.82 -14.43
N PRO C 603 28.71 46.81 -13.19
CA PRO C 603 28.91 48.08 -12.50
C PRO C 603 29.70 49.08 -13.33
N ASP C 604 30.69 48.61 -14.08
CA ASP C 604 31.38 49.49 -15.07
C ASP C 604 30.40 49.61 -16.23
N GLY C 605 30.54 50.58 -17.11
CA GLY C 605 29.62 50.86 -18.19
C GLY C 605 29.57 49.79 -19.26
N LYS C 606 30.53 48.88 -19.27
CA LYS C 606 30.58 47.85 -20.30
C LYS C 606 29.39 46.91 -20.18
N ASP C 607 29.02 46.32 -21.32
CA ASP C 607 27.89 45.38 -21.40
C ASP C 607 28.39 43.95 -21.36
N ASP C 608 27.50 43.04 -20.93
CA ASP C 608 27.84 41.66 -20.68
C ASP C 608 26.88 40.72 -21.39
N TYR C 609 27.44 39.66 -21.99
CA TYR C 609 26.69 38.55 -22.55
C TYR C 609 27.01 37.30 -21.74
N ARG C 610 26.01 36.44 -21.57
CA ARG C 610 26.19 35.35 -20.60
C ARG C 610 25.90 33.96 -21.17
N TRP C 611 25.42 33.80 -22.40
CA TRP C 611 25.02 32.44 -22.88
C TRP C 611 23.82 31.85 -22.17
N CYS C 612 22.72 32.59 -22.07
CA CYS C 612 21.54 32.14 -21.35
C CYS C 612 20.70 31.04 -21.99
N PHE C 613 19.89 30.38 -21.15
CA PHE C 613 18.97 29.33 -21.57
C PHE C 613 17.55 29.80 -21.27
N ARG C 614 16.68 29.73 -22.28
CA ARG C 614 15.34 30.32 -22.18
C ARG C 614 14.31 29.29 -21.76
N VAL C 615 13.46 29.67 -20.81
CA VAL C 615 12.35 28.85 -20.34
C VAL C 615 11.11 29.72 -20.25
N ASP C 616 10.01 29.26 -20.83
CA ASP C 616 8.75 30.00 -20.79
C ASP C 616 7.85 29.46 -19.69
N GLU C 617 7.19 30.38 -18.98
CA GLU C 617 6.36 30.02 -17.85
C GLU C 617 5.04 30.79 -17.93
N VAL C 618 3.98 30.16 -17.44
CA VAL C 618 2.65 30.77 -17.38
C VAL C 618 2.19 30.76 -15.94
N ASN C 619 1.74 31.92 -15.46
CA ASN C 619 1.24 32.05 -14.09
C ASN C 619 -0.01 32.91 -14.13
N TRP C 620 -1.04 32.50 -13.37
CA TRP C 620 -2.30 33.22 -13.35
C TRP C 620 -2.53 33.99 -12.06
N THR C 621 -2.18 33.42 -10.91
CA THR C 621 -2.21 34.16 -9.65
C THR C 621 -1.08 35.18 -9.64
N THR C 622 -1.19 36.24 -8.84
CA THR C 622 -0.19 37.35 -8.86
C THR C 622 -0.13 37.88 -10.27
N TRP C 623 -1.27 38.30 -10.81
CA TRP C 623 -1.33 38.55 -12.24
C TRP C 623 -0.21 39.34 -12.91
N ASN C 624 0.32 40.37 -12.24
CA ASN C 624 1.29 41.23 -12.92
C ASN C 624 2.24 41.84 -11.89
N THR C 625 3.52 41.51 -11.98
CA THR C 625 4.56 42.23 -11.26
C THR C 625 5.47 42.94 -12.25
N ASN C 626 5.91 42.20 -13.27
CA ASN C 626 6.66 42.87 -14.37
C ASN C 626 7.73 43.83 -13.84
N VAL C 627 8.44 43.47 -12.76
CA VAL C 627 9.59 44.25 -12.34
C VAL C 627 10.86 43.67 -12.95
N GLY C 628 11.79 44.55 -13.34
CA GLY C 628 13.10 44.12 -13.79
C GLY C 628 13.15 43.54 -15.19
N ILE C 629 12.08 43.65 -15.98
CA ILE C 629 12.05 43.09 -17.31
C ILE C 629 13.21 43.66 -18.13
N ILE C 630 13.84 42.80 -18.94
CA ILE C 630 14.98 43.25 -19.74
C ILE C 630 14.51 43.97 -21.00
N ASN C 631 13.59 43.34 -21.74
CA ASN C 631 13.29 43.74 -23.10
C ASN C 631 11.81 44.05 -23.26
N GLU C 632 11.52 45.21 -23.86
CA GLU C 632 10.21 45.46 -24.44
C GLU C 632 10.17 44.84 -25.83
N ASP C 633 8.98 44.75 -26.40
CA ASP C 633 8.18 44.23 -27.50
C ASP C 633 8.24 42.71 -27.44
N PRO C 634 7.58 42.09 -26.47
CA PRO C 634 7.86 40.67 -26.18
C PRO C 634 7.66 39.79 -27.39
N GLY C 635 8.51 38.77 -27.51
CA GLY C 635 8.43 37.83 -28.59
C GLY C 635 9.55 38.01 -29.60
N LEU D 80 -9.26 13.07 70.48
CA LEU D 80 -8.87 13.11 69.04
C LEU D 80 -8.33 11.76 68.60
N LYS D 81 -7.26 11.31 69.25
CA LYS D 81 -6.68 10.01 68.92
C LYS D 81 -7.68 8.89 69.21
N GLN D 82 -7.64 7.86 68.37
CA GLN D 82 -8.55 6.72 68.37
C GLN D 82 -9.89 7.09 67.75
N PHE D 83 -10.12 8.35 67.41
CA PHE D 83 -11.31 8.79 66.69
C PHE D 83 -10.99 9.32 65.30
N VAL D 84 -9.97 10.17 65.18
CA VAL D 84 -9.47 10.59 63.86
C VAL D 84 -8.53 9.57 63.26
N ASN D 85 -8.15 8.54 64.01
CA ASN D 85 -7.27 7.48 63.53
C ASN D 85 -8.00 6.16 63.33
N ALA D 86 -9.32 6.13 63.50
CA ALA D 86 -10.08 4.91 63.32
C ALA D 86 -9.94 4.41 61.89
N SER D 87 -9.81 3.09 61.72
CA SER D 87 -9.59 2.49 60.42
C SER D 87 -10.49 1.28 60.25
N TYR D 88 -10.79 0.97 59.00
CA TYR D 88 -11.62 -0.18 58.68
C TYR D 88 -10.95 -1.46 59.17
N THR D 89 -11.78 -2.41 59.63
CA THR D 89 -11.30 -3.69 60.10
C THR D 89 -11.55 -4.84 59.13
N ASP D 90 -12.38 -4.62 58.11
CA ASP D 90 -12.63 -5.67 57.13
C ASP D 90 -11.38 -5.96 56.32
N SER D 91 -11.17 -7.23 56.00
CA SER D 91 -9.97 -7.62 55.24
C SER D 91 -9.97 -6.96 53.87
N TYR D 92 -11.14 -6.58 53.35
CA TYR D 92 -11.19 -5.93 52.05
C TYR D 92 -10.68 -4.50 52.13
N TYR D 93 -11.09 -3.74 53.16
CA TYR D 93 -10.67 -2.36 53.34
C TYR D 93 -9.76 -2.18 54.55
N LYS D 94 -9.10 -3.24 54.99
CA LYS D 94 -8.27 -3.15 56.19
C LYS D 94 -7.22 -2.06 56.02
N GLY D 95 -7.11 -1.21 57.05
CA GLY D 95 -6.09 -0.18 57.09
C GLY D 95 -6.52 1.18 56.58
N GLN D 96 -7.66 1.27 55.90
CA GLN D 96 -8.10 2.56 55.38
C GLN D 96 -8.38 3.53 56.54
N THR D 97 -8.05 4.79 56.34
CA THR D 97 -8.19 5.82 57.35
C THR D 97 -8.82 7.06 56.73
N ALA D 98 -9.41 7.91 57.59
CA ALA D 98 -10.04 9.12 57.10
C ALA D 98 -9.08 9.98 56.30
N LEU D 99 -7.79 9.92 56.62
CA LEU D 99 -6.81 10.67 55.84
C LEU D 99 -6.77 10.19 54.39
N HIS D 100 -6.84 8.87 54.19
CA HIS D 100 -6.88 8.33 52.84
C HIS D 100 -8.10 8.85 52.07
N ILE D 101 -9.27 8.85 52.73
CA ILE D 101 -10.48 9.32 52.07
C ILE D 101 -10.36 10.80 51.73
N ALA D 102 -9.82 11.59 52.65
CA ALA D 102 -9.65 13.01 52.39
C ALA D 102 -8.71 13.25 51.22
N ILE D 103 -7.61 12.49 51.15
CA ILE D 103 -6.67 12.64 50.05
C ILE D 103 -7.33 12.25 48.73
N GLU D 104 -8.09 11.16 48.72
CA GLU D 104 -8.70 10.69 47.48
C GLU D 104 -9.65 11.72 46.89
N ARG D 105 -10.47 12.35 47.73
CA ARG D 105 -11.47 13.30 47.26
C ARG D 105 -10.87 14.60 46.76
N ARG D 106 -9.56 14.79 46.91
CA ARG D 106 -8.87 15.99 46.40
C ARG D 106 -9.31 17.22 47.19
N ASN D 107 -9.33 17.10 48.52
CA ASN D 107 -9.74 18.17 49.41
C ASN D 107 -8.52 18.58 50.24
N MET D 108 -7.94 19.74 49.93
CA MET D 108 -6.76 20.20 50.65
C MET D 108 -7.12 20.64 52.07
N THR D 109 -8.23 21.39 52.21
CA THR D 109 -8.60 21.91 53.52
C THR D 109 -8.90 20.77 54.49
N LEU D 110 -9.62 19.75 54.05
CA LEU D 110 -9.92 18.62 54.92
C LEU D 110 -8.64 17.90 55.32
N VAL D 111 -7.70 17.74 54.39
CA VAL D 111 -6.44 17.07 54.70
C VAL D 111 -5.67 17.86 55.75
N THR D 112 -5.59 19.18 55.58
CA THR D 112 -4.89 20.01 56.56
C THR D 112 -5.56 19.92 57.93
N LEU D 113 -6.90 19.97 57.96
CA LEU D 113 -7.62 19.88 59.22
C LEU D 113 -7.34 18.55 59.91
N LEU D 114 -7.39 17.46 59.17
CA LEU D 114 -7.14 16.15 59.76
C LEU D 114 -5.71 16.04 60.27
N VAL D 115 -4.74 16.55 59.52
CA VAL D 115 -3.36 16.49 59.94
C VAL D 115 -3.14 17.32 61.20
N GLU D 116 -3.85 18.45 61.31
CA GLU D 116 -3.71 19.29 62.50
C GLU D 116 -4.08 18.54 63.76
N ASN D 117 -5.15 17.74 63.71
CA ASN D 117 -5.66 17.04 64.88
C ASN D 117 -4.90 15.75 65.17
N GLY D 118 -3.70 15.58 64.63
CA GLY D 118 -2.88 14.43 64.96
C GLY D 118 -3.07 13.22 64.07
N ALA D 119 -3.66 13.39 62.89
CA ALA D 119 -3.83 12.26 61.98
C ALA D 119 -2.47 11.68 61.62
N ASP D 120 -2.36 10.36 61.69
CA ASP D 120 -1.10 9.67 61.42
C ASP D 120 -0.87 9.60 59.91
N VAL D 121 0.32 10.00 59.47
CA VAL D 121 0.63 10.01 58.04
C VAL D 121 1.33 8.74 57.59
N GLN D 122 1.63 7.81 58.50
CA GLN D 122 2.26 6.55 58.16
C GLN D 122 1.27 5.39 58.18
N ALA D 123 -0.04 5.67 58.20
CA ALA D 123 -1.02 4.61 58.17
C ALA D 123 -0.95 3.86 56.84
N ALA D 124 -1.03 2.54 56.93
CA ALA D 124 -0.93 1.66 55.76
C ALA D 124 -2.28 1.01 55.48
N ALA D 125 -2.74 1.14 54.24
CA ALA D 125 -3.98 0.52 53.79
C ALA D 125 -3.64 -0.85 53.21
N ASN D 126 -3.85 -1.88 54.01
CA ASN D 126 -3.48 -3.25 53.65
C ASN D 126 -4.65 -4.06 53.12
N GLY D 127 -5.80 -3.41 52.88
CA GLY D 127 -6.97 -4.15 52.45
C GLY D 127 -6.78 -4.79 51.09
N ASP D 128 -7.54 -5.88 50.87
CA ASP D 128 -7.44 -6.60 49.61
C ASP D 128 -7.84 -5.73 48.43
N PHE D 129 -8.74 -4.77 48.65
CA PHE D 129 -9.13 -3.87 47.57
C PHE D 129 -7.94 -3.03 47.10
N PHE D 130 -6.90 -2.90 47.91
CA PHE D 130 -5.73 -2.09 47.59
C PHE D 130 -4.57 -2.93 47.06
N LYS D 131 -4.82 -4.20 46.72
CA LYS D 131 -3.79 -5.03 46.14
C LYS D 131 -3.67 -4.78 44.65
N LYS D 132 -2.54 -5.21 44.07
CA LYS D 132 -2.25 -4.91 42.67
C LYS D 132 -3.31 -5.50 41.75
N THR D 133 -3.47 -6.82 41.75
CA THR D 133 -4.37 -7.48 40.80
C THR D 133 -5.25 -8.56 41.43
N LYS D 134 -4.87 -9.14 42.57
CA LYS D 134 -5.65 -10.22 43.15
C LYS D 134 -7.10 -9.77 43.36
N GLY D 135 -8.02 -10.37 42.61
CA GLY D 135 -9.37 -9.86 42.55
C GLY D 135 -9.49 -8.82 41.46
N ARG D 136 -10.46 -8.99 40.56
CA ARG D 136 -10.57 -8.09 39.41
C ARG D 136 -10.65 -6.62 39.80
N PRO D 137 -11.49 -6.20 40.73
CA PRO D 137 -11.51 -4.80 41.13
C PRO D 137 -10.38 -4.47 42.10
N GLY D 138 -10.02 -3.20 42.13
CA GLY D 138 -9.00 -2.69 43.04
C GLY D 138 -8.13 -1.66 42.37
N PHE D 139 -7.45 -0.86 43.19
CA PHE D 139 -6.51 0.16 42.71
C PHE D 139 -5.34 0.19 43.68
N TYR D 140 -4.16 -0.20 43.20
CA TYR D 140 -2.96 -0.21 44.01
C TYR D 140 -2.23 1.11 43.86
N PHE D 141 -1.82 1.70 44.99
CA PHE D 141 -1.13 2.99 44.96
C PHE D 141 0.03 3.06 45.95
N GLY D 142 0.43 1.94 46.57
CA GLY D 142 1.53 1.93 47.51
C GLY D 142 1.14 1.82 48.96
N GLU D 143 -0.15 1.99 49.28
CA GLU D 143 -0.75 1.80 50.60
C GLU D 143 -0.47 2.96 51.55
N LEU D 144 0.32 3.96 51.17
CA LEU D 144 0.61 5.06 52.08
C LEU D 144 -0.02 6.36 51.57
N PRO D 145 -0.39 7.28 52.48
CA PRO D 145 -1.00 8.53 52.01
C PRO D 145 -0.11 9.32 51.08
N LEU D 146 1.20 9.35 51.32
CA LEU D 146 2.10 10.04 50.40
C LEU D 146 2.10 9.37 49.03
N SER D 147 2.18 8.03 49.00
CA SER D 147 2.11 7.33 47.74
C SER D 147 0.75 7.53 47.06
N LEU D 148 -0.32 7.53 47.86
CA LEU D 148 -1.65 7.77 47.30
C LEU D 148 -1.73 9.14 46.64
N ALA D 149 -1.22 10.17 47.31
CA ALA D 149 -1.26 11.52 46.74
C ALA D 149 -0.38 11.62 45.50
N ALA D 150 0.79 10.97 45.52
CA ALA D 150 1.68 11.03 44.36
C ALA D 150 1.05 10.33 43.16
N CYS D 151 0.48 9.15 43.37
CA CYS D 151 -0.11 8.38 42.27
C CYS D 151 -1.42 8.97 41.76
N THR D 152 -1.98 9.96 42.45
CA THR D 152 -3.22 10.60 42.03
C THR D 152 -3.01 12.00 41.47
N ASN D 153 -1.75 12.42 41.27
CA ASN D 153 -1.43 13.69 40.64
C ASN D 153 -1.91 14.87 41.49
N GLN D 154 -1.51 14.87 42.77
CA GLN D 154 -1.82 15.95 43.70
C GLN D 154 -0.48 16.46 44.24
N LEU D 155 0.13 17.40 43.51
CA LEU D 155 1.44 17.91 43.91
C LEU D 155 1.36 18.71 45.20
N ALA D 156 0.32 19.55 45.35
CA ALA D 156 0.22 20.39 46.53
C ALA D 156 0.07 19.55 47.80
N ILE D 157 -0.76 18.51 47.75
CA ILE D 157 -0.93 17.66 48.93
C ILE D 157 0.36 16.94 49.25
N VAL D 158 1.09 16.49 48.23
CA VAL D 158 2.36 15.80 48.45
C VAL D 158 3.34 16.75 49.15
N LYS D 159 3.44 17.97 48.64
CA LYS D 159 4.35 18.94 49.26
C LYS D 159 3.95 19.22 50.70
N PHE D 160 2.65 19.41 50.94
CA PHE D 160 2.19 19.67 52.30
C PHE D 160 2.54 18.53 53.24
N LEU D 161 2.27 17.29 52.81
CA LEU D 161 2.62 16.14 53.65
C LEU D 161 4.13 16.07 53.88
N LEU D 162 4.92 16.48 52.90
CA LEU D 162 6.38 16.37 53.05
C LEU D 162 6.93 17.42 54.00
N GLN D 163 6.38 18.64 53.97
CA GLN D 163 6.94 19.76 54.73
C GLN D 163 5.86 20.43 55.59
N ASN D 164 5.14 19.60 56.36
CA ASN D 164 4.13 20.09 57.34
C ASN D 164 4.87 20.28 58.64
N SER D 165 4.37 21.17 59.50
CA SER D 165 4.98 21.44 60.79
C SER D 165 4.48 20.52 61.90
N TRP D 166 3.47 19.68 61.62
CA TRP D 166 2.90 18.80 62.63
C TRP D 166 3.53 17.41 62.61
N GLN D 167 3.50 16.75 61.45
CA GLN D 167 4.08 15.41 61.31
C GLN D 167 4.54 15.24 59.88
N PRO D 168 5.79 15.62 59.58
CA PRO D 168 6.29 15.45 58.22
C PRO D 168 6.31 13.98 57.80
N ALA D 169 6.01 13.75 56.54
CA ALA D 169 5.97 12.39 56.00
C ALA D 169 7.37 11.87 55.73
N ASP D 170 7.52 10.55 55.85
CA ASP D 170 8.80 9.89 55.60
C ASP D 170 8.91 9.60 54.11
N ILE D 171 9.91 10.19 53.45
CA ILE D 171 10.06 10.04 52.02
C ILE D 171 10.66 8.70 51.64
N SER D 172 11.34 8.03 52.57
CA SER D 172 11.98 6.76 52.29
C SER D 172 11.18 5.57 52.81
N ALA D 173 9.93 5.79 53.22
CA ALA D 173 9.12 4.70 53.74
C ALA D 173 8.80 3.69 52.65
N ARG D 174 8.71 2.42 53.06
CA ARG D 174 8.39 1.32 52.17
C ARG D 174 7.10 0.66 52.63
N ASP D 175 6.34 0.13 51.66
CA ASP D 175 5.09 -0.54 51.94
C ASP D 175 5.37 -2.00 52.30
N SER D 176 4.31 -2.82 52.32
CA SER D 176 4.47 -4.23 52.68
C SER D 176 5.41 -4.95 51.71
N VAL D 177 5.26 -4.68 50.41
CA VAL D 177 6.07 -5.34 49.40
C VAL D 177 7.38 -4.59 49.20
N GLY D 178 7.65 -3.60 50.04
CA GLY D 178 8.89 -2.87 49.99
C GLY D 178 8.94 -1.74 49.00
N ASN D 179 7.83 -1.40 48.35
CA ASN D 179 7.82 -0.36 47.33
C ASN D 179 7.69 1.01 47.98
N THR D 180 8.60 1.92 47.60
CA THR D 180 8.54 3.31 48.05
C THR D 180 7.62 4.10 47.13
N VAL D 181 7.63 5.44 47.27
CA VAL D 181 6.77 6.27 46.44
C VAL D 181 7.19 6.18 44.98
N LEU D 182 8.50 6.11 44.72
CA LEU D 182 8.96 5.98 43.34
C LEU D 182 8.60 4.62 42.74
N HIS D 183 8.69 3.56 43.55
CA HIS D 183 8.26 2.25 43.08
C HIS D 183 6.78 2.27 42.71
N ALA D 184 5.95 2.88 43.53
CA ALA D 184 4.52 2.97 43.22
C ALA D 184 4.28 3.81 41.97
N LEU D 185 5.03 4.90 41.81
CA LEU D 185 4.89 5.72 40.61
C LEU D 185 5.24 4.92 39.36
N VAL D 186 6.27 4.08 39.44
CA VAL D 186 6.60 3.21 38.31
C VAL D 186 5.49 2.18 38.10
N GLU D 187 4.92 1.68 39.19
CA GLU D 187 3.89 0.65 39.08
C GLU D 187 2.63 1.17 38.41
N VAL D 188 2.27 2.43 38.67
CA VAL D 188 1.04 2.98 38.08
C VAL D 188 1.22 3.45 36.65
N ALA D 189 2.45 3.46 36.14
CA ALA D 189 2.68 3.84 34.76
C ALA D 189 2.10 2.80 33.81
N ASP D 190 1.52 3.26 32.70
CA ASP D 190 0.87 2.36 31.76
C ASP D 190 1.18 2.70 30.29
N ASN D 191 2.17 3.55 30.03
CA ASN D 191 2.67 3.80 28.68
C ASN D 191 1.67 4.56 27.81
N THR D 192 0.96 5.53 28.39
CA THR D 192 0.13 6.45 27.64
C THR D 192 0.63 7.88 27.85
N VAL D 193 0.31 8.75 26.91
CA VAL D 193 0.92 10.08 26.86
C VAL D 193 0.62 10.86 28.14
N ASP D 194 -0.66 10.95 28.50
CA ASP D 194 -1.03 11.72 29.68
C ASP D 194 -0.50 11.09 30.95
N ASN D 195 -0.65 9.76 31.08
CA ASN D 195 -0.14 9.07 32.25
C ASN D 195 1.38 9.19 32.31
N THR D 196 2.06 9.07 31.17
CA THR D 196 3.52 9.19 31.16
C THR D 196 3.95 10.56 31.63
N LYS D 197 3.31 11.61 31.12
CA LYS D 197 3.65 12.98 31.52
C LYS D 197 3.42 13.16 33.01
N PHE D 198 2.27 12.80 33.53
CA PHE D 198 1.98 12.89 34.98
C PHE D 198 3.09 12.12 35.69
N VAL D 199 3.31 10.83 35.45
CA VAL D 199 4.27 10.07 36.24
C VAL D 199 5.67 10.66 36.21
N THR D 200 6.17 11.05 35.04
CA THR D 200 7.51 11.62 34.96
C THR D 200 7.61 12.93 35.73
N SER D 201 6.59 13.79 35.60
CA SER D 201 6.63 15.06 36.33
C SER D 201 6.62 14.83 37.83
N MET D 202 5.77 13.92 38.31
CA MET D 202 5.72 13.65 39.74
C MET D 202 7.02 13.02 40.22
N TYR D 203 7.61 12.12 39.43
CA TYR D 203 8.89 11.53 39.78
C TYR D 203 9.95 12.62 39.96
N ASN D 204 10.02 13.55 39.01
CA ASN D 204 11.00 14.62 39.08
C ASN D 204 10.78 15.48 40.33
N GLU D 205 9.52 15.85 40.59
CA GLU D 205 9.24 16.70 41.74
C GLU D 205 9.61 16.01 43.04
N ILE D 206 9.27 14.72 43.18
CA ILE D 206 9.61 13.99 44.38
C ILE D 206 11.12 13.91 44.55
N LEU D 207 11.84 13.64 43.46
CA LEU D 207 13.30 13.56 43.54
C LEU D 207 13.90 14.88 44.01
N ILE D 208 13.43 15.99 43.44
CA ILE D 208 13.97 17.30 43.81
C ILE D 208 13.66 17.61 45.27
N LEU D 209 12.42 17.35 45.69
CA LEU D 209 12.06 17.63 47.09
C LEU D 209 12.88 16.78 48.05
N GLY D 210 13.06 15.50 47.74
CA GLY D 210 13.88 14.66 48.60
C GLY D 210 15.31 15.13 48.67
N ALA D 211 15.88 15.55 47.54
CA ALA D 211 17.24 16.09 47.56
C ALA D 211 17.33 17.35 48.40
N LYS D 212 16.33 18.22 48.30
CA LYS D 212 16.34 19.46 49.08
C LYS D 212 16.25 19.16 50.57
N LEU D 213 15.33 18.27 50.96
CA LEU D 213 15.11 18.01 52.38
C LEU D 213 16.25 17.18 52.97
N HIS D 214 16.66 16.12 52.27
CA HIS D 214 17.70 15.20 52.76
C HIS D 214 18.74 15.04 51.66
N PRO D 215 19.71 15.96 51.58
CA PRO D 215 20.71 15.86 50.50
C PRO D 215 21.58 14.61 50.59
N THR D 216 21.62 13.95 51.74
CA THR D 216 22.46 12.77 51.92
C THR D 216 21.76 11.45 51.63
N LEU D 217 20.49 11.49 51.20
CA LEU D 217 19.73 10.28 50.97
C LEU D 217 19.73 9.90 49.50
N LYS D 218 19.88 8.61 49.22
CA LYS D 218 19.88 8.07 47.86
C LYS D 218 18.54 7.38 47.65
N LEU D 219 17.56 8.15 47.15
CA LEU D 219 16.21 7.61 46.97
C LEU D 219 16.18 6.51 45.94
N GLU D 220 16.91 6.67 44.83
CA GLU D 220 16.84 5.75 43.72
C GLU D 220 17.61 4.46 43.93
N GLU D 221 18.33 4.33 45.04
CA GLU D 221 19.09 3.12 45.34
C GLU D 221 18.36 2.18 46.28
N ILE D 222 17.14 2.51 46.70
CA ILE D 222 16.37 1.67 47.60
C ILE D 222 15.68 0.57 46.81
N THR D 223 15.86 -0.67 47.24
CA THR D 223 15.28 -1.82 46.58
C THR D 223 14.08 -2.34 47.35
N ASN D 224 13.17 -3.01 46.63
CA ASN D 224 11.97 -3.56 47.22
C ASN D 224 12.22 -5.00 47.65
N ARG D 225 11.15 -5.72 47.99
CA ARG D 225 11.30 -7.10 48.44
C ARG D 225 11.92 -7.97 47.36
N LYS D 226 11.52 -7.76 46.11
CA LYS D 226 12.10 -8.52 45.00
C LYS D 226 13.56 -8.15 44.73
N GLY D 227 14.06 -7.09 45.36
CA GLY D 227 15.43 -6.68 45.13
C GLY D 227 15.63 -5.83 43.90
N LEU D 228 14.65 -5.00 43.56
CA LEU D 228 14.70 -4.16 42.37
C LEU D 228 14.61 -2.70 42.76
N THR D 229 15.45 -1.88 42.14
CA THR D 229 15.33 -0.44 42.23
C THR D 229 14.27 0.05 41.27
N PRO D 230 13.83 1.30 41.40
CA PRO D 230 12.81 1.81 40.47
C PRO D 230 13.23 1.69 39.01
N LEU D 231 14.51 1.92 38.70
CA LEU D 231 14.98 1.77 37.32
C LEU D 231 14.89 0.31 36.87
N ALA D 232 15.32 -0.62 37.72
CA ALA D 232 15.23 -2.04 37.38
C ALA D 232 13.78 -2.46 37.23
N LEU D 233 12.91 -1.97 38.10
CA LEU D 233 11.48 -2.29 38.01
C LEU D 233 10.90 -1.78 36.69
N ALA D 234 11.26 -0.56 36.30
CA ALA D 234 10.78 -0.02 35.03
C ALA D 234 11.29 -0.85 33.86
N ALA D 235 12.56 -1.24 33.90
CA ALA D 235 13.13 -2.00 32.79
C ALA D 235 12.49 -3.39 32.69
N SER D 236 12.26 -4.05 33.82
CA SER D 236 11.74 -5.41 33.81
C SER D 236 10.23 -5.47 33.60
N SER D 237 9.51 -4.36 33.71
CA SER D 237 8.07 -4.33 33.57
C SER D 237 7.61 -3.75 32.23
N GLY D 238 8.53 -3.26 31.41
CA GLY D 238 8.16 -2.71 30.12
C GLY D 238 7.66 -1.28 30.16
N LYS D 239 7.95 -0.54 31.23
CA LYS D 239 7.54 0.86 31.34
C LYS D 239 8.53 1.71 30.55
N ILE D 240 8.27 1.81 29.25
CA ILE D 240 9.24 2.42 28.34
C ILE D 240 9.35 3.91 28.59
N GLY D 241 8.22 4.58 28.88
CA GLY D 241 8.26 6.02 29.09
C GLY D 241 9.08 6.40 30.31
N VAL D 242 8.86 5.70 31.42
CA VAL D 242 9.62 5.99 32.64
C VAL D 242 11.10 5.71 32.41
N LEU D 243 11.42 4.62 31.73
CA LEU D 243 12.81 4.30 31.46
C LEU D 243 13.47 5.37 30.60
N ALA D 244 12.77 5.83 29.56
CA ALA D 244 13.31 6.89 28.72
C ALA D 244 13.54 8.16 29.51
N TYR D 245 12.59 8.52 30.39
CA TYR D 245 12.75 9.71 31.21
C TYR D 245 13.97 9.58 32.12
N ILE D 246 14.11 8.43 32.77
CA ILE D 246 15.18 8.27 33.76
C ILE D 246 16.54 8.30 33.08
N LEU D 247 16.69 7.57 31.97
CA LEU D 247 18.01 7.41 31.37
C LEU D 247 18.55 8.72 30.81
N GLN D 248 17.68 9.64 30.43
CA GLN D 248 18.06 10.92 29.85
C GLN D 248 17.77 12.09 30.78
N ARG D 249 17.70 11.84 32.07
CA ARG D 249 17.30 12.87 33.03
C ARG D 249 18.33 13.99 33.07
N GLU D 250 17.85 15.23 32.98
CA GLU D 250 18.70 16.41 33.01
C GLU D 250 18.06 17.45 33.91
N ILE D 251 18.77 17.82 34.98
CA ILE D 251 18.30 18.81 35.95
C ILE D 251 19.28 19.96 35.94
N HIS D 252 18.81 21.15 35.56
CA HIS D 252 19.66 22.32 35.40
C HIS D 252 19.65 23.23 36.62
N GLU D 253 18.96 22.84 37.69
CA GLU D 253 18.86 23.67 38.88
C GLU D 253 20.09 23.47 39.74
N PRO D 254 20.88 24.50 40.03
CA PRO D 254 22.04 24.32 40.91
C PRO D 254 21.62 23.81 42.28
N GLU D 255 22.52 23.06 42.91
CA GLU D 255 22.37 22.41 44.20
C GLU D 255 21.53 21.13 44.08
N CYS D 256 20.99 20.81 42.91
CA CYS D 256 20.24 19.58 42.72
C CYS D 256 20.55 18.91 41.39
N ARG D 257 21.57 19.35 40.67
CA ARG D 257 21.89 18.78 39.37
C ARG D 257 22.71 17.51 39.47
N HIS D 258 23.18 17.14 40.67
CA HIS D 258 23.84 15.87 40.85
C HIS D 258 22.88 14.68 40.66
N LEU D 259 21.58 14.93 40.63
CA LEU D 259 20.59 13.88 40.40
C LEU D 259 20.47 13.51 38.92
N SER D 260 20.99 14.33 38.02
CA SER D 260 20.83 14.08 36.61
C SER D 260 21.71 12.92 36.15
N ARG D 261 21.30 12.31 35.04
CA ARG D 261 22.05 11.21 34.44
C ARG D 261 22.65 11.57 33.09
N LYS D 262 22.30 12.73 32.52
CA LYS D 262 22.83 13.21 31.26
C LYS D 262 23.47 14.57 31.49
N PHE D 263 24.68 14.75 30.98
CA PHE D 263 25.44 15.98 31.20
C PHE D 263 25.97 16.49 29.86
N THR D 264 26.40 17.75 29.86
CA THR D 264 26.99 18.41 28.70
C THR D 264 28.44 18.72 29.03
N GLU D 265 29.36 18.01 28.39
CA GLU D 265 30.77 18.16 28.71
C GLU D 265 31.34 19.47 28.16
N TRP D 266 30.98 19.83 26.94
CA TRP D 266 31.45 21.08 26.35
C TRP D 266 30.60 21.39 25.12
N ALA D 267 30.71 22.63 24.66
CA ALA D 267 29.94 23.11 23.51
C ALA D 267 30.75 24.16 22.79
N TYR D 268 31.00 23.95 21.50
CA TYR D 268 31.70 24.90 20.64
C TYR D 268 30.80 25.21 19.45
N GLY D 269 30.21 26.39 19.44
CA GLY D 269 29.31 26.78 18.38
C GLY D 269 28.07 25.90 18.33
N PRO D 270 27.85 25.22 17.19
CA PRO D 270 26.65 24.37 17.07
C PRO D 270 26.83 22.93 17.54
N VAL D 271 28.01 22.53 17.96
CA VAL D 271 28.30 21.14 18.31
C VAL D 271 28.63 21.07 19.79
N HIS D 272 27.98 20.16 20.50
CA HIS D 272 28.23 19.93 21.92
C HIS D 272 28.36 18.45 22.18
N SER D 273 29.13 18.10 23.20
CA SER D 273 29.39 16.73 23.58
C SER D 273 28.64 16.42 24.87
N SER D 274 27.81 15.38 24.85
CA SER D 274 26.99 14.99 25.97
C SER D 274 27.55 13.73 26.62
N LEU D 275 27.38 13.64 27.94
CA LEU D 275 27.82 12.48 28.72
C LEU D 275 26.60 11.80 29.31
N TYR D 276 26.49 10.49 29.10
CA TYR D 276 25.41 9.68 29.62
C TYR D 276 25.94 8.83 30.77
N ASP D 277 25.32 8.95 31.94
CA ASP D 277 25.68 8.09 33.05
C ASP D 277 25.30 6.65 32.75
N LEU D 278 26.25 5.74 32.93
CA LEU D 278 26.03 4.33 32.65
C LEU D 278 25.95 3.48 33.91
N SER D 279 25.80 4.11 35.07
CA SER D 279 25.68 3.34 36.31
C SER D 279 24.47 2.43 36.25
N CYS D 280 24.66 1.17 36.59
CA CYS D 280 23.58 0.17 36.62
C CYS D 280 22.97 -0.06 35.24
N ILE D 281 23.72 0.14 34.17
CA ILE D 281 23.23 -0.04 32.81
C ILE D 281 23.78 -1.31 32.18
N ASP D 282 25.10 -1.49 32.19
CA ASP D 282 25.71 -2.66 31.58
C ASP D 282 26.39 -3.59 32.58
N THR D 283 26.56 -3.17 33.84
CA THR D 283 27.11 -4.05 34.85
C THR D 283 26.72 -3.53 36.22
N CYS D 284 25.94 -4.30 36.96
CA CYS D 284 25.56 -3.98 38.32
C CYS D 284 25.72 -5.14 39.29
N GLU D 285 25.97 -6.36 38.79
CA GLU D 285 26.24 -7.55 39.60
C GLU D 285 24.97 -8.07 40.25
N LYS D 286 23.87 -7.33 40.15
CA LYS D 286 22.56 -7.84 40.58
C LYS D 286 21.60 -7.95 39.41
N ASN D 287 21.29 -6.85 38.75
CA ASN D 287 20.49 -6.89 37.52
C ASN D 287 20.69 -5.57 36.79
N SER D 288 21.44 -5.59 35.71
CA SER D 288 21.62 -4.39 34.91
C SER D 288 20.45 -4.24 33.93
N VAL D 289 20.29 -3.01 33.42
CA VAL D 289 19.19 -2.74 32.50
C VAL D 289 19.33 -3.59 31.25
N LEU D 290 20.54 -3.70 30.71
CA LEU D 290 20.75 -4.50 29.50
C LEU D 290 20.42 -5.96 29.75
N GLU D 291 20.91 -6.52 30.86
CA GLU D 291 20.62 -7.91 31.20
C GLU D 291 19.13 -8.12 31.43
N VAL D 292 18.49 -7.19 32.14
CA VAL D 292 17.07 -7.34 32.45
C VAL D 292 16.24 -7.34 31.17
N ILE D 293 16.55 -6.43 30.24
CA ILE D 293 15.78 -6.36 29.01
C ILE D 293 16.06 -7.55 28.12
N ALA D 294 17.34 -7.93 27.97
CA ALA D 294 17.68 -9.00 27.05
C ALA D 294 17.08 -10.33 27.48
N TYR D 295 17.14 -10.64 28.77
CA TYR D 295 16.67 -11.92 29.29
C TYR D 295 15.26 -11.85 29.85
N SER D 296 14.48 -10.85 29.44
CA SER D 296 13.12 -10.73 29.91
C SER D 296 12.24 -11.82 29.30
N SER D 297 11.14 -12.12 29.99
CA SER D 297 10.21 -13.14 29.50
C SER D 297 9.49 -12.63 28.26
N SER D 298 8.85 -13.57 27.56
CA SER D 298 8.14 -13.24 26.32
C SER D 298 6.87 -12.42 26.58
N GLU D 299 6.43 -12.30 27.82
CA GLU D 299 5.21 -11.58 28.15
C GLU D 299 5.46 -10.11 28.49
N THR D 300 6.70 -9.66 28.49
CA THR D 300 6.99 -8.27 28.80
C THR D 300 6.40 -7.38 27.71
N PRO D 301 5.67 -6.31 28.07
CA PRO D 301 4.93 -5.56 27.04
C PRO D 301 5.78 -5.01 25.91
N ASN D 302 6.97 -4.47 26.19
CA ASN D 302 7.73 -3.71 25.22
C ASN D 302 9.17 -4.19 25.15
N ARG D 303 9.38 -5.50 25.20
CA ARG D 303 10.74 -6.02 25.26
C ARG D 303 11.53 -5.67 24.00
N HIS D 304 10.92 -5.69 22.82
CA HIS D 304 11.59 -5.42 21.53
C HIS D 304 11.80 -3.93 21.33
N ASP D 305 11.06 -3.08 22.02
CA ASP D 305 11.14 -1.64 21.79
C ASP D 305 12.00 -0.92 22.81
N MET D 306 12.29 -1.52 23.96
CA MET D 306 13.00 -0.82 25.02
C MET D 306 14.46 -0.57 24.68
N LEU D 307 15.03 -1.33 23.75
CA LEU D 307 16.43 -1.13 23.37
C LEU D 307 16.61 0.09 22.47
N LEU D 308 15.53 0.72 22.01
CA LEU D 308 15.63 1.92 21.19
C LEU D 308 15.86 3.18 22.02
N VAL D 309 15.75 3.11 23.34
CA VAL D 309 16.02 4.28 24.16
C VAL D 309 17.47 4.70 23.95
N GLU D 310 17.70 6.01 23.95
CA GLU D 310 18.87 6.62 23.32
C GLU D 310 20.20 5.93 23.63
N PRO D 311 20.66 5.93 24.89
CA PRO D 311 22.03 5.43 25.13
C PRO D 311 22.24 3.96 24.79
N LEU D 312 21.20 3.13 24.93
CA LEU D 312 21.39 1.69 24.87
C LEU D 312 21.83 1.23 23.49
N ASN D 313 21.22 1.78 22.43
CA ASN D 313 21.56 1.38 21.08
C ASN D 313 23.03 1.67 20.78
N ARG D 314 23.48 2.88 21.09
CA ARG D 314 24.86 3.24 20.85
C ARG D 314 25.82 2.40 21.69
N LEU D 315 25.44 2.12 22.94
CA LEU D 315 26.29 1.30 23.79
C LEU D 315 26.46 -0.10 23.21
N LEU D 316 25.37 -0.70 22.76
CA LEU D 316 25.44 -2.04 22.17
C LEU D 316 26.27 -2.03 20.89
N GLN D 317 26.09 -1.01 20.06
CA GLN D 317 26.90 -0.90 18.84
C GLN D 317 28.37 -0.76 19.17
N ASP D 318 28.70 0.01 20.21
CA ASP D 318 30.09 0.17 20.60
C ASP D 318 30.69 -1.15 21.06
N LYS D 319 29.97 -1.89 21.89
CA LYS D 319 30.46 -3.20 22.33
C LYS D 319 30.69 -4.13 21.14
N TRP D 320 29.71 -4.16 20.22
CA TRP D 320 29.84 -4.94 19.00
C TRP D 320 31.13 -4.61 18.30
N ASP D 321 31.26 -3.36 17.85
CA ASP D 321 32.41 -2.94 17.06
C ASP D 321 33.72 -3.07 17.80
N ARG D 322 33.70 -3.14 19.14
CA ARG D 322 34.95 -3.23 19.86
C ARG D 322 35.47 -4.66 19.96
N PHE D 323 34.62 -5.63 20.34
CA PHE D 323 35.12 -7.02 20.38
C PHE D 323 34.16 -8.08 19.85
N VAL D 324 32.85 -7.83 19.82
CA VAL D 324 31.93 -8.94 19.64
C VAL D 324 31.87 -9.34 18.18
N LYS D 325 32.06 -8.38 17.26
CA LYS D 325 32.07 -8.72 15.85
C LYS D 325 33.15 -9.76 15.54
N ARG D 326 34.35 -9.54 16.05
CA ARG D 326 35.45 -10.47 15.78
C ARG D 326 35.23 -11.82 16.45
N ILE D 327 34.76 -11.81 17.70
CA ILE D 327 34.49 -13.10 18.35
C ILE D 327 33.42 -13.87 17.58
N PHE D 328 32.40 -13.17 17.11
CA PHE D 328 31.31 -13.81 16.37
C PHE D 328 31.80 -14.37 15.04
N TYR D 329 32.66 -13.64 14.34
CA TYR D 329 33.22 -14.15 13.10
C TYR D 329 34.04 -15.41 13.32
N PHE D 330 34.83 -15.43 14.40
CA PHE D 330 35.59 -16.65 14.70
C PHE D 330 34.66 -17.83 14.98
N ASN D 331 33.58 -17.59 15.74
CA ASN D 331 32.64 -18.67 16.02
C ASN D 331 32.01 -19.19 14.73
N PHE D 332 31.63 -18.29 13.82
CA PHE D 332 31.05 -18.70 12.56
C PHE D 332 32.02 -19.54 11.75
N PHE D 333 33.29 -19.12 11.71
CA PHE D 333 34.29 -19.89 10.97
C PHE D 333 34.46 -21.29 11.56
N VAL D 334 34.50 -21.39 12.88
CA VAL D 334 34.66 -22.70 13.52
C VAL D 334 33.47 -23.59 13.20
N TYR D 335 32.24 -23.04 13.22
CA TYR D 335 31.07 -23.84 12.91
C TYR D 335 31.10 -24.30 11.46
N CYS D 336 31.53 -23.44 10.54
CA CYS D 336 31.63 -23.84 9.14
C CYS D 336 32.62 -24.98 8.97
N LEU D 337 33.77 -24.90 9.63
CA LEU D 337 34.74 -26.00 9.55
C LEU D 337 34.16 -27.28 10.10
N TYR D 338 33.45 -27.20 11.23
CA TYR D 338 32.84 -28.39 11.81
C TYR D 338 31.85 -29.02 10.85
N MET D 339 31.00 -28.22 10.22
CA MET D 339 30.01 -28.77 9.31
C MET D 339 30.67 -29.38 8.08
N ILE D 340 31.73 -28.76 7.57
CA ILE D 340 32.42 -29.33 6.41
C ILE D 340 33.03 -30.68 6.76
N ILE D 341 33.67 -30.77 7.93
CA ILE D 341 34.28 -32.04 8.33
C ILE D 341 33.21 -33.11 8.52
N PHE D 342 32.08 -32.74 9.13
CA PHE D 342 31.00 -33.70 9.33
C PHE D 342 30.45 -34.19 8.00
N THR D 343 30.25 -33.29 7.04
CA THR D 343 29.76 -33.69 5.73
C THR D 343 30.74 -34.64 5.05
N ALA D 344 32.04 -34.32 5.10
CA ALA D 344 33.03 -35.18 4.47
C ALA D 344 33.06 -36.55 5.11
N ALA D 345 33.00 -36.60 6.44
CA ALA D 345 33.04 -37.90 7.12
C ALA D 345 31.80 -38.73 6.82
N ALA D 346 30.62 -38.11 6.78
CA ALA D 346 29.41 -38.87 6.50
C ALA D 346 29.34 -39.30 5.04
N TYR D 347 29.92 -38.53 4.14
CA TYR D 347 29.88 -38.87 2.72
C TYR D 347 30.60 -40.18 2.43
N TYR D 348 31.69 -40.46 3.15
CA TYR D 348 32.53 -41.63 2.89
C TYR D 348 32.29 -42.75 3.90
N ARG D 349 31.09 -42.86 4.44
CA ARG D 349 30.79 -43.95 5.35
C ARG D 349 30.93 -45.28 4.61
N PRO D 350 31.52 -46.29 5.23
CA PRO D 350 31.66 -47.58 4.56
C PRO D 350 30.32 -48.30 4.45
N VAL D 351 30.16 -49.05 3.36
CA VAL D 351 28.98 -49.87 3.16
C VAL D 351 29.38 -51.33 3.16
N GLU D 352 29.40 -51.94 4.35
CA GLU D 352 29.67 -53.37 4.50
C GLU D 352 28.56 -54.09 5.24
N GLY D 353 28.11 -53.56 6.38
CA GLY D 353 27.02 -54.14 7.11
C GLY D 353 27.30 -54.30 8.60
N LEU D 354 26.30 -54.02 9.43
CA LEU D 354 26.37 -54.30 10.85
C LEU D 354 27.61 -53.67 11.49
N PRO D 355 27.63 -52.36 11.71
CA PRO D 355 28.76 -51.73 12.39
C PRO D 355 28.98 -52.34 13.76
N PRO D 356 30.10 -52.00 14.43
CA PRO D 356 31.16 -51.09 14.01
C PRO D 356 32.02 -51.65 12.90
N TYR D 357 32.73 -50.78 12.18
CA TYR D 357 33.52 -51.15 11.03
C TYR D 357 35.00 -51.18 11.40
N LYS D 358 35.70 -52.22 10.97
CA LYS D 358 37.11 -52.36 11.32
C LYS D 358 37.94 -51.29 10.61
N LEU D 359 39.04 -50.90 11.25
CA LEU D 359 39.90 -49.84 10.76
C LEU D 359 40.97 -50.43 9.85
N LYS D 360 40.88 -50.11 8.56
CA LYS D 360 41.90 -50.54 7.62
C LYS D 360 43.14 -49.65 7.71
N ASN D 361 44.26 -50.18 7.23
CA ASN D 361 45.53 -49.47 7.29
C ASN D 361 45.69 -48.64 6.02
N THR D 362 45.15 -47.44 6.03
CA THR D 362 45.26 -46.53 4.90
C THR D 362 45.09 -45.10 5.40
N VAL D 363 45.58 -44.15 4.61
CA VAL D 363 45.45 -42.74 4.98
C VAL D 363 43.98 -42.33 4.99
N GLY D 364 43.21 -42.77 3.99
CA GLY D 364 41.82 -42.37 3.92
C GLY D 364 41.02 -42.86 5.10
N ASP D 365 41.28 -44.08 5.55
CA ASP D 365 40.57 -44.60 6.72
C ASP D 365 40.89 -43.78 7.96
N TYR D 366 42.16 -43.41 8.13
CA TYR D 366 42.54 -42.59 9.27
C TYR D 366 41.85 -41.23 9.22
N PHE D 367 41.81 -40.61 8.04
CA PHE D 367 41.13 -39.33 7.91
C PHE D 367 39.63 -39.46 8.23
N ARG D 368 39.03 -40.56 7.83
CA ARG D 368 37.59 -40.77 8.02
C ARG D 368 37.33 -41.03 9.49
N VAL D 369 38.22 -41.68 10.21
CA VAL D 369 38.05 -41.90 11.65
C VAL D 369 38.22 -40.59 12.40
N THR D 370 39.21 -39.79 11.99
CA THR D 370 39.40 -38.48 12.62
C THR D 370 38.18 -37.60 12.43
N GLY D 371 37.60 -37.60 11.22
CA GLY D 371 36.40 -36.81 10.99
C GLY D 371 35.24 -37.24 11.87
N GLU D 372 35.08 -38.52 12.04
CA GLU D 372 33.98 -39.08 12.83
C GLU D 372 34.20 -38.77 14.30
N ILE D 373 35.44 -38.73 14.78
CA ILE D 373 35.75 -38.34 16.14
C ILE D 373 35.43 -36.86 16.34
N LEU D 374 35.81 -36.01 15.39
CA LEU D 374 35.53 -34.59 15.52
C LEU D 374 34.04 -34.31 15.51
N SER D 375 33.29 -35.02 14.67
CA SER D 375 31.84 -34.83 14.64
C SER D 375 31.20 -35.20 15.98
N VAL D 376 31.63 -36.32 16.57
CA VAL D 376 31.09 -36.73 17.86
C VAL D 376 31.46 -35.70 18.93
N SER D 377 32.68 -35.18 18.87
CA SER D 377 33.09 -34.16 19.84
C SER D 377 32.21 -32.92 19.73
N GLY D 378 31.92 -32.47 18.51
CA GLY D 378 31.04 -31.32 18.34
C GLY D 378 29.64 -31.58 18.85
N GLY D 379 29.12 -32.78 18.59
CA GLY D 379 27.81 -33.13 19.12
C GLY D 379 27.77 -33.09 20.64
N VAL D 380 28.80 -33.64 21.27
CA VAL D 380 28.86 -33.61 22.74
C VAL D 380 28.93 -32.17 23.24
N TYR D 381 29.74 -31.34 22.59
CA TYR D 381 29.87 -29.95 23.00
C TYR D 381 28.53 -29.23 22.93
N PHE D 382 27.79 -29.43 21.84
CA PHE D 382 26.49 -28.75 21.73
C PHE D 382 25.47 -29.32 22.71
N PHE D 383 25.52 -30.62 22.98
CA PHE D 383 24.63 -31.18 23.99
C PHE D 383 24.87 -30.54 25.35
N PHE D 384 26.13 -30.41 25.73
CA PHE D 384 26.44 -29.84 27.04
C PHE D 384 26.12 -28.34 27.08
N ARG D 385 26.30 -27.58 26.03
CA ARG D 385 25.91 -26.16 25.96
C ARG D 385 24.40 -26.04 26.00
N GLY D 386 23.62 -26.97 25.46
CA GLY D 386 22.18 -26.92 25.65
C GLY D 386 21.77 -27.18 27.08
N ILE D 387 22.40 -28.17 27.72
CA ILE D 387 22.11 -28.44 29.13
C ILE D 387 22.45 -27.21 29.98
N GLN D 388 23.61 -26.60 29.72
CA GLN D 388 24.03 -25.43 30.48
C GLN D 388 23.04 -24.29 30.31
N TYR D 389 22.54 -24.08 29.09
CA TYR D 389 21.55 -23.04 28.87
C TYR D 389 20.27 -23.33 29.65
N PHE D 390 19.76 -24.56 29.54
CA PHE D 390 18.52 -24.90 30.24
C PHE D 390 18.66 -24.75 31.75
N LEU D 391 19.87 -24.96 32.28
CA LEU D 391 20.07 -24.76 33.72
C LEU D 391 20.19 -23.28 34.07
N GLN D 392 21.02 -22.53 33.35
CA GLN D 392 21.31 -21.16 33.72
C GLN D 392 20.08 -20.26 33.54
N ARG D 393 19.44 -20.33 32.37
CA ARG D 393 18.31 -19.44 32.10
C ARG D 393 17.04 -19.93 32.77
N ARG D 394 16.87 -21.24 32.92
CA ARG D 394 15.66 -21.81 33.50
C ARG D 394 14.41 -21.30 32.79
N PRO D 395 14.19 -21.71 31.54
CA PRO D 395 12.93 -21.36 30.88
C PRO D 395 11.73 -21.89 31.65
N SER D 396 10.63 -21.15 31.60
CA SER D 396 9.44 -21.44 32.38
C SER D 396 8.48 -22.39 31.67
N LEU D 397 8.97 -23.18 30.71
CA LEU D 397 8.16 -24.16 29.99
C LEU D 397 7.16 -23.51 29.04
N LYS D 398 7.09 -22.18 29.06
CA LYS D 398 6.34 -21.41 28.08
C LYS D 398 7.24 -20.57 27.19
N SER D 399 8.26 -19.94 27.78
CA SER D 399 9.35 -19.38 26.98
C SER D 399 10.18 -20.48 26.33
N LEU D 400 10.04 -21.72 26.80
CA LEU D 400 10.79 -22.83 26.22
C LEU D 400 10.39 -23.07 24.77
N PHE D 401 9.08 -23.05 24.48
CA PHE D 401 8.58 -23.36 23.15
C PHE D 401 7.92 -22.16 22.48
N VAL D 402 8.07 -20.96 23.04
CA VAL D 402 7.71 -19.74 22.34
C VAL D 402 8.88 -18.77 22.21
N ASP D 403 9.99 -19.01 22.91
CA ASP D 403 11.22 -18.24 22.78
C ASP D 403 12.37 -19.22 22.62
N SER D 404 13.58 -18.78 22.54
CA SER D 404 14.64 -19.78 22.34
C SER D 404 14.38 -20.86 21.29
N TYR D 405 14.22 -20.52 20.05
CA TYR D 405 14.12 -21.51 18.97
C TYR D 405 15.51 -22.02 18.62
N SER D 406 16.56 -21.23 18.57
CA SER D 406 17.88 -21.67 18.15
C SER D 406 18.50 -22.63 19.17
N GLU D 407 18.31 -22.35 20.46
CA GLU D 407 18.82 -23.25 21.48
C GLU D 407 18.23 -24.64 21.32
N ILE D 408 16.91 -24.72 21.12
CA ILE D 408 16.26 -26.02 20.96
C ILE D 408 16.74 -26.70 19.69
N LEU D 409 16.91 -25.96 18.60
CA LEU D 409 17.32 -26.57 17.35
C LEU D 409 18.72 -27.17 17.46
N PHE D 410 19.65 -26.43 18.06
CA PHE D 410 21.00 -26.95 18.23
C PHE D 410 21.01 -28.16 19.18
N PHE D 411 20.19 -28.09 20.24
CA PHE D 411 20.12 -29.22 21.16
C PHE D 411 19.57 -30.46 20.48
N VAL D 412 18.55 -30.30 19.63
CA VAL D 412 17.96 -31.44 18.94
C VAL D 412 18.95 -32.04 17.96
N GLN D 413 19.72 -31.19 17.27
CA GLN D 413 20.76 -31.72 16.39
C GLN D 413 21.77 -32.55 17.17
N SER D 414 22.21 -32.04 18.33
CA SER D 414 23.14 -32.80 19.15
C SER D 414 22.52 -34.11 19.62
N LEU D 415 21.23 -34.10 19.95
CA LEU D 415 20.56 -35.32 20.37
C LEU D 415 20.55 -36.35 19.25
N PHE D 416 20.28 -35.92 18.02
CA PHE D 416 20.33 -36.84 16.90
C PHE D 416 21.72 -37.43 16.73
N MET D 417 22.76 -36.61 16.89
CA MET D 417 24.13 -37.11 16.77
C MET D 417 24.42 -38.18 17.83
N LEU D 418 24.03 -37.92 19.07
CA LEU D 418 24.33 -38.86 20.14
C LEU D 418 23.53 -40.16 19.99
N VAL D 419 22.26 -40.06 19.59
CA VAL D 419 21.47 -41.25 19.32
C VAL D 419 22.11 -42.06 18.20
N SER D 420 22.63 -41.36 17.18
CA SER D 420 23.31 -42.06 16.09
C SER D 420 24.52 -42.83 16.62
N VAL D 421 25.31 -42.22 17.50
CA VAL D 421 26.46 -42.93 18.06
C VAL D 421 26.01 -44.17 18.83
N VAL D 422 24.97 -44.02 19.65
CA VAL D 422 24.49 -45.14 20.45
C VAL D 422 24.03 -46.28 19.55
N LEU D 423 23.27 -45.96 18.51
CA LEU D 423 22.83 -46.98 17.57
C LEU D 423 24.02 -47.62 16.85
N TYR D 424 25.02 -46.82 16.52
CA TYR D 424 26.20 -47.34 15.83
C TYR D 424 26.91 -48.40 16.66
N PHE D 425 27.05 -48.16 17.96
CA PHE D 425 27.76 -49.14 18.78
C PHE D 425 26.87 -50.29 19.25
N SER D 426 25.59 -50.29 18.88
CA SER D 426 24.70 -51.42 19.12
C SER D 426 24.52 -52.31 17.90
N GLN D 427 25.30 -52.06 16.83
CA GLN D 427 25.25 -52.88 15.62
C GLN D 427 23.93 -52.72 14.88
N ARG D 428 23.45 -51.48 14.78
CA ARG D 428 22.22 -51.17 14.07
C ARG D 428 22.51 -50.24 12.89
N LYS D 429 21.75 -50.41 11.82
CA LYS D 429 21.90 -49.60 10.62
C LYS D 429 21.11 -48.29 10.68
N GLU D 430 20.30 -48.16 11.68
CA GLU D 430 19.46 -46.99 11.81
C GLU D 430 20.32 -45.82 12.25
N TYR D 431 21.58 -45.97 12.62
CA TYR D 431 22.52 -44.88 12.89
C TYR D 431 22.66 -43.99 11.65
N VAL D 432 22.51 -44.56 10.45
CA VAL D 432 22.58 -43.75 9.24
C VAL D 432 21.40 -42.78 9.18
N ALA D 433 20.20 -43.26 9.52
CA ALA D 433 19.03 -42.38 9.50
C ALA D 433 19.19 -41.23 10.49
N SER D 434 19.61 -41.56 11.72
CA SER D 434 19.81 -40.51 12.71
C SER D 434 20.90 -39.54 12.27
N MET D 435 21.97 -40.06 11.65
CA MET D 435 23.07 -39.22 11.19
C MET D 435 22.62 -38.27 10.09
N VAL D 436 21.80 -38.75 9.15
CA VAL D 436 21.36 -37.86 8.07
C VAL D 436 20.42 -36.79 8.60
N PHE D 437 19.56 -37.14 9.57
CA PHE D 437 18.74 -36.10 10.19
C PHE D 437 19.62 -35.05 10.87
N SER D 438 20.66 -35.49 11.59
CA SER D 438 21.57 -34.56 12.22
C SER D 438 22.25 -33.67 11.19
N LEU D 439 22.68 -34.25 10.06
CA LEU D 439 23.37 -33.49 9.03
C LEU D 439 22.46 -32.42 8.44
N ALA D 440 21.22 -32.77 8.12
CA ALA D 440 20.29 -31.79 7.56
C ALA D 440 20.02 -30.67 8.56
N MET D 441 19.79 -31.02 9.83
CA MET D 441 19.57 -29.98 10.83
C MET D 441 20.78 -29.08 10.97
N GLY D 442 21.98 -29.67 10.95
CA GLY D 442 23.18 -28.87 11.10
C GLY D 442 23.38 -27.90 9.94
N TRP D 443 23.07 -28.33 8.72
CA TRP D 443 23.21 -27.42 7.59
C TRP D 443 22.15 -26.32 7.63
N THR D 444 20.93 -26.64 8.05
CA THR D 444 19.92 -25.58 8.16
C THR D 444 20.21 -24.63 9.31
N ASN D 445 20.95 -25.07 10.32
CA ASN D 445 21.26 -24.22 11.46
C ASN D 445 22.25 -23.11 11.14
N MET D 446 22.87 -23.12 9.95
CA MET D 446 23.74 -22.02 9.56
C MET D 446 23.01 -20.69 9.50
N LEU D 447 21.69 -20.71 9.37
CA LEU D 447 20.91 -19.48 9.31
C LEU D 447 21.00 -18.68 10.59
N TYR D 448 21.46 -19.29 11.69
CA TYR D 448 21.62 -18.56 12.94
C TYR D 448 22.64 -17.44 12.80
N TYR D 449 23.70 -17.66 12.02
CA TYR D 449 24.77 -16.69 11.92
C TYR D 449 24.45 -15.55 10.96
N THR D 450 23.26 -15.53 10.35
CA THR D 450 22.85 -14.36 9.60
C THR D 450 22.75 -13.14 10.50
N ARG D 451 22.32 -13.32 11.74
CA ARG D 451 22.48 -12.28 12.73
C ARG D 451 23.97 -11.98 12.89
N GLY D 452 24.32 -10.70 12.94
CA GLY D 452 25.67 -10.25 12.72
C GLY D 452 25.82 -9.49 11.43
N PHE D 453 24.85 -9.60 10.52
CA PHE D 453 24.74 -8.76 9.34
C PHE D 453 23.30 -8.28 9.26
N GLN D 454 23.11 -6.98 9.08
CA GLN D 454 21.79 -6.38 9.27
C GLN D 454 20.77 -6.94 8.26
N GLN D 455 21.10 -6.89 6.98
CA GLN D 455 20.13 -7.26 5.95
C GLN D 455 19.78 -8.74 6.03
N MET D 456 20.79 -9.60 6.15
CA MET D 456 20.54 -11.03 6.26
C MET D 456 19.81 -11.36 7.55
N GLY D 457 20.13 -10.67 8.64
CA GLY D 457 19.44 -10.92 9.89
C GLY D 457 17.97 -10.56 9.83
N ILE D 458 17.64 -9.42 9.23
CA ILE D 458 16.23 -9.05 9.09
C ILE D 458 15.53 -10.02 8.14
N TYR D 459 16.22 -10.46 7.10
CA TYR D 459 15.65 -11.46 6.19
C TYR D 459 15.31 -12.74 6.95
N ALA D 460 16.20 -13.20 7.83
CA ALA D 460 15.94 -14.40 8.62
C ALA D 460 14.77 -14.21 9.57
N VAL D 461 14.68 -13.03 10.20
CA VAL D 461 13.54 -12.75 11.07
C VAL D 461 12.23 -12.81 10.29
N MET D 462 12.23 -12.24 9.08
CA MET D 462 11.03 -12.30 8.24
C MET D 462 10.68 -13.73 7.86
N ILE D 463 11.69 -14.55 7.58
CA ILE D 463 11.44 -15.97 7.29
C ILE D 463 10.76 -16.63 8.48
N GLU D 464 11.27 -16.36 9.68
CA GLU D 464 10.67 -16.94 10.88
C GLU D 464 9.21 -16.53 11.02
N LYS D 465 8.92 -15.24 10.81
CA LYS D 465 7.54 -14.79 10.93
C LYS D 465 6.63 -15.45 9.89
N MET D 466 7.11 -15.56 8.65
CA MET D 466 6.33 -16.25 7.63
C MET D 466 6.00 -17.66 8.07
N ILE D 467 7.01 -18.42 8.49
CA ILE D 467 6.79 -19.79 8.93
C ILE D 467 5.76 -19.82 10.04
N LEU D 468 5.88 -18.91 11.02
CA LEU D 468 5.06 -19.01 12.21
C LEU D 468 3.59 -18.72 11.92
N ARG D 469 3.31 -17.78 11.01
CA ARG D 469 1.92 -17.41 10.76
C ARG D 469 1.35 -18.02 9.48
N ASP D 470 1.92 -17.64 8.33
CA ASP D 470 1.25 -17.92 7.06
C ASP D 470 1.35 -19.39 6.71
N LEU D 471 2.50 -19.97 6.88
CA LEU D 471 2.71 -21.37 6.50
C LEU D 471 1.93 -22.24 7.44
N CYS D 472 1.75 -21.87 8.67
CA CYS D 472 1.05 -22.69 9.66
C CYS D 472 -0.46 -22.68 9.36
N ARG D 473 -1.07 -21.56 9.01
CA ARG D 473 -2.48 -21.54 8.64
C ARG D 473 -2.72 -22.29 7.33
N PHE D 474 -1.88 -21.99 6.33
CA PHE D 474 -2.03 -22.63 5.03
C PHE D 474 -1.89 -24.13 5.15
N MET D 475 -0.92 -24.60 5.93
CA MET D 475 -0.67 -26.03 6.03
C MET D 475 -1.83 -26.75 6.69
N PHE D 476 -2.42 -26.15 7.73
CA PHE D 476 -3.58 -26.76 8.34
C PHE D 476 -4.70 -26.95 7.31
N VAL D 477 -5.08 -25.88 6.62
CA VAL D 477 -6.22 -26.00 5.70
C VAL D 477 -5.88 -26.95 4.56
N TYR D 478 -4.66 -26.84 4.02
CA TYR D 478 -4.27 -27.66 2.88
C TYR D 478 -4.23 -29.13 3.25
N LEU D 479 -3.73 -29.48 4.44
CA LEU D 479 -3.69 -30.87 4.84
C LEU D 479 -5.10 -31.43 5.00
N VAL D 480 -6.02 -30.65 5.56
CA VAL D 480 -7.39 -31.13 5.66
C VAL D 480 -7.95 -31.44 4.27
N PHE D 481 -7.79 -30.50 3.33
CA PHE D 481 -8.34 -30.72 2.00
C PHE D 481 -7.68 -31.91 1.30
N LEU D 482 -6.35 -32.02 1.40
CA LEU D 482 -5.64 -33.12 0.75
C LEU D 482 -6.11 -34.45 1.28
N PHE D 483 -6.22 -34.59 2.61
CA PHE D 483 -6.65 -35.85 3.18
C PHE D 483 -8.07 -36.20 2.74
N GLY D 484 -8.98 -35.21 2.76
CA GLY D 484 -10.35 -35.51 2.38
C GLY D 484 -10.45 -36.00 0.94
N PHE D 485 -9.82 -35.27 0.01
CA PHE D 485 -9.95 -35.66 -1.39
C PHE D 485 -9.20 -36.96 -1.67
N SER D 486 -8.10 -37.22 -0.96
CA SER D 486 -7.38 -38.46 -1.18
C SER D 486 -8.17 -39.65 -0.68
N THR D 487 -8.84 -39.51 0.46
CA THR D 487 -9.70 -40.60 0.93
C THR D 487 -10.84 -40.85 -0.05
N ALA D 488 -11.45 -39.79 -0.58
CA ALA D 488 -12.50 -39.98 -1.57
C ALA D 488 -11.98 -40.73 -2.79
N VAL D 489 -10.84 -40.30 -3.32
CA VAL D 489 -10.30 -40.91 -4.54
C VAL D 489 -9.93 -42.37 -4.29
N VAL D 490 -9.28 -42.66 -3.16
CA VAL D 490 -8.88 -44.05 -2.90
C VAL D 490 -10.11 -44.92 -2.68
N THR D 491 -11.18 -44.37 -2.08
CA THR D 491 -12.41 -45.14 -1.95
C THR D 491 -12.99 -45.46 -3.32
N LEU D 492 -12.93 -44.51 -4.25
CA LEU D 492 -13.46 -44.78 -5.59
C LEU D 492 -12.66 -45.88 -6.30
N ILE D 493 -11.33 -45.88 -6.15
CA ILE D 493 -10.50 -46.84 -6.85
C ILE D 493 -10.84 -48.26 -6.40
N GLU D 494 -10.78 -49.20 -7.34
CA GLU D 494 -11.20 -50.58 -7.10
C GLU D 494 -10.05 -51.48 -6.66
N ASP D 495 -9.00 -51.57 -7.44
CA ASP D 495 -7.83 -52.39 -7.11
C ASP D 495 -6.61 -51.83 -7.80
N GLY D 496 -5.45 -52.42 -7.62
CA GLY D 496 -4.23 -52.08 -8.32
C GLY D 496 -3.19 -51.44 -7.42
N LYS D 497 -2.25 -50.74 -8.07
CA LYS D 497 -1.15 -50.13 -7.35
C LYS D 497 -1.60 -48.98 -6.45
N TYR D 498 -2.65 -48.26 -6.84
CA TYR D 498 -3.05 -47.05 -6.16
C TYR D 498 -4.23 -47.26 -5.22
N ASN D 499 -4.46 -48.51 -4.80
CA ASN D 499 -5.51 -48.83 -3.83
C ASN D 499 -5.04 -48.67 -2.39
N SER D 500 -4.01 -47.87 -2.15
CA SER D 500 -3.48 -47.60 -0.83
C SER D 500 -3.58 -46.10 -0.54
N LEU D 501 -3.81 -45.76 0.72
CA LEU D 501 -3.94 -44.35 1.09
C LEU D 501 -2.65 -43.59 0.84
N TYR D 502 -1.50 -44.20 1.16
CA TYR D 502 -0.22 -43.53 0.97
C TYR D 502 0.02 -43.19 -0.50
N SER D 503 -0.26 -44.15 -1.39
CA SER D 503 0.00 -43.93 -2.82
C SER D 503 -0.86 -42.82 -3.38
N THR D 504 -2.15 -42.82 -3.05
CA THR D 504 -3.04 -41.78 -3.55
C THR D 504 -2.71 -40.42 -2.93
N CYS D 505 -2.31 -40.41 -1.66
CA CYS D 505 -1.90 -39.16 -1.04
C CYS D 505 -0.68 -38.57 -1.77
N LEU D 506 0.29 -39.42 -2.10
CA LEU D 506 1.46 -38.94 -2.82
C LEU D 506 1.08 -38.46 -4.22
N GLU D 507 0.21 -39.19 -4.92
CA GLU D 507 -0.22 -38.78 -6.24
C GLU D 507 -0.90 -37.42 -6.20
N LEU D 508 -1.75 -37.18 -5.20
CA LEU D 508 -2.45 -35.91 -5.11
C LEU D 508 -1.52 -34.79 -4.66
N PHE D 509 -0.53 -35.09 -3.82
CA PHE D 509 0.44 -34.08 -3.44
C PHE D 509 1.31 -33.66 -4.62
N LYS D 510 1.54 -34.57 -5.57
CA LYS D 510 2.34 -34.20 -6.75
C LYS D 510 1.74 -33.01 -7.48
N PHE D 511 0.42 -32.83 -7.43
CA PHE D 511 -0.21 -31.68 -8.07
C PHE D 511 0.29 -30.36 -7.50
N THR D 512 0.64 -30.34 -6.20
CA THR D 512 1.07 -29.11 -5.57
C THR D 512 2.38 -28.60 -6.15
N ILE D 513 3.27 -29.51 -6.56
CA ILE D 513 4.61 -29.14 -6.99
C ILE D 513 4.72 -29.11 -8.52
N GLY D 514 3.60 -29.06 -9.22
CA GLY D 514 3.61 -28.94 -10.66
C GLY D 514 3.86 -30.23 -11.42
N MET D 515 3.51 -31.38 -10.84
CA MET D 515 3.79 -32.67 -11.46
C MET D 515 2.58 -33.59 -11.45
N GLY D 516 1.37 -33.04 -11.37
CA GLY D 516 0.18 -33.88 -11.28
C GLY D 516 -0.16 -34.52 -12.62
N ASP D 517 -0.63 -35.76 -12.56
CA ASP D 517 -0.83 -36.57 -13.76
C ASP D 517 -2.21 -36.36 -14.38
N LEU D 518 -3.27 -36.44 -13.59
CA LEU D 518 -4.68 -36.39 -13.98
C LEU D 518 -5.15 -37.69 -14.63
N GLU D 519 -4.25 -38.63 -14.92
CA GLU D 519 -4.62 -39.91 -15.51
C GLU D 519 -3.79 -41.03 -14.92
N PHE D 520 -3.40 -40.92 -13.65
CA PHE D 520 -2.44 -41.85 -13.07
C PHE D 520 -3.01 -43.25 -12.88
N THR D 521 -4.33 -43.43 -12.99
CA THR D 521 -4.92 -44.74 -12.82
C THR D 521 -6.19 -44.83 -13.66
N GLU D 522 -6.61 -46.06 -13.94
CA GLU D 522 -7.86 -46.34 -14.63
C GLU D 522 -8.69 -47.40 -13.91
N ASN D 523 -8.25 -47.86 -12.75
CA ASN D 523 -8.91 -48.96 -12.04
C ASN D 523 -10.09 -48.40 -11.25
N TYR D 524 -11.19 -48.16 -11.96
CA TYR D 524 -12.40 -47.66 -11.35
C TYR D 524 -13.53 -47.79 -12.36
N ASP D 525 -14.75 -47.65 -11.86
CA ASP D 525 -15.90 -47.30 -12.67
C ASP D 525 -16.19 -45.82 -12.49
N PHE D 526 -17.06 -45.28 -13.33
CA PHE D 526 -17.47 -43.87 -13.22
C PHE D 526 -16.25 -42.95 -13.35
N LYS D 527 -15.68 -42.95 -14.55
CA LYS D 527 -14.57 -42.04 -14.85
C LYS D 527 -14.96 -40.59 -14.60
N ALA D 528 -16.24 -40.25 -14.80
CA ALA D 528 -16.68 -38.88 -14.55
C ALA D 528 -16.48 -38.50 -13.09
N VAL D 529 -16.76 -39.42 -12.17
CA VAL D 529 -16.56 -39.13 -10.75
C VAL D 529 -15.09 -38.87 -10.47
N PHE D 530 -14.21 -39.70 -11.04
CA PHE D 530 -12.78 -39.53 -10.84
C PHE D 530 -12.31 -38.16 -11.34
N ILE D 531 -12.71 -37.78 -12.55
CA ILE D 531 -12.25 -36.52 -13.10
C ILE D 531 -12.85 -35.34 -12.36
N ILE D 532 -14.11 -35.45 -11.93
CA ILE D 532 -14.73 -34.36 -11.16
C ILE D 532 -13.99 -34.17 -9.85
N LEU D 533 -13.68 -35.26 -9.15
CA LEU D 533 -12.95 -35.15 -7.90
C LEU D 533 -11.60 -34.49 -8.12
N LEU D 534 -10.86 -34.93 -9.14
CA LEU D 534 -9.54 -34.38 -9.40
C LEU D 534 -9.62 -32.90 -9.73
N LEU D 535 -10.57 -32.51 -10.58
CA LEU D 535 -10.70 -31.10 -10.96
C LEU D 535 -11.09 -30.24 -9.78
N ALA D 536 -12.01 -30.72 -8.94
CA ALA D 536 -12.39 -29.96 -7.76
C ALA D 536 -11.20 -29.76 -6.81
N TYR D 537 -10.43 -30.83 -6.58
CA TYR D 537 -9.25 -30.70 -5.73
C TYR D 537 -8.25 -29.72 -6.32
N VAL D 538 -8.02 -29.80 -7.63
CA VAL D 538 -7.06 -28.90 -8.28
C VAL D 538 -7.50 -27.45 -8.13
N ILE D 539 -8.78 -27.17 -8.42
CA ILE D 539 -9.26 -25.80 -8.32
C ILE D 539 -9.15 -25.30 -6.89
N LEU D 540 -9.53 -26.13 -5.92
CA LEU D 540 -9.54 -25.66 -4.54
C LEU D 540 -8.14 -25.42 -4.01
N THR D 541 -7.17 -26.28 -4.35
CA THR D 541 -5.84 -26.12 -3.80
C THR D 541 -4.92 -25.31 -4.71
N TYR D 542 -4.64 -25.84 -5.91
CA TYR D 542 -3.59 -25.26 -6.74
C TYR D 542 -3.92 -23.84 -7.17
N ILE D 543 -5.15 -23.60 -7.60
CA ILE D 543 -5.50 -22.31 -8.18
C ILE D 543 -5.89 -21.29 -7.12
N LEU D 544 -6.42 -21.73 -5.98
CA LEU D 544 -6.89 -20.82 -4.95
C LEU D 544 -5.91 -20.67 -3.79
N LEU D 545 -5.56 -21.78 -3.13
CA LEU D 545 -4.89 -21.68 -1.84
C LEU D 545 -3.45 -21.20 -1.97
N LEU D 546 -2.72 -21.67 -2.98
CA LEU D 546 -1.32 -21.27 -3.13
C LEU D 546 -1.21 -19.79 -3.50
N ASN D 547 -2.05 -19.32 -4.42
CA ASN D 547 -2.02 -17.92 -4.79
C ASN D 547 -2.48 -17.04 -3.62
N MET D 548 -3.46 -17.51 -2.85
CA MET D 548 -3.86 -16.78 -1.66
C MET D 548 -2.73 -16.73 -0.64
N LEU D 549 -1.94 -17.81 -0.56
CA LEU D 549 -0.77 -17.80 0.32
C LEU D 549 0.23 -16.74 -0.12
N ILE D 550 0.46 -16.62 -1.42
CA ILE D 550 1.35 -15.57 -1.91
C ILE D 550 0.82 -14.19 -1.51
N ALA D 551 -0.48 -13.97 -1.67
CA ALA D 551 -1.07 -12.68 -1.33
C ALA D 551 -0.94 -12.37 0.17
N LEU D 552 -1.20 -13.36 1.01
CA LEU D 552 -1.08 -13.16 2.46
C LEU D 552 0.36 -12.91 2.87
N MET D 553 1.30 -13.60 2.23
CA MET D 553 2.71 -13.33 2.48
C MET D 553 3.05 -11.90 2.11
N GLY D 554 2.51 -11.41 1.00
CA GLY D 554 2.75 -10.02 0.64
C GLY D 554 2.24 -9.05 1.68
N GLU D 555 1.03 -9.28 2.19
CA GLU D 555 0.51 -8.43 3.25
C GLU D 555 1.42 -8.46 4.48
N THR D 556 1.78 -9.65 4.93
CA THR D 556 2.60 -9.78 6.12
C THR D 556 3.95 -9.07 5.94
N VAL D 557 4.58 -9.29 4.79
CA VAL D 557 5.85 -8.60 4.51
C VAL D 557 5.67 -7.10 4.56
N ASN D 558 4.53 -6.61 4.05
CA ASN D 558 4.28 -5.18 4.09
C ASN D 558 4.14 -4.66 5.52
N LYS D 559 3.68 -5.50 6.45
CA LYS D 559 3.31 -5.02 7.78
C LYS D 559 4.36 -5.23 8.88
N ILE D 560 5.54 -5.79 8.59
CA ILE D 560 6.44 -6.22 9.67
C ILE D 560 7.86 -5.72 9.54
N ALA D 561 8.10 -4.61 8.84
CA ALA D 561 9.48 -4.15 8.66
C ALA D 561 10.11 -3.74 9.99
N GLN D 562 9.43 -2.85 10.73
CA GLN D 562 10.01 -2.33 11.97
C GLN D 562 10.09 -3.41 13.04
N GLU D 563 9.07 -4.25 13.13
CA GLU D 563 9.10 -5.34 14.10
C GLU D 563 10.28 -6.27 13.85
N SER D 564 10.52 -6.60 12.58
CA SER D 564 11.64 -7.48 12.25
C SER D 564 12.97 -6.82 12.56
N LYS D 565 13.10 -5.52 12.29
CA LYS D 565 14.34 -4.83 12.64
C LYS D 565 14.58 -4.84 14.15
N ASN D 566 13.53 -4.59 14.93
CA ASN D 566 13.69 -4.58 16.38
C ASN D 566 14.03 -5.98 16.90
N ILE D 567 13.43 -7.02 16.33
CA ILE D 567 13.74 -8.37 16.78
C ILE D 567 15.17 -8.72 16.45
N TRP D 568 15.66 -8.31 15.27
CA TRP D 568 17.06 -8.57 14.95
C TRP D 568 17.98 -7.85 15.93
N LYS D 569 17.64 -6.61 16.29
CA LYS D 569 18.47 -5.88 17.24
C LYS D 569 18.50 -6.57 18.60
N LEU D 570 17.35 -7.09 19.05
CA LEU D 570 17.34 -7.83 20.31
C LEU D 570 18.17 -9.11 20.21
N GLN D 571 18.12 -9.79 19.07
CA GLN D 571 18.93 -11.00 18.89
C GLN D 571 20.42 -10.68 19.00
N ARG D 572 20.85 -9.59 18.34
CA ARG D 572 22.25 -9.22 18.42
C ARG D 572 22.63 -8.78 19.84
N ALA D 573 21.72 -8.12 20.55
CA ALA D 573 21.99 -7.77 21.94
C ALA D 573 22.20 -9.02 22.79
N ILE D 574 21.38 -10.04 22.58
CA ILE D 574 21.55 -11.29 23.33
C ILE D 574 22.90 -11.92 23.00
N THR D 575 23.28 -11.90 21.72
CA THR D 575 24.60 -12.44 21.35
C THR D 575 25.72 -11.67 22.04
N ILE D 576 25.62 -10.34 22.08
CA ILE D 576 26.67 -9.53 22.70
C ILE D 576 26.76 -9.85 24.18
N LEU D 577 25.61 -9.94 24.87
CA LEU D 577 25.62 -10.22 26.30
C LEU D 577 26.19 -11.60 26.58
N ASP D 578 25.83 -12.59 25.77
CA ASP D 578 26.38 -13.94 25.97
C ASP D 578 27.89 -13.94 25.79
N THR D 579 28.38 -13.28 24.74
CA THR D 579 29.83 -13.21 24.54
C THR D 579 30.51 -12.52 25.70
N GLU D 580 29.93 -11.44 26.21
CA GLU D 580 30.50 -10.76 27.36
C GLU D 580 30.56 -11.69 28.57
N LYS D 581 29.46 -12.39 28.85
CA LYS D 581 29.41 -13.25 30.01
C LYS D 581 30.43 -14.37 29.92
N SER D 582 30.56 -14.98 28.75
CA SER D 582 31.54 -16.04 28.51
C SER D 582 32.49 -15.57 27.41
N PHE D 583 33.54 -14.85 27.80
CA PHE D 583 34.46 -14.30 26.82
C PHE D 583 35.23 -15.42 26.14
N LEU D 584 35.92 -15.08 25.06
CA LEU D 584 36.55 -16.10 24.23
C LEU D 584 37.50 -16.97 25.05
N LYS D 585 38.62 -16.41 25.52
CA LYS D 585 39.52 -17.17 26.39
C LYS D 585 39.66 -16.54 27.77
N CYS D 586 40.25 -15.35 27.89
CA CYS D 586 40.43 -14.76 29.22
C CYS D 586 40.40 -13.24 29.27
N MET D 587 40.20 -12.53 28.17
CA MET D 587 40.43 -11.08 28.14
C MET D 587 39.12 -10.36 28.44
N ARG D 588 39.06 -9.72 29.60
CA ARG D 588 37.87 -8.98 30.04
C ARG D 588 38.03 -7.49 29.76
N LYS D 589 38.13 -7.14 28.48
CA LYS D 589 38.24 -5.76 28.05
C LYS D 589 36.88 -5.11 27.84
N ALA D 590 35.80 -5.76 28.27
CA ALA D 590 34.45 -5.31 27.98
C ALA D 590 33.99 -4.26 28.98
N PHE D 591 34.67 -3.12 28.97
CA PHE D 591 34.32 -2.01 29.85
C PHE D 591 33.78 -0.86 29.01
N ARG D 592 32.64 -0.34 29.41
CA ARG D 592 31.91 0.72 28.70
C ARG D 592 32.54 1.96 28.15
N SER D 593 33.04 2.84 29.00
CA SER D 593 33.62 4.12 28.56
C SER D 593 34.63 4.61 29.56
N GLY D 594 34.90 5.90 29.59
CA GLY D 594 35.95 6.48 30.39
C GLY D 594 35.37 6.82 31.76
N LYS D 595 36.27 7.04 32.70
CA LYS D 595 35.95 7.40 34.08
C LYS D 595 36.15 8.91 34.20
N LEU D 596 35.06 9.66 34.40
CA LEU D 596 35.10 11.11 34.26
C LEU D 596 34.34 11.80 35.38
N LEU D 597 34.71 13.06 35.62
CA LEU D 597 33.91 13.99 36.42
C LEU D 597 32.88 14.65 35.50
N GLN D 598 31.61 14.60 35.92
CA GLN D 598 30.51 15.11 35.10
C GLN D 598 29.73 16.21 35.81
N VAL D 599 29.60 16.14 37.14
CA VAL D 599 28.95 17.21 37.89
C VAL D 599 29.90 17.85 38.89
N GLY D 600 31.15 17.42 38.92
CA GLY D 600 32.11 17.96 39.84
C GLY D 600 31.99 17.34 41.22
N PHE D 601 30.97 17.73 41.97
CA PHE D 601 30.88 17.39 43.38
C PHE D 601 29.44 17.12 43.78
N THR D 602 29.29 16.31 44.81
CA THR D 602 28.00 16.00 45.42
C THR D 602 27.56 17.20 46.25
N PRO D 603 26.39 17.13 46.90
CA PRO D 603 26.08 18.16 47.91
C PRO D 603 27.18 18.30 48.94
N ASP D 604 27.80 17.19 49.35
CA ASP D 604 29.01 17.28 50.20
C ASP D 604 30.13 17.71 49.26
N GLY D 605 31.24 18.21 49.76
CA GLY D 605 32.33 18.76 48.98
C GLY D 605 33.07 17.72 48.13
N LYS D 606 32.86 16.44 48.41
CA LYS D 606 33.57 15.40 47.68
C LYS D 606 33.16 15.39 46.20
N ASP D 607 34.08 14.91 45.36
CA ASP D 607 33.87 14.83 43.93
C ASP D 607 33.44 13.41 43.53
N ASP D 608 32.77 13.32 42.39
CA ASP D 608 32.16 12.08 41.94
C ASP D 608 32.55 11.76 40.50
N TYR D 609 32.86 10.49 40.26
CA TYR D 609 33.07 9.94 38.92
C TYR D 609 31.96 8.94 38.63
N ARG D 610 31.52 8.88 37.39
CA ARG D 610 30.30 8.13 37.09
C ARG D 610 30.45 7.10 35.98
N TRP D 611 31.57 7.00 35.27
CA TRP D 611 31.66 6.07 34.10
C TRP D 611 30.77 6.45 32.93
N CYS D 612 30.86 7.70 32.47
CA CYS D 612 29.99 8.19 31.40
C CYS D 612 30.29 7.68 29.98
N PHE D 613 29.28 7.81 29.13
CA PHE D 613 29.36 7.45 27.71
C PHE D 613 29.15 8.70 26.88
N ARG D 614 30.07 8.97 25.95
CA ARG D 614 30.10 10.22 25.22
C ARG D 614 29.38 10.11 23.89
N VAL D 615 28.54 11.11 23.59
CA VAL D 615 27.83 11.20 22.32
C VAL D 615 27.94 12.64 21.82
N ASP D 616 28.34 12.80 20.57
CA ASP D 616 28.48 14.12 19.96
C ASP D 616 27.24 14.45 19.15
N GLU D 617 26.79 15.71 19.24
CA GLU D 617 25.57 16.15 18.59
C GLU D 617 25.82 17.50 17.94
N VAL D 618 25.14 17.74 16.82
CA VAL D 618 25.22 19.00 16.10
C VAL D 618 23.81 19.56 15.98
N ASN D 619 23.65 20.83 16.35
CA ASN D 619 22.36 21.51 16.28
C ASN D 619 22.58 22.91 15.74
N TRP D 620 21.72 23.35 14.83
CA TRP D 620 21.85 24.65 14.19
C TRP D 620 20.82 25.65 14.68
N THR D 621 19.57 25.24 14.86
CA THR D 621 18.56 26.10 15.48
C THR D 621 18.86 26.23 16.97
N THR D 622 18.37 27.30 17.62
CA THR D 622 18.73 27.57 19.04
C THR D 622 20.24 27.67 19.13
N TRP D 623 20.83 28.55 18.33
CA TRP D 623 22.28 28.50 18.16
C TRP D 623 23.17 28.32 19.39
N ASN D 624 22.83 28.94 20.52
CA ASN D 624 23.73 28.90 21.66
C ASN D 624 22.95 29.04 22.95
N THR D 625 22.99 28.01 23.79
CA THR D 625 22.51 28.11 25.16
C THR D 625 23.70 27.93 26.11
N ASN D 626 24.49 26.89 25.87
CA ASN D 626 25.75 26.74 26.65
C ASN D 626 25.53 26.99 28.15
N VAL D 627 24.43 26.50 28.71
CA VAL D 627 24.27 26.54 30.16
C VAL D 627 24.74 25.21 30.75
N GLY D 628 25.37 25.26 31.92
CA GLY D 628 25.73 24.07 32.65
C GLY D 628 26.92 23.29 32.11
N ILE D 629 27.67 23.86 31.17
CA ILE D 629 28.81 23.15 30.58
C ILE D 629 29.79 22.76 31.68
N ILE D 630 30.35 21.55 31.57
CA ILE D 630 31.27 21.06 32.59
C ILE D 630 32.66 21.65 32.37
N ASN D 631 33.19 21.54 31.15
CA ASN D 631 34.60 21.76 30.88
C ASN D 631 34.78 22.84 29.82
N GLU D 632 35.66 23.80 30.12
CA GLU D 632 36.25 24.64 29.10
C GLU D 632 37.42 23.89 28.46
N ASP D 633 37.91 24.41 27.34
CA ASP D 633 38.79 24.24 26.19
C ASP D 633 38.33 23.03 25.41
N PRO D 634 37.20 23.13 24.72
CA PRO D 634 36.54 21.92 24.20
C PRO D 634 37.46 21.09 23.31
N GLY D 635 37.31 19.78 23.42
CA GLY D 635 38.11 18.86 22.63
C GLY D 635 39.16 18.13 23.46
C11 V5H E . -16.44 -26.53 -0.70
C14 V5H E . -15.11 -24.70 0.29
C15 V5H E . -14.45 -24.62 1.64
C24 V5H E . -19.23 -20.55 4.32
C23 V5H E . -19.50 -21.96 4.78
C20 V5H E . -18.21 -23.83 5.60
C19 V5H E . -16.91 -24.39 5.10
C17 V5H E . -16.57 -25.35 2.87
C01 V5H E . -20.00 -32.86 -6.82
C02 V5H E . -18.65 -32.25 -6.47
C03 V5H E . -18.24 -32.64 -5.06
C04 V5H E . -16.72 -32.52 -4.91
C05 V5H E . -16.40 -32.17 -3.47
C06 V5H E . -16.09 -30.67 -3.37
C07 V5H E . -16.02 -30.24 -1.92
C08 V5H E . -15.59 -28.76 -1.85
C09 V5H E . -16.76 -27.85 -1.43
C13 V5H E . -15.05 -26.13 -0.29
C16 V5H E . -15.07 -25.54 2.69
C18 V5H E . -16.79 -24.06 3.63
C25 V5H E . -19.30 -19.50 5.38
C31 V5H E . -21.75 -16.23 6.33
C32 V5H E . -22.25 -15.21 7.32
C34 V5H E . -22.53 -13.79 6.78
C36 V5H E . -22.43 -13.44 5.29
C42 V5H E . -21.76 -14.45 4.37
C48 V5H E . -21.24 -15.73 5.03
C51 V5H E . -17.91 -20.46 2.34
C53 V5H E . -19.01 -20.74 1.34
C54 V5H E . -18.43 -20.96 -0.04
C55 V5H E . -19.58 -21.26 -0.98
C56 V5H E . -19.41 -22.67 -1.52
O21 V5H E . -18.97 -24.60 6.07
O22 V5H E . -18.44 -22.45 5.51
O26 V5H E . -20.57 -19.00 5.22
O28 V5H E . -21.32 -19.37 7.57
O29 V5H E . -22.71 -19.74 6.36
O30 V5H E . -22.47 -17.40 6.27
O33 V5H E . -23.30 -15.76 8.03
O35 V5H E . -23.79 -13.59 7.24
O37 V5H E . -21.59 -12.32 5.21
O39 V5H E . -23.01 -10.36 4.22
O40 V5H E . -21.40 -10.97 2.81
O41 V5H E . -20.70 -9.95 4.46
O43 V5H E . -22.59 -14.69 3.23
O45 V5H E . -23.47 -12.49 2.05
O46 V5H E . -21.23 -13.24 1.58
O47 V5H E . -22.87 -13.96 0.54
O49 V5H E . -19.93 -15.54 5.47
O50 V5H E . -18.01 -20.39 3.71
O52 V5H E . -16.85 -20.27 1.93
P27 V5H E . -21.68 -18.84 6.38
P38 V5H E . -21.69 -10.97 4.21
P44 V5H E . -22.59 -13.63 1.90
BR10 V5H E . -17.85 -27.37 -2.96
BR12 V5H E . -16.68 -25.11 -1.93
H111 V5H E . -17.11 -26.39 0.13
H142 V5H E . -14.58 -24.02 -0.37
H141 V5H E . -16.11 -24.32 0.45
H151 V5H E . -13.42 -24.90 1.50
H152 V5H E . -14.48 -23.60 1.99
H241 V5H E . -20.00 -20.28 3.62
H231 V5H E . -19.66 -22.60 3.92
H232 V5H E . -20.39 -21.95 5.39
H192 V5H E . -16.86 -25.47 5.29
H191 V5H E . -16.10 -23.91 5.63
H171 V5H E . -17.11 -25.31 1.94
H172 V5H E . -16.95 -26.19 3.44
H012 V5H E . -20.10 -32.94 -7.90
H011 V5H E . -20.80 -32.24 -6.43
H013 V5H E . -20.08 -33.86 -6.38
H021 V5H E . -17.90 -32.62 -7.17
H022 V5H E . -18.72 -31.17 -6.54
H032 V5H E . -18.72 -31.98 -4.34
H031 V5H E . -18.54 -33.66 -4.85
H042 V5H E . -16.25 -33.46 -5.18
H041 V5H E . -16.36 -31.74 -5.57
H052 V5H E . -17.24 -32.41 -2.83
H051 V5H E . -15.53 -32.73 -3.15
H062 V5H E . -15.15 -30.47 -3.87
H061 V5H E . -16.88 -30.13 -3.87
H071 V5H E . -17.00 -30.38 -1.45
H072 V5H E . -15.29 -30.84 -1.40
H081 V5H E . -14.78 -28.66 -1.16
H082 V5H E . -15.26 -28.45 -2.84
H091 V5H E . -17.39 -28.44 -0.78
H132 V5H E . -14.64 -26.85 0.40
H131 V5H E . -14.43 -26.11 -1.17
H162 V5H E . -14.89 -26.58 2.43
H161 V5H E . -14.58 -25.34 3.62
H181 V5H E . -15.97 -23.36 3.49
H182 V5H E . -17.71 -23.60 3.27
H251 V5H E . -19.12 -19.91 6.36
H252 V5H E . -18.61 -18.72 5.14
H311 V5H E . -20.87 -16.60 6.79
H321 V5H E . -21.44 -15.08 8.04
H341 V5H E . -21.87 -13.10 7.30
H361 V5H E . -23.42 -13.20 4.91
H421 V5H E . -20.87 -13.96 4.01
H481 V5H E . -21.25 -16.53 4.29
H531 V5H E . -19.68 -19.88 1.31
H532 V5H E . -19.56 -21.62 1.65
H541 V5H E . -17.76 -21.82 -0.03
H542 V5H E . -17.91 -20.08 -0.40
H551 V5H E . -19.58 -20.54 -1.80
H552 V5H E . -20.52 -21.18 -0.43
H563 V5H E . -20.30 -22.95 -2.07
H562 V5H E . -19.26 -23.35 -0.70
H331 V5H E . -23.64 -15.12 8.63
H351 V5H E . -24.39 -14.08 6.70
H491 V5H E . -19.82 -14.67 5.83
C1 PCW F . -23.98 -14.82 -4.49
C2 PCW F . -22.97 -15.57 -5.33
C3 PCW F . -23.57 -16.94 -5.59
C4 PCW F . -20.08 -11.82 -3.42
C5 PCW F . -20.63 -11.66 -1.99
C6 PCW F . -20.68 -9.27 -2.51
C7 PCW F . -19.55 -10.12 -0.67
C8 PCW F . -21.85 -10.14 -0.73
C11 PCW F . -23.49 -19.16 -4.84
C12 PCW F . -23.31 -20.26 -3.79
C13 PCW F . -24.63 -21.00 -3.51
C14 PCW F . -24.43 -22.29 -2.66
C15 PCW F . -23.54 -23.36 -3.36
C16 PCW F . -23.43 -24.66 -2.55
C17 PCW F . -24.25 -25.82 -3.15
C18 PCW F . -23.44 -26.70 -4.16
C19 PCW F . -22.42 -27.57 -3.41
C20 PCW F . -21.93 -28.72 -3.94
C21 PCW F . -22.36 -29.23 -5.32
C22 PCW F . -23.37 -30.38 -5.14
C23 PCW F . -24.77 -30.08 -5.75
C24 PCW F . -25.61 -31.36 -5.96
C25 PCW F . -26.77 -31.51 -4.93
C26 PCW F . -27.47 -32.87 -5.02
C27 PCW F . -27.33 -33.71 -3.76
C28 PCW F . -27.68 -35.19 -4.01
C31 PCW F . -21.48 -15.08 -7.21
C32 PCW F . -20.75 -16.45 -7.18
C33 PCW F . -21.20 -17.36 -8.34
C34 PCW F . -20.53 -18.75 -8.28
C35 PCW F . -20.01 -19.12 -6.87
C36 PCW F . -19.42 -20.55 -6.81
C37 PCW F . -17.91 -20.61 -7.13
C38 PCW F . -17.44 -19.62 -8.24
C39 PCW F . -15.89 -19.62 -8.27
C40 PCW F . -15.22 -20.54 -8.98
C41 PCW F . -15.95 -21.62 -9.80
C42 PCW F . -15.01 -22.83 -9.95
C43 PCW F . -15.72 -24.01 -10.63
C44 PCW F . -16.34 -23.61 -11.97
C45 PCW F . -16.62 -24.85 -12.83
C46 PCW F . -15.36 -25.32 -13.54
C47 PCW F . -15.55 -26.68 -14.20
C48 PCW F . -14.58 -26.86 -15.37
N PCW F . -20.67 -10.30 -1.50
O2 PCW F . -22.77 -14.92 -6.57
O3 PCW F . -23.24 -17.79 -4.52
O11 PCW F . -23.82 -19.45 -5.94
O31 PCW F . -20.98 -14.16 -7.75
O1P PCW F . -22.60 -12.57 -5.77
O2P PCW F . -22.89 -11.42 -3.65
O3P PCW F . -23.26 -13.95 -3.63
O4P PCW F . -20.77 -12.91 -3.99
P PCW F . -22.40 -12.69 -4.28
H11 PCW F . -24.64 -14.23 -5.13
H12 PCW F . -24.56 -15.52 -3.89
H2 PCW F . -22.03 -15.67 -4.80
H31 PCW F . -24.65 -16.85 -5.67
H32 PCW F . -23.17 -17.32 -6.51
H41 PCW F . -19.01 -12.05 -3.38
H42 PCW F . -20.24 -10.97 -4.06
H51 PCW F . -21.62 -12.09 -1.89
H52 PCW F . -19.97 -12.20 -1.32
H61 PCW F . -20.94 -8.32 -2.05
H62 PCW F . -19.69 -9.20 -2.96
H63 PCW F . -21.41 -9.51 -3.27
H71 PCW F . -19.62 -10.77 0.20
H72 PCW F . -18.67 -10.40 -1.24
H73 PCW F . -19.48 -9.09 -0.35
H81 PCW F . -21.79 -9.24 -0.14
H82 PCW F . -22.70 -10.07 -1.39
H83 PCW F . -21.98 -11.00 -0.07
H121 PCW F . -22.58 -20.96 -4.14
H122 PCW F . -22.97 -19.80 -2.86
H131 PCW F . -25.10 -21.27 -4.46
H132 PCW F . -25.29 -20.34 -2.97
H141 PCW F . -23.97 -22.02 -1.72
H142 PCW F . -25.41 -22.73 -2.46
H151 PCW F . -23.96 -23.59 -4.33
H152 PCW F . -22.54 -22.94 -3.49
H161 PCW F . -22.39 -24.95 -2.49
H162 PCW F . -23.79 -24.46 -1.54
H171 PCW F . -24.60 -26.45 -2.34
H172 PCW F . -25.11 -25.39 -3.66
H181 PCW F . -22.92 -26.06 -4.86
H182 PCW F . -24.14 -27.34 -4.70
H19 PCW F . -22.08 -27.25 -2.43
H20 PCW F . -21.21 -29.30 -3.36
H211 PCW F . -22.82 -28.43 -5.89
H212 PCW F . -21.49 -29.61 -5.85
H221 PCW F . -22.98 -31.27 -5.60
H222 PCW F . -23.50 -30.56 -4.07
H231 PCW F . -25.31 -29.41 -5.09
H232 PCW F . -24.63 -29.58 -6.71
H241 PCW F . -24.96 -32.22 -5.88
H242 PCW F . -26.04 -31.34 -6.96
H251 PCW F . -26.35 -31.40 -3.93
H252 PCW F . -27.49 -30.72 -5.10
H261 PCW F . -27.05 -33.42 -5.85
H262 PCW F . -28.52 -32.70 -5.21
H271 PCW F . -27.98 -33.32 -2.99
H272 PCW F . -26.30 -33.66 -3.42
H281 PCW F . -28.73 -35.27 -4.27
H282 PCW F . -27.07 -35.58 -4.82
H283 PCW F . -27.49 -35.77 -3.11
H321 PCW F . -20.98 -16.93 -6.24
H322 PCW F . -19.68 -16.28 -7.23
H331 PCW F . -20.91 -16.88 -9.28
H332 PCW F . -22.27 -17.47 -8.32
H341 PCW F . -19.71 -18.77 -8.99
H342 PCW F . -21.26 -19.48 -8.58
H351 PCW F . -20.84 -19.06 -6.17
H352 PCW F . -19.25 -18.41 -6.56
H361 PCW F . -19.59 -20.94 -5.81
H362 PCW F . -19.95 -21.17 -7.53
H371 PCW F . -17.67 -21.62 -7.44
H372 PCW F . -17.35 -20.40 -6.23
H381 PCW F . -17.76 -18.61 -8.00
H382 PCW F . -17.83 -19.91 -9.20
H39 PCW F . -15.33 -18.88 -7.71
H40 PCW F . -14.14 -20.53 -8.99
H411 PCW F . -16.86 -21.94 -9.29
H412 PCW F . -16.20 -21.22 -10.77
H421 PCW F . -14.16 -22.54 -10.55
H422 PCW F . -14.67 -23.12 -8.97
H431 PCW F . -16.51 -24.37 -9.97
H432 PCW F . -15.01 -24.81 -10.78
H441 PCW F . -15.64 -22.97 -12.50
H442 PCW F . -17.26 -23.07 -11.79
H451 PCW F . -16.98 -25.65 -12.19
H452 PCW F . -17.38 -24.61 -13.56
H461 PCW F . -15.09 -24.59 -14.31
H462 PCW F . -14.54 -25.38 -12.83
H471 PCW F . -16.56 -26.76 -14.58
H472 PCW F . -15.37 -27.46 -13.47
H481 PCW F . -13.57 -26.58 -15.05
H482 PCW F . -14.88 -26.22 -16.19
H483 PCW F . -14.58 -27.89 -15.70
NA NA G . 5.83 -29.15 -14.17
C11 V5H H . -7.11 -11.28 -28.23
C14 V5H H . -7.51 -10.42 -25.95
C15 V5H H . -8.77 -10.48 -25.12
C24 V5H H . -10.38 -3.94 -26.23
C23 V5H H . -11.22 -4.79 -27.15
C20 V5H H . -12.47 -6.84 -27.00
C19 V5H H . -12.11 -8.15 -26.35
C17 V5H H . -10.22 -9.55 -27.00
C01 V5H H . -3.06 -15.40 -35.78
C02 V5H H . -3.19 -15.64 -34.28
C03 V5H H . -4.65 -15.90 -33.90
C04 V5H H . -4.70 -16.67 -32.58
C05 V5H H . -5.98 -16.28 -31.86
C06 V5H H . -5.65 -15.27 -30.76
C07 V5H H . -6.93 -14.68 -30.18
C08 V5H H . -6.58 -13.76 -29.00
C09 V5H H . -6.77 -12.28 -29.36
C13 V5H H . -7.35 -11.70 -26.81
C16 V5H H . -10.04 -10.62 -25.95
C18 V5H H . -10.60 -8.26 -26.33
C25 V5H H . -11.11 -2.86 -25.49
C31 V5H H . -11.21 1.34 -25.48
C32 V5H H . -11.90 2.63 -25.13
C34 V5H H . -11.00 3.80 -24.67
C36 V5H H . -9.46 3.72 -24.66
C42 V5H H . -8.84 2.35 -24.86
C48 V5H H . -9.80 1.16 -25.03
C51 V5H H . -8.41 -5.04 -25.47
C53 V5H H . -7.57 -4.82 -26.70
C54 V5H H . -6.27 -5.62 -26.61
C55 V5H H . -5.48 -5.36 -27.88
C56 V5H H . -5.34 -6.68 -28.63
O21 V5H H . -13.16 -6.90 -27.95
O22 V5H H . -12.02 -5.63 -26.41
O26 V5H H . -10.86 -1.75 -26.28
O28 V5H H . -13.24 -1.12 -26.66
O29 V5H H . -12.23 -0.84 -28.20
O30 V5H H . -11.50 0.84 -26.72
O33 V5H H . -12.76 2.96 -26.16
O35 V5H H . -11.41 4.79 -25.49
O37 V5H H . -9.06 4.08 -23.38
O39 V5H H . -7.61 6.25 -23.62
O40 V5H H . -6.37 4.54 -22.91
O41 V5H H . -7.66 5.26 -21.47
O43 V5H H . -7.83 2.42 -25.87
O45 V5H H . -6.12 4.41 -25.58
O46 V5H H . -5.81 2.41 -24.27
O47 V5H H . -5.04 2.60 -26.19
O49 V5H H . -10.14 0.64 -23.78
O50 V5H H . -9.71 -4.65 -25.26
O52 V5H H . -7.93 -5.60 -24.58
P27 V5H H . -11.96 -0.74 -26.87
P38 V5H H . -7.73 4.99 -22.90
P44 V5H H . -6.27 2.96 -25.53
BR10 V5H H . -5.20 -11.57 -30.26
BR12 V5H H . -5.53 -10.28 -27.86
H111 V5H H . -7.88 -10.60 -28.54
H142 V5H H . -6.67 -10.35 -25.26
H141 V5H H . -7.60 -9.51 -26.52
H151 V5H H . -8.68 -11.32 -24.47
H152 V5H H . -8.82 -9.58 -24.51
H241 V5H H . -9.66 -3.42 -26.82
H231 V5H H . -10.56 -5.37 -27.79
H232 V5H H . -11.84 -4.14 -27.74
H192 V5H H . -12.58 -8.98 -26.87
H191 V5H H . -12.46 -8.14 -25.32
H171 V5H H . -9.33 -9.39 -27.60
H172 V5H H . -11.00 -9.87 -27.69
H012 V5H H . -2.06 -15.63 -36.10
H011 V5H H . -3.30 -14.36 -36.01
H013 V5H H . -3.76 -16.05 -36.31
H021 V5H H . -2.61 -16.51 -34.01
H022 V5H H . -2.84 -14.78 -33.74
H032 V5H H . -5.16 -14.95 -33.78
H031 V5H H . -5.13 -16.48 -34.68
H042 V5H H . -4.69 -17.74 -32.78
H041 V5H H . -3.85 -16.40 -31.97
H052 V5H H . -6.69 -15.84 -32.55
H051 V5H H . -6.41 -17.17 -31.40
H062 V5H H . -5.09 -15.77 -29.97
H061 V5H H . -5.05 -14.48 -31.18
H071 V5H H . -7.45 -14.12 -30.96
H072 V5H H . -7.57 -15.47 -29.83
H081 V5H H . -7.20 -14.01 -28.16
H082 V5H H . -5.54 -13.92 -28.74
H091 V5H H . -7.59 -12.23 -30.07
H132 V5H H . -8.20 -12.37 -26.75
H131 V5H H . -6.47 -12.23 -26.45
H162 V5H H . -10.07 -11.59 -26.42
H161 V5H H . -10.89 -10.55 -25.26
H181 V5H H . -10.25 -8.22 -25.31
H182 V5H H . -10.16 -7.44 -26.89
H251 V5H H . -12.17 -3.08 -25.40
H252 V5H H . -10.65 -2.69 -24.54
H311 V5H H . -11.73 0.62 -24.89
H321 V5H H . -12.53 2.41 -24.27
H341 V5H H . -11.29 4.06 -23.65
H361 V5H H . -9.07 4.40 -25.39
H421 V5H H . -8.33 2.13 -23.93
H481 V5H H . -9.32 0.41 -25.62
H531 V5H H . -7.31 -3.76 -26.77
H532 V5H H . -8.11 -5.12 -27.58
H541 V5H H . -6.50 -6.68 -26.54
H542 V5H H . -5.68 -5.30 -25.77
H551 V5H H . -4.50 -4.97 -27.63
H552 V5H H . -6.02 -4.64 -28.50
H563 V5H H . -4.92 -6.49 -29.61
H562 V5H H . -6.32 -7.14 -28.74
H331 V5H H . -13.17 3.79 -25.96
H351 V5H H . -11.06 4.65 -26.35
H491 V5H H . -10.24 1.33 -23.15
C1 PCW I . -0.50 1.55 -28.50
C2 PCW I . 0.15 0.20 -28.26
C3 PCW I . 0.00 -0.58 -29.55
C4 PCW I . -0.58 1.83 -23.48
C5 PCW I . -1.92 2.57 -23.57
C6 PCW I . -0.77 4.36 -22.36
C7 PCW I . -2.74 3.41 -21.59
C8 PCW I . -2.76 4.73 -23.47
C11 PCW I . -1.32 -2.21 -30.58
C12 PCW I . -2.64 -2.96 -30.86
C13 PCW I . -3.14 -2.72 -32.29
C14 PCW I . -4.31 -3.67 -32.70
C15 PCW I . -3.90 -5.17 -32.69
C16 PCW I . -5.04 -6.09 -33.18
C17 PCW I . -4.80 -6.63 -34.60
C18 PCW I . -4.05 -8.01 -34.63
C19 PCW I . -4.97 -9.14 -34.15
C20 PCW I . -4.77 -10.43 -34.49
C21 PCW I . -3.59 -10.86 -35.39
C22 PCW I . -4.10 -11.13 -36.81
C23 PCW I . -3.48 -10.20 -37.88
C24 PCW I . -3.65 -10.75 -39.32
C25 PCW I . -4.72 -9.98 -40.15
C26 PCW I . -5.03 -10.66 -41.49
C27 PCW I . -6.47 -11.14 -41.61
C28 PCW I . -6.64 -12.14 -42.77
C31 PCW I . 2.13 -0.67 -27.12
C32 PCW I . 1.75 -2.17 -27.29
C33 PCW I . 2.61 -2.87 -28.37
C34 PCW I . 2.19 -4.32 -28.61
C35 PCW I . 0.74 -4.63 -28.12
C36 PCW I . 0.31 -6.09 -28.44
C37 PCW I . 0.65 -7.09 -27.31
C38 PCW I . 2.01 -6.81 -26.58
C39 PCW I . 2.08 -7.73 -25.33
C40 PCW I . 2.53 -9.00 -25.43
C41 PCW I . 3.00 -9.58 -26.78
C42 PCW I . 2.85 -11.10 -26.72
C43 PCW I . 3.14 -11.75 -28.08
C44 PCW I . 4.54 -11.35 -28.60
C45 PCW I . 5.01 -12.33 -29.69
C46 PCW I . 5.61 -13.59 -29.05
C47 PCW I . 5.87 -14.67 -30.09
C48 PCW I . 6.97 -15.63 -29.62
N PCW I . -2.03 3.76 -22.75
O2 PCW I . 1.52 0.34 -27.96
O3 PCW I . -1.25 -1.22 -29.57
O11 PCW I . -0.37 -2.47 -31.22
O31 PCW I . 2.92 -0.36 -26.30
O1P PCW I . 1.40 2.24 -26.37
O2P PCW I . -0.33 3.74 -25.57
O3P PCW I . -1.06 1.98 -27.27
O4P PCW I . -0.35 1.27 -24.74
P PCW I . -0.06 2.33 -25.99
H11 PCW I . 0.25 2.26 -28.83
H12 PCW I . -1.27 1.46 -29.25
H2 PCW I . -0.37 -0.32 -27.45
H31 PCW I . 0.07 0.11 -30.39
H32 PCW I . 0.80 -1.30 -29.61
H41 PCW I . -0.64 1.03 -22.73
H42 PCW I . 0.26 2.46 -23.25
H51 PCW I . -2.17 2.83 -24.59
H52 PCW I . -2.69 1.89 -23.21
H61 PCW I . -0.97 5.36 -21.96
H62 PCW I . -0.29 3.75 -21.61
H63 PCW I . -0.13 4.45 -23.23
H71 PCW I . -3.76 3.12 -21.85
H72 PCW I . -2.24 2.56 -21.14
H73 PCW I . -2.77 4.25 -20.89
H81 PCW I . -3.08 5.52 -22.81
H82 PCW I . -2.13 5.15 -24.24
H83 PCW I . -3.63 4.26 -23.93
H121 PCW I . -2.47 -4.01 -30.72
H122 PCW I . -3.40 -2.62 -30.16
H131 PCW I . -2.32 -2.84 -33.00
H132 PCW I . -3.50 -1.70 -32.36
H141 PCW I . -5.13 -3.52 -31.99
H142 PCW I . -4.66 -3.40 -33.70
H151 PCW I . -3.04 -5.30 -33.34
H152 PCW I . -3.63 -5.46 -31.68
H161 PCW I . -5.14 -6.92 -32.48
H162 PCW I . -5.96 -5.52 -33.18
H171 PCW I . -5.76 -6.76 -35.09
H172 PCW I . -4.22 -5.90 -35.16
H181 PCW I . -3.18 -7.96 -33.99
H182 PCW I . -3.73 -8.21 -35.65
H19 PCW I . -5.82 -8.89 -33.52
H20 PCW I . -5.45 -11.19 -34.13
H211 PCW I . -2.83 -10.08 -35.41
H212 PCW I . -3.15 -11.77 -34.99
H221 PCW I . -3.90 -12.16 -37.08
H222 PCW I . -5.19 -10.98 -36.82
H231 PCW I . -3.95 -9.23 -37.82
H232 PCW I . -2.41 -10.09 -37.66
H241 PCW I . -3.95 -11.79 -39.26
H242 PCW I . -2.70 -10.69 -39.84
H251 PCW I . -5.63 -9.94 -39.57
H252 PCW I . -4.37 -8.98 -40.32
H261 PCW I . -4.36 -11.50 -41.61
H262 PCW I . -4.84 -9.95 -42.29
H271 PCW I . -7.13 -10.29 -41.78
H272 PCW I . -6.76 -11.64 -40.69
H281 PCW I . -6.44 -11.64 -43.71
H282 PCW I . -5.95 -12.97 -42.64
H283 PCW I . -7.66 -12.53 -42.77
H321 PCW I . 0.69 -2.22 -27.57
H322 PCW I . 1.88 -2.67 -26.34
H331 PCW I . 3.64 -2.84 -28.05
H332 PCW I . 2.52 -2.31 -29.31
H341 PCW I . 2.88 -4.97 -28.08
H342 PCW I . 2.24 -4.53 -29.66
H351 PCW I . 0.06 -3.96 -28.64
H352 PCW I . 0.67 -4.46 -27.06
H361 PCW I . -0.76 -6.10 -28.61
H362 PCW I . 0.81 -6.41 -29.35
H371 PCW I . 0.68 -8.09 -27.73
H372 PCW I . -0.14 -7.06 -26.57
H381 PCW I . 2.04 -5.79 -26.24
H382 PCW I . 2.84 -7.01 -27.24
H39 PCW I . 1.76 -7.37 -24.36
H40 PCW I . 2.58 -9.63 -24.56
H411 PCW I . 2.40 -9.19 -27.60
H412 PCW I . 4.04 -9.32 -26.93
H421 PCW I . 3.53 -11.50 -25.98
H422 PCW I . 1.83 -11.34 -26.43
H431 PCW I . 2.40 -11.43 -28.80
H432 PCW I . 3.10 -12.83 -27.98
H441 PCW I . 5.24 -11.36 -27.79
H442 PCW I . 4.48 -10.35 -29.02
H451 PCW I . 4.17 -12.61 -30.31
H452 PCW I . 5.76 -11.85 -30.30
H461 PCW I . 6.55 -13.33 -28.58
H462 PCW I . 4.93 -13.97 -28.30
H471 PCW I . 6.16 -14.21 -31.03
H472 PCW I . 4.95 -15.24 -30.25
H481 PCW I . 6.76 -15.93 -28.60
H482 PCW I . 7.92 -15.12 -29.65
H483 PCW I . 6.99 -16.50 -30.27
C11 V5H J . 23.83 -10.42 -17.26
C14 V5H J . 21.86 -9.05 -16.70
C15 V5H J . 21.00 -8.19 -17.59
C24 V5H J . 23.81 -2.34 -15.45
C23 V5H J . 24.43 -2.71 -16.78
C20 V5H J . 23.69 -3.54 -18.91
C19 V5H J . 22.72 -4.65 -19.22
C17 V5H J . 23.03 -7.00 -18.60
C01 V5H J . 30.09 -17.57 -17.70
C02 V5H J . 28.57 -17.37 -17.66
C03 V5H J . 28.10 -16.65 -18.90
C04 V5H J . 26.61 -16.94 -19.13
C05 V5H J . 25.98 -15.74 -19.82
C06 V5H J . 25.22 -14.93 -18.79
C07 V5H J . 24.78 -13.58 -19.38
C08 V5H J . 23.91 -12.83 -18.37
C09 V5H J . 24.65 -11.63 -17.76
C13 V5H J . 22.33 -10.32 -17.44
C16 V5H J . 21.72 -7.71 -18.85
C18 V5H J . 22.72 -5.62 -18.06
C25 V5H J . 23.39 -0.91 -15.30
C31 V5H J . 24.51 2.44 -13.04
C32 V5H J . 24.49 3.93 -12.81
C34 V5H J . 24.40 4.41 -11.35
C36 V5H J . 24.43 3.44 -10.15
C42 V5H J . 24.26 1.95 -10.45
C48 V5H J . 24.07 1.57 -11.92
C51 V5H J . 22.84 -4.20 -14.33
C53 V5H J . 24.11 -4.78 -13.74
C54 V5H J . 23.85 -6.15 -13.14
C55 V5H J . 25.16 -6.67 -12.59
C56 V5H J . 25.53 -7.93 -13.34
O21 V5H J . 24.57 -3.38 -19.67
O22 V5H J . 23.48 -2.75 -17.76
O26 V5H J . 24.44 -0.35 -14.63
O28 V5H J . 24.90 1.47 -16.27
O29 V5H J . 26.49 0.77 -15.58
O30 V5H J . 25.56 1.96 -13.78
O33 V5H J . 25.56 4.48 -13.51
O35 V5H J . 25.46 5.25 -11.28
O37 V5H J . 23.31 3.75 -9.37
O39 V5H J . 24.18 4.55 -7.04
O40 V5H J . 23.06 2.63 -6.87
O41 V5H J . 21.84 4.24 -7.23
O43 V5H J . 25.28 1.21 -9.78
O45 V5H J . 25.61 1.82 -7.23
O46 V5H J . 23.81 0.35 -7.85
O47 V5H J . 25.73 -0.35 -7.48
O49 V5H J . 22.71 1.60 -12.25
O50 V5H J . 22.71 -3.09 -15.13
O52 V5H J . 21.85 -4.74 -14.09
P27 V5H J . 25.25 0.97 -15.06
P38 V5H J . 23.13 3.78 -7.70
P44 V5H J . 25.16 0.80 -8.14
BR10 V5H J . 25.76 -12.18 -16.26
BR12 V5H J . 23.79 -10.48 -15.37
H111 V5H J . 24.29 -9.51 -17.58
H142 V5H J . 21.24 -9.34 -15.85
H141 V5H J . 22.66 -8.41 -16.36
H151 V5H J . 20.15 -8.77 -17.88
H152 V5H J . 20.67 -7.33 -17.03
H241 V5H J . 24.55 -2.47 -14.69
H231 V5H J . 24.92 -3.67 -16.69
H232 V5H J . 25.17 -1.95 -17.02
H192 V5H J . 22.98 -5.13 -20.16
H191 V5H J . 21.72 -4.22 -19.31
H171 V5H J . 23.67 -7.51 -17.90
H172 V5H J . 23.57 -6.92 -19.54
H012 V5H J . 30.36 -18.40 -17.06
H011 V5H J . 30.57 -16.66 -17.35
H013 V5H J . 30.40 -17.77 -18.72
H021 V5H J . 28.09 -18.34 -17.62
H022 V5H J . 28.31 -16.80 -16.78
H032 V5H J . 28.23 -15.58 -18.77
H031 V5H J . 28.66 -16.97 -19.77
H042 V5H J . 26.51 -17.82 -19.76
H041 V5H J . 26.12 -17.11 -18.17
H052 V5H J . 26.74 -15.13 -20.28
H051 V5H J . 25.28 -16.09 -20.58
H062 V5H J . 24.34 -15.47 -18.47
H061 V5H J . 25.86 -14.75 -17.94
H071 V5H J . 25.66 -13.00 -19.64
H072 V5H J . 24.21 -13.77 -20.29
H081 V5H J . 23.02 -12.50 -18.85
H082 V5H J . 23.65 -13.52 -17.57
H091 V5H J . 25.32 -11.27 -18.53
H132 V5H J . 22.07 -10.33 -18.48
H131 V5H J . 21.87 -11.19 -16.96
H162 V5H J . 21.91 -8.55 -19.51
H161 V5H J . 21.06 -7.03 -19.38
H181 V5H J . 21.76 -5.58 -17.57
H182 V5H J . 23.50 -5.34 -17.34
H251 V5H J . 23.19 -0.46 -16.27
H252 V5H J . 22.52 -0.87 -14.66
H311 V5H J . 23.73 2.30 -13.75
H321 V5H J . 23.60 4.30 -13.29
H341 V5H J . 23.49 4.99 -11.25
H361 V5H J . 25.33 3.59 -9.57
H421 V5H J . 23.33 1.68 -9.98
H481 V5H J . 24.45 0.56 -12.06
H531 V5H J . 24.47 -4.11 -12.97
H532 V5H J . 24.86 -4.87 -14.53
H541 V5H J . 23.48 -6.83 -13.89
H542 V5H J . 23.14 -6.07 -12.32
H551 V5H J . 25.05 -6.89 -11.53
H552 V5H J . 25.93 -5.92 -12.74
H563 V5H J . 26.54 -8.23 -13.08
H562 V5H J . 25.47 -7.74 -14.42
H331 V5H J . 25.58 5.40 -13.35
H351 V5H J . 26.25 4.76 -11.22
H491 V5H J . 22.29 2.33 -11.83
C1 PCW K . 27.80 -4.31 -4.81
C2 PCW K . 27.22 -5.70 -5.01
C3 PCW K . 28.25 -6.48 -5.80
C4 PCW K . 23.05 -3.03 -3.79
C5 PCW K . 23.30 -1.66 -4.49
C6 PCW K . 22.67 -0.69 -2.33
C7 PCW K . 21.60 -0.12 -4.31
C8 PCW K . 23.77 0.54 -3.94
C11 PCW K . 28.75 -7.19 -7.96
C12 PCW K . 28.78 -7.06 -9.49
C13 PCW K . 30.20 -6.87 -10.03
C14 PCW K . 30.29 -7.01 -11.58
C15 PCW K . 29.89 -8.43 -12.08
C16 PCW K . 30.07 -8.58 -13.61
C17 PCW K . 31.30 -9.43 -13.99
C18 PCW K . 30.98 -10.97 -14.15
C19 PCW K . 30.17 -11.20 -15.44
C20 PCW K . 30.15 -12.41 -16.06
C21 PCW K . 30.92 -13.62 -15.51
C22 PCW K . 32.21 -13.81 -16.34
C23 PCW K . 33.52 -13.67 -15.52
C24 PCW K . 34.74 -14.30 -16.23
C25 PCW K . 35.71 -13.24 -16.82
C26 PCW K . 36.82 -13.86 -17.69
C27 PCW K . 36.75 -13.42 -19.16
C28 PCW K . 37.58 -14.34 -20.07
C31 PCW K . 25.95 -7.30 -3.68
C32 PCW K . 25.70 -8.29 -4.85
C33 PCW K . 26.57 -9.55 -4.74
C34 PCW K . 26.39 -10.51 -5.94
C35 PCW K . 25.79 -9.81 -7.19
C36 PCW K . 25.68 -10.75 -8.41
C37 PCW K . 24.33 -11.51 -8.49
C38 PCW K . 23.75 -11.93 -7.10
C39 PCW K . 22.30 -12.45 -7.33
C40 PCW K . 22.07 -13.72 -7.68
C41 PCW K . 23.22 -14.73 -7.87
C42 PCW K . 22.73 -15.82 -8.84
C43 PCW K . 23.88 -16.78 -9.21
C44 PCW K . 24.54 -17.39 -7.96
C45 PCW K . 25.32 -18.65 -8.32
C46 PCW K . 24.38 -19.86 -8.42
C47 PCW K . 25.10 -21.08 -9.01
C48 PCW K . 24.42 -22.37 -8.56
N PCW K . 22.83 -0.50 -3.76
O2 PCW K . 27.01 -6.34 -3.77
O3 PCW K . 28.05 -6.25 -7.17
O11 PCW K . 29.33 -8.09 -7.45
O31 PCW K . 25.28 -7.36 -2.70
O1P PCW K . 26.00 -4.45 -2.51
O2P PCW K . 25.58 -2.09 -2.91
O3P PCW K . 26.73 -3.38 -4.80
O4P PCW K . 24.12 -3.84 -4.16
P PCW K . 25.62 -3.45 -3.55
H11 PCW K . 28.34 -4.26 -3.87
H12 PCW K . 28.47 -4.07 -5.63
H2 PCW K . 26.29 -5.64 -5.56
H31 PCW K . 29.25 -6.15 -5.51
H32 PCW K . 28.14 -7.53 -5.57
H41 PCW K . 22.11 -3.45 -4.16
H42 PCW K . 23.03 -2.97 -2.72
H51 PCW K . 24.34 -1.53 -4.73
H52 PCW K . 22.74 -1.67 -5.42
H61 PCW K . 22.54 0.28 -1.86
H62 PCW K . 21.79 -1.30 -2.15
H63 PCW K . 23.54 -1.17 -1.92
H71 PCW K . 21.74 0.20 -5.34
H72 PCW K . 20.95 -0.99 -4.30
H73 PCW K . 21.16 0.68 -3.74
H81 PCW K . 23.34 1.48 -3.64
H82 PCW K . 24.64 0.34 -3.34
H83 PCW K . 24.06 0.58 -4.99
H121 PCW K . 28.36 -7.97 -9.92
H122 PCW K . 28.17 -6.22 -9.79
H131 PCW K . 30.87 -7.59 -9.58
H132 PCW K . 30.53 -5.87 -9.77
H141 PCW K . 29.62 -6.28 -12.03
H142 PCW K . 31.31 -6.80 -11.90
H151 PCW K . 30.51 -9.17 -11.59
H152 PCW K . 28.85 -8.61 -11.85
H161 PCW K . 29.17 -9.03 -14.04
H162 PCW K . 30.20 -7.59 -14.04
H171 PCW K . 31.71 -9.07 -14.93
H172 PCW K . 32.06 -9.32 -13.22
H181 PCW K . 30.40 -11.29 -13.30
H182 PCW K . 31.91 -11.52 -14.19
H19 PCW K . 29.61 -10.39 -15.87
H20 PCW K . 29.57 -12.52 -16.97
H211 PCW K . 31.19 -13.47 -14.47
H212 PCW K . 30.31 -14.51 -15.60
H221 PCW K . 32.18 -14.80 -16.80
H222 PCW K . 32.23 -13.06 -17.14
H231 PCW K . 33.70 -12.62 -15.34
H232 PCW K . 33.37 -14.17 -14.56
H241 PCW K . 34.38 -14.93 -17.04
H242 PCW K . 35.29 -14.92 -15.52
H251 PCW K . 35.13 -12.55 -17.43
H252 PCW K . 36.17 -12.69 -16.01
H261 PCW K . 36.72 -14.94 -17.65
H262 PCW K . 37.78 -13.58 -17.30
H271 PCW K . 37.13 -12.40 -19.24
H272 PCW K . 35.72 -13.45 -19.48
H281 PCW K . 38.63 -14.26 -19.80
H282 PCW K . 37.25 -15.36 -19.94
H283 PCW K . 37.45 -14.03 -21.11
H321 PCW K . 25.92 -7.77 -5.77
H322 PCW K . 24.65 -8.57 -4.85
H331 PCW K . 26.31 -10.08 -3.83
H332 PCW K . 27.62 -9.26 -4.68
H341 PCW K . 25.72 -11.31 -5.64
H342 PCW K . 27.35 -10.93 -6.20
H351 PCW K . 26.45 -8.98 -7.46
H352 PCW K . 24.82 -9.41 -6.97
H361 PCW K . 25.80 -10.17 -9.32
H362 PCW K . 26.48 -11.49 -8.35
H371 PCW K . 24.47 -12.39 -9.09
H372 PCW K . 23.61 -10.87 -8.97
H381 PCW K . 23.70 -11.09 -6.44
H382 PCW K . 24.36 -12.71 -6.66
H39 PCW K . 21.46 -11.77 -7.19
H40 PCW K . 21.05 -14.06 -7.82
H411 PCW K . 24.10 -14.24 -8.30
H412 PCW K . 23.47 -15.17 -6.92
H421 PCW K . 21.94 -16.39 -8.37
H422 PCW K . 22.35 -15.35 -9.75
H431 PCW K . 24.62 -16.23 -9.77
H432 PCW K . 23.48 -17.58 -9.82
H441 PCW K . 23.76 -17.64 -7.24
H442 PCW K . 25.21 -16.66 -7.52
H451 PCW K . 25.81 -18.51 -9.27
H452 PCW K . 26.06 -18.84 -7.56
H461 PCW K . 24.02 -20.11 -7.42
H462 PCW K . 23.53 -19.61 -9.04
H471 PCW K . 26.13 -21.08 -8.69
H472 PCW K . 25.06 -21.02 -10.09
H481 PCW K . 23.34 -22.29 -8.72
H482 PCW K . 24.62 -22.54 -7.52
H483 PCW K . 24.80 -23.21 -9.15
C11 V5H L . 14.49 -25.68 10.26
C14 V5H L . 14.26 -23.32 9.55
C15 V5H L . 15.33 -22.33 9.17
C24 V5H L . 14.95 -18.96 15.10
C23 V5H L . 16.15 -19.88 15.15
C20 V5H L . 17.95 -20.53 13.69
C19 V5H L . 17.92 -20.90 12.22
C17 V5H L . 16.69 -22.79 11.29
C01 V5H L . 13.15 -35.03 11.26
C02 V5H L . 13.11 -33.98 10.15
C03 V5H L . 14.50 -33.39 9.94
C04 V5H L . 14.59 -32.80 8.54
C05 V5H L . 15.56 -31.62 8.56
C06 V5H L . 14.77 -30.32 8.59
C07 V5H L . 15.70 -29.14 8.88
C08 V5H L . 14.89 -27.84 8.78
C09 V5H L . 14.67 -27.20 10.17
C13 V5H L . 14.63 -24.75 9.09
C16 V5H L . 16.69 -22.64 9.78
C18 V5H L . 16.53 -21.42 11.90
C25 V5H L . 15.19 -17.56 15.58
C31 V5H L . 13.97 -15.14 18.78
C32 V5H L . 14.16 -13.91 19.64
C34 V5H L . 12.88 -13.19 20.10
C36 V5H L . 11.46 -13.72 19.81
C42 V5H L . 11.34 -14.84 18.78
C48 V5H L . 12.64 -15.33 18.14
C51 V5H L . 13.33 -19.62 13.48
C53 V5H L . 12.66 -20.70 14.30
C54 V5H L . 11.69 -21.50 13.44
C55 V5H L . 11.07 -22.56 14.31
C56 V5H L . 11.46 -23.93 13.75
O21 V5H L . 18.76 -21.08 14.35
O22 V5H L . 17.06 -19.55 14.17
O26 V5H L . 14.73 -17.60 16.87
O28 V5H L . 16.82 -16.79 17.95
O29 V5H L . 16.02 -18.12 18.98
O30 V5H L . 14.58 -16.28 19.22
O33 V5H L . 15.01 -14.25 20.67
O35 V5H L . 13.08 -13.13 21.44
O37 V5H L . 10.77 -12.65 19.21
O39 V5H L . 8.78 -12.06 20.80
O40 V5H L . 8.04 -12.88 18.86
O41 V5H L . 8.80 -10.96 18.69
O43 V5H L . 10.52 -15.88 19.32
O45 V5H L . 8.24 -15.08 20.39
O46 V5H L . 8.38 -15.30 18.00
O47 V5H L . 7.90 -16.90 19.24
O49 V5H L . 12.92 -14.58 17.00
O50 V5H L . 14.41 -18.83 13.85
O52 V5H L . 12.93 -19.41 12.42
P27 V5H L . 15.53 -17.13 18.18
P38 V5H L . 9.17 -12.19 19.41
P44 V5H L . 8.83 -15.80 19.29
BR10 V5H L . 13.11 -27.99 11.03
BR12 V5H L . 12.65 -25.32 10.55
H111 V5H L . 15.06 -25.29 11.09
H142 V5H L . 13.34 -23.01 9.04
H141 V5H L . 14.13 -23.22 10.61
H151 V5H L . 15.42 -22.34 8.10
H152 V5H L . 15.01 -21.34 9.48
H241 V5H L . 14.21 -19.34 15.76
H231 V5H L . 15.82 -20.90 15.02
H232 V5H L . 16.61 -19.78 16.13
H192 V5H L . 18.70 -21.62 12.00
H191 V5H L . 18.09 -19.99 11.64
H171 V5H L . 15.89 -23.43 11.64
H172 V5H L . 17.63 -23.25 11.59
H012 V5H L . 12.32 -35.72 11.13
H011 V5H L . 13.07 -34.53 12.23
H013 V5H L . 14.09 -35.58 11.21
H021 V5H L . 12.79 -34.46 9.23
H022 V5H L . 12.42 -33.20 10.42
H032 V5H L . 14.67 -32.60 10.67
H031 V5H L . 15.26 -34.16 10.05
H042 V5H L . 14.94 -33.55 7.85
H041 V5H L . 13.61 -32.45 8.22
H052 V5H L . 16.20 -31.68 9.44
H051 V5H L . 16.17 -31.64 7.67
H062 V5H L . 14.28 -30.18 7.63
H061 V5H L . 14.01 -30.39 9.37
H071 V5H L . 16.12 -29.25 9.87
H072 V5H L . 16.49 -29.13 8.15
H081 V5H L . 15.43 -27.15 8.15
H082 V5H L . 13.93 -28.05 8.34
H091 V5H L . 15.52 -27.47 10.76
H132 V5H L . 15.63 -24.82 8.68
H131 V5H L . 13.92 -25.06 8.32
H162 V5H L . 17.09 -23.55 9.34
H161 V5H L . 17.35 -21.82 9.53
H181 V5H L . 16.04 -20.73 11.23
H182 V5H L . 15.95 -21.52 12.81
H251 V5H L . 16.24 -17.29 15.50
H252 V5H L . 14.56 -16.89 15.02
H311 V5H L . 14.59 -14.94 17.93
H321 V5H L . 14.69 -13.20 19.02
H341 V5H L . 12.92 -12.18 19.71
H361 V5H L . 10.99 -14.01 20.73
H421 V5H L . 10.78 -14.40 17.96
H481 V5H L . 12.51 -16.37 17.86
H531 V5H L . 12.11 -20.24 15.10
H532 V5H L . 13.41 -21.37 14.71
H541 V5H L . 12.22 -21.98 12.62
H542 V5H L . 10.91 -20.85 13.06
H551 V5H L . 9.99 -22.46 14.29
H552 V5H L . 11.43 -22.46 15.32
H563 V5H L . 11.16 -24.69 14.46
H562 V5H L . 12.53 -23.96 13.63
H331 V5H L . 15.12 -13.51 21.25
H351 V5H L . 12.91 -13.97 21.81
H491 V5H L . 12.71 -13.67 17.15
C1 PCW M . 4.31 -20.67 19.20
C2 PCW M . 4.11 -21.47 17.92
C3 PCW M . 4.69 -22.84 18.16
C4 PCW M . 3.54 -16.67 16.26
C5 PCW M . 4.59 -15.89 17.09
C6 PCW M . 2.76 -14.32 17.52
C7 PCW M . 4.79 -13.65 16.61
C8 PCW M . 4.68 -14.34 18.80
C11 PCW M . 6.59 -24.13 17.78
C12 PCW M . 8.09 -24.36 17.58
C13 PCW M . 8.71 -25.16 18.75
C14 PCW M . 10.17 -25.63 18.45
C15 PCW M . 10.25 -26.62 17.24
C16 PCW M . 11.68 -27.15 17.03
C17 PCW M . 11.85 -28.61 17.47
C18 PCW M . 11.57 -29.66 16.32
C19 PCW M . 12.72 -29.64 15.29
C20 PCW M . 12.98 -30.69 14.50
C21 PCW M . 12.16 -31.99 14.55
C22 PCW M . 12.94 -33.06 15.33
C23 PCW M . 12.22 -33.56 16.61
C24 PCW M . 12.78 -34.90 17.12
C25 PCW M . 13.67 -34.76 18.38
C26 PCW M . 14.37 -36.08 18.77
C27 PCW M . 15.89 -36.00 18.70
C28 PCW M . 16.55 -37.39 18.69
C31 PCW M . 2.35 -21.71 16.24
C32 PCW M . 3.20 -22.56 15.27
C33 PCW M . 2.78 -24.05 15.28
C34 PCW M . 3.66 -24.93 14.38
C35 PCW M . 5.04 -24.29 14.06
C36 PCW M . 5.95 -25.21 13.22
C37 PCW M . 5.78 -25.03 11.69
C38 PCW M . 4.30 -24.74 11.24
C39 PCW M . 4.33 -24.34 9.74
C40 PCW M . 4.31 -25.27 8.77
C41 PCW M . 4.26 -26.77 9.11
C42 PCW M . 4.88 -27.54 7.93
C43 PCW M . 5.00 -29.04 8.25
C44 PCW M . 3.66 -29.65 8.67
C45 PCW M . 3.69 -31.17 8.54
C46 PCW M . 3.41 -31.59 7.09
C47 PCW M . 3.69 -33.09 6.87
C48 PCW M . 2.87 -33.61 5.68
N PCW M . 4.19 -14.56 17.49
O2 PCW M . 2.73 -21.59 17.63
O3 PCW M . 6.06 -22.83 17.87
O11 PCW M . 5.86 -25.08 17.83
O31 PCW M . 1.38 -21.15 15.84
O1P PCW M . 2.01 -19.26 18.09
O2P PCW M . 3.03 -17.25 19.00
O3P PCW M . 4.52 -19.32 18.85
O4P PCW M . 3.70 -18.02 16.60
P PCW M . 3.28 -18.47 18.15
H11 PCW M . 3.44 -20.76 19.84
H12 PCW M . 5.19 -21.04 19.72
H2 PCW M . 4.63 -20.99 17.10
H31 PCW M . 4.54 -23.11 19.20
H32 PCW M . 4.17 -23.55 17.53
H41 PCW M . 3.75 -16.54 15.20
H42 PCW M . 2.52 -16.39 16.47
H51 PCW M . 4.89 -16.45 17.96
H52 PCW M . 5.47 -15.77 16.47
H61 PCW M . 2.57 -13.39 18.05
H62 PCW M . 2.39 -14.25 16.51
H63 PCW M . 2.27 -15.13 18.04
H71 PCW M . 5.87 -13.70 16.70
H72 PCW M . 4.52 -13.94 15.60
H73 PCW M . 4.45 -12.65 16.81
H81 PCW M . 4.63 -13.28 19.03
H82 PCW M . 4.08 -14.89 19.51
H83 PCW M . 5.71 -14.68 18.86
H121 PCW M . 8.25 -24.91 16.67
H122 PCW M . 8.59 -23.40 17.51
H131 PCW M . 8.10 -26.02 18.97
H132 PCW M . 8.74 -24.51 19.62
H141 PCW M . 10.77 -24.76 18.24
H142 PCW M . 10.56 -26.14 19.33
H151 PCW M . 9.59 -27.45 17.42
H152 PCW M . 9.94 -26.10 16.34
H161 PCW M . 11.93 -27.06 15.96
H162 PCW M . 12.37 -26.54 17.59
H171 PCW M . 12.86 -28.76 17.83
H172 PCW M . 11.16 -28.81 18.29
H181 PCW M . 10.65 -29.41 15.82
H182 PCW M . 11.49 -30.65 16.77
H19 PCW M . 13.34 -28.76 15.22
H20 PCW M . 13.81 -30.63 13.79
H211 PCW M . 11.20 -31.81 15.04
H212 PCW M . 11.98 -32.34 13.55
H221 PCW M . 13.10 -33.91 14.67
H222 PCW M . 13.91 -32.64 15.61
H231 PCW M . 12.36 -32.81 17.38
H232 PCW M . 11.17 -33.66 16.39
H241 PCW M . 13.37 -35.36 16.34
H242 PCW M . 11.95 -35.57 17.35
H251 PCW M . 14.41 -34.02 18.20
H252 PCW M . 13.05 -34.44 19.22
H261 PCW M . 14.03 -36.86 18.10
H262 PCW M . 14.09 -36.34 19.79
H271 PCW M . 16.27 -35.43 19.55
H272 PCW M . 16.17 -35.47 17.78
H281 PCW M . 16.34 -37.89 19.63
H282 PCW M . 16.14 -37.97 17.87
H283 PCW M . 17.61 -37.28 18.56
H321 PCW M . 4.24 -22.48 15.56
H322 PCW M . 3.09 -22.18 14.26
H331 PCW M . 1.75 -24.12 14.94
H332 PCW M . 2.83 -24.42 16.31
H341 PCW M . 3.13 -25.11 13.46
H342 PCW M . 3.83 -25.88 14.88
H351 PCW M . 5.54 -24.08 15.01
H352 PCW M . 4.90 -23.36 13.54
H361 PCW M . 6.98 -25.02 13.48
H362 PCW M . 5.71 -26.25 13.47
H371 PCW M . 6.12 -25.92 11.20
H372 PCW M . 6.39 -24.20 11.37
H381 PCW M . 3.90 -23.91 11.80
H382 PCW M . 3.69 -25.62 11.38
H39 PCW M . 4.36 -23.28 9.46
H40 PCW M . 4.33 -24.97 7.74
H411 PCW M . 4.83 -26.99 10.01
H412 PCW M . 3.23 -27.07 9.24
H421 PCW M . 4.25 -27.43 7.06
H422 PCW M . 5.86 -27.14 7.71
H431 PCW M . 5.72 -29.16 9.06
H432 PCW M . 5.37 -29.56 7.38
H441 PCW M . 2.88 -29.25 8.03
H442 PCW M . 3.45 -29.38 9.71
H451 PCW M . 4.66 -31.54 8.84
H452 PCW M . 2.92 -31.60 9.18
H461 PCW M . 2.39 -31.38 6.85
H462 PCW M . 4.07 -31.02 6.43
H471 PCW M . 3.39 -33.62 7.77
H472 PCW M . 4.74 -33.24 6.68
H481 PCW M . 3.01 -32.94 4.83
H482 PCW M . 1.82 -33.64 5.95
H483 PCW M . 3.22 -34.61 5.43
#